data_7WUN
# 
_entry.id   7WUN 
# 
_audit_conform.dict_name       mmcif_pdbx.dic 
_audit_conform.dict_version    5.387 
_audit_conform.dict_location   http://mmcif.pdb.org/dictionaries/ascii/mmcif_pdbx.dic 
# 
loop_
_database_2.database_id 
_database_2.database_code 
_database_2.pdbx_database_accession 
_database_2.pdbx_DOI 
PDB   7WUN         pdb_00007wun 10.2210/pdb7wun/pdb 
WWPDB D_1300027553 ?            ?                   
# 
loop_
_pdbx_audit_revision_history.ordinal 
_pdbx_audit_revision_history.data_content_type 
_pdbx_audit_revision_history.major_revision 
_pdbx_audit_revision_history.minor_revision 
_pdbx_audit_revision_history.revision_date 
1 'Structure model' 1 0 2023-02-08 
2 'Structure model' 1 1 2024-04-03 
# 
_pdbx_audit_revision_details.ordinal             1 
_pdbx_audit_revision_details.revision_ordinal    1 
_pdbx_audit_revision_details.data_content_type   'Structure model' 
_pdbx_audit_revision_details.provider            repository 
_pdbx_audit_revision_details.type                'Initial release' 
_pdbx_audit_revision_details.description         ? 
_pdbx_audit_revision_details.details             ? 
# 
loop_
_pdbx_audit_revision_group.ordinal 
_pdbx_audit_revision_group.revision_ordinal 
_pdbx_audit_revision_group.data_content_type 
_pdbx_audit_revision_group.group 
1 2 'Structure model' 'Data collection'        
2 2 'Structure model' 'Refinement description' 
# 
loop_
_pdbx_audit_revision_category.ordinal 
_pdbx_audit_revision_category.revision_ordinal 
_pdbx_audit_revision_category.data_content_type 
_pdbx_audit_revision_category.category 
1 2 'Structure model' chem_comp_atom                
2 2 'Structure model' chem_comp_bond                
3 2 'Structure model' pdbx_initial_refinement_model 
# 
_pdbx_database_status.status_code                     REL 
_pdbx_database_status.status_code_sf                  REL 
_pdbx_database_status.status_code_mr                  ? 
_pdbx_database_status.entry_id                        7WUN 
_pdbx_database_status.recvd_initial_deposition_date   2022-02-08 
_pdbx_database_status.SG_entry                        N 
_pdbx_database_status.deposit_site                    PDBJ 
_pdbx_database_status.process_site                    PDBJ 
_pdbx_database_status.status_code_cs                  ? 
_pdbx_database_status.status_code_nmr_data            ? 
_pdbx_database_status.methods_development_category    ? 
_pdbx_database_status.pdb_format_compatible           Y 
# 
_pdbx_database_related.db_name        PDB 
_pdbx_database_related.details        . 
_pdbx_database_related.db_id          7WUK 
_pdbx_database_related.content_type   unspecified 
# 
_pdbx_contact_author.id                 2 
_pdbx_contact_author.email              joeho@gate.sinica.edu.tw 
_pdbx_contact_author.name_first         Meng-Chiao 
_pdbx_contact_author.name_last          Ho 
_pdbx_contact_author.name_mi            ? 
_pdbx_contact_author.role               'principal investigator/group leader' 
_pdbx_contact_author.identifier_ORCID   0000-0002-5424-4524 
# 
loop_
_audit_author.name 
_audit_author.pdbx_ordinal 
_audit_author.identifier_ORCID 
'Ho, M.C.'  1 0000-0002-5424-4524 
'Cao, C.C.' 2 ?                   
# 
_citation.abstract                  ? 
_citation.abstract_id_CAS           ? 
_citation.book_id_ISBN              ? 
_citation.book_publisher            ? 
_citation.book_publisher_city       ? 
_citation.book_title                ? 
_citation.coordinate_linkage        ? 
_citation.country                   ? 
_citation.database_id_Medline       ? 
_citation.details                   ? 
_citation.id                        primary 
_citation.journal_abbrev            'To Be Published' 
_citation.journal_id_ASTM           ? 
_citation.journal_id_CSD            0353 
_citation.journal_id_ISSN           ? 
_citation.journal_full              ? 
_citation.journal_issue             ? 
_citation.journal_volume            ? 
_citation.language                  ? 
_citation.page_first                ? 
_citation.page_last                 ? 
_citation.title                     'Crystal structure of UBR box from PRT6' 
_citation.year                      ? 
_citation.database_id_CSD           ? 
_citation.pdbx_database_id_DOI      ? 
_citation.pdbx_database_id_PubMed   ? 
_citation.pdbx_database_id_patent   ? 
_citation.unpublished_flag          ? 
# 
loop_
_citation_author.citation_id 
_citation_author.name 
_citation_author.ordinal 
_citation_author.identifier_ORCID 
primary 'Ho, M.C.'  1 0000-0002-5424-4524 
primary 'Cao, J.J.' 2 ?                   
# 
loop_
_entity.id 
_entity.type 
_entity.src_method 
_entity.pdbx_description 
_entity.formula_weight 
_entity.pdbx_number_of_molecules 
_entity.pdbx_ec 
_entity.pdbx_mutation 
_entity.pdbx_fragment 
_entity.details 
1 polymer     syn '3-mer peptide'               319.339  1  ?        ? ? ? 
2 polymer     man 'E3 ubiquitin-protein ligase' 7919.854 1  2.3.2.27 ? ? ? 
3 non-polymer syn 'ZINC ION'                    65.409   3  ?        ? ? ? 
4 water       nat water                         18.015   85 ?        ? ? ? 
# 
_entity_name_com.entity_id   2 
_entity_name_com.name        PRT6 
# 
loop_
_entity_poly.entity_id 
_entity_poly.type 
_entity_poly.nstd_linkage 
_entity_poly.nstd_monomer 
_entity_poly.pdbx_seq_one_letter_code 
_entity_poly.pdbx_seq_one_letter_code_can 
_entity_poly.pdbx_strand_id 
_entity_poly.pdbx_target_identifier 
1 'polypeptide(L)' no no RSG                                                                      RSG X ? 
2 'polypeptide(L)' no no AVCGSVWGQNDLAYRCRTCEHDPTCAICVPCFQNGNHKDHDYSIMYTGGGCCDCGDTTAWKREGFCSRHKGA 
AVCGSVWGQNDLAYRCRTCEHDPTCAICVPCFQNGNHKDHDYSIMYTGGGCCDCGDTTAWKREGFCSRHKGA A ? 
# 
loop_
_pdbx_entity_nonpoly.entity_id 
_pdbx_entity_nonpoly.name 
_pdbx_entity_nonpoly.comp_id 
3 'ZINC ION' ZN  
4 water      HOH 
# 
loop_
_entity_poly_seq.entity_id 
_entity_poly_seq.num 
_entity_poly_seq.mon_id 
_entity_poly_seq.hetero 
1 1  ARG n 
1 2  SER n 
1 3  GLY n 
2 1  ALA n 
2 2  VAL n 
2 3  CYS n 
2 4  GLY n 
2 5  SER n 
2 6  VAL n 
2 7  TRP n 
2 8  GLY n 
2 9  GLN n 
2 10 ASN n 
2 11 ASP n 
2 12 LEU n 
2 13 ALA n 
2 14 TYR n 
2 15 ARG n 
2 16 CYS n 
2 17 ARG n 
2 18 THR n 
2 19 CYS n 
2 20 GLU n 
2 21 HIS n 
2 22 ASP n 
2 23 PRO n 
2 24 THR n 
2 25 CYS n 
2 26 ALA n 
2 27 ILE n 
2 28 CYS n 
2 29 VAL n 
2 30 PRO n 
2 31 CYS n 
2 32 PHE n 
2 33 GLN n 
2 34 ASN n 
2 35 GLY n 
2 36 ASN n 
2 37 HIS n 
2 38 LYS n 
2 39 ASP n 
2 40 HIS n 
2 41 ASP n 
2 42 TYR n 
2 43 SER n 
2 44 ILE n 
2 45 MET n 
2 46 TYR n 
2 47 THR n 
2 48 GLY n 
2 49 GLY n 
2 50 GLY n 
2 51 CYS n 
2 52 CYS n 
2 53 ASP n 
2 54 CYS n 
2 55 GLY n 
2 56 ASP n 
2 57 THR n 
2 58 THR n 
2 59 ALA n 
2 60 TRP n 
2 61 LYS n 
2 62 ARG n 
2 63 GLU n 
2 64 GLY n 
2 65 PHE n 
2 66 CYS n 
2 67 SER n 
2 68 ARG n 
2 69 HIS n 
2 70 LYS n 
2 71 GLY n 
2 72 ALA n 
# 
_entity_src_gen.entity_id                          2 
_entity_src_gen.pdbx_src_id                        1 
_entity_src_gen.pdbx_alt_source_flag               sample 
_entity_src_gen.pdbx_seq_type                      'Biological sequence' 
_entity_src_gen.pdbx_beg_seq_num                   1 
_entity_src_gen.pdbx_end_seq_num                   72 
_entity_src_gen.gene_src_common_name               rice 
_entity_src_gen.gene_src_genus                     ? 
_entity_src_gen.pdbx_gene_src_gene                 'Os01g0148000, OSNPB_010148000' 
_entity_src_gen.gene_src_species                   ? 
_entity_src_gen.gene_src_strain                    ? 
_entity_src_gen.gene_src_tissue                    ? 
_entity_src_gen.gene_src_tissue_fraction           ? 
_entity_src_gen.gene_src_details                   ? 
_entity_src_gen.pdbx_gene_src_fragment             ? 
_entity_src_gen.pdbx_gene_src_scientific_name      'Oryza sativa subsp. japonica' 
_entity_src_gen.pdbx_gene_src_ncbi_taxonomy_id     39947 
_entity_src_gen.pdbx_gene_src_variant              ? 
_entity_src_gen.pdbx_gene_src_cell_line            ? 
_entity_src_gen.pdbx_gene_src_atcc                 ? 
_entity_src_gen.pdbx_gene_src_organ                ? 
_entity_src_gen.pdbx_gene_src_organelle            ? 
_entity_src_gen.pdbx_gene_src_cell                 ? 
_entity_src_gen.pdbx_gene_src_cellular_location    ? 
_entity_src_gen.host_org_common_name               ? 
_entity_src_gen.pdbx_host_org_scientific_name      'Escherichia coli' 
_entity_src_gen.pdbx_host_org_ncbi_taxonomy_id     562 
_entity_src_gen.host_org_genus                     ? 
_entity_src_gen.pdbx_host_org_gene                 ? 
_entity_src_gen.pdbx_host_org_organ                ? 
_entity_src_gen.host_org_species                   ? 
_entity_src_gen.pdbx_host_org_tissue               ? 
_entity_src_gen.pdbx_host_org_tissue_fraction      ? 
_entity_src_gen.pdbx_host_org_strain               ? 
_entity_src_gen.pdbx_host_org_variant              ? 
_entity_src_gen.pdbx_host_org_cell_line            ? 
_entity_src_gen.pdbx_host_org_atcc                 ? 
_entity_src_gen.pdbx_host_org_culture_collection   ? 
_entity_src_gen.pdbx_host_org_cell                 ? 
_entity_src_gen.pdbx_host_org_organelle            ? 
_entity_src_gen.pdbx_host_org_cellular_location    ? 
_entity_src_gen.pdbx_host_org_vector_type          ? 
_entity_src_gen.pdbx_host_org_vector               ? 
_entity_src_gen.host_org_details                   ? 
_entity_src_gen.expression_system_id               ? 
_entity_src_gen.plasmid_name                       ? 
_entity_src_gen.plasmid_details                    ? 
_entity_src_gen.pdbx_description                   ? 
# 
_pdbx_entity_src_syn.entity_id              1 
_pdbx_entity_src_syn.pdbx_src_id            1 
_pdbx_entity_src_syn.pdbx_alt_source_flag   sample 
_pdbx_entity_src_syn.pdbx_beg_seq_num       1 
_pdbx_entity_src_syn.pdbx_end_seq_num       3 
_pdbx_entity_src_syn.organism_scientific    'Oryza sativa' 
_pdbx_entity_src_syn.organism_common_name   ? 
_pdbx_entity_src_syn.ncbi_taxonomy_id       4530 
_pdbx_entity_src_syn.details                ? 
# 
loop_
_chem_comp.id 
_chem_comp.type 
_chem_comp.mon_nstd_flag 
_chem_comp.name 
_chem_comp.pdbx_synonyms 
_chem_comp.formula 
_chem_comp.formula_weight 
ALA 'L-peptide linking' y ALANINE         ? 'C3 H7 N O2'     89.093  
ARG 'L-peptide linking' y ARGININE        ? 'C6 H15 N4 O2 1' 175.209 
ASN 'L-peptide linking' y ASPARAGINE      ? 'C4 H8 N2 O3'    132.118 
ASP 'L-peptide linking' y 'ASPARTIC ACID' ? 'C4 H7 N O4'     133.103 
CYS 'L-peptide linking' y CYSTEINE        ? 'C3 H7 N O2 S'   121.158 
GLN 'L-peptide linking' y GLUTAMINE       ? 'C5 H10 N2 O3'   146.144 
GLU 'L-peptide linking' y 'GLUTAMIC ACID' ? 'C5 H9 N O4'     147.129 
GLY 'peptide linking'   y GLYCINE         ? 'C2 H5 N O2'     75.067  
HIS 'L-peptide linking' y HISTIDINE       ? 'C6 H10 N3 O2 1' 156.162 
HOH non-polymer         . WATER           ? 'H2 O'           18.015  
ILE 'L-peptide linking' y ISOLEUCINE      ? 'C6 H13 N O2'    131.173 
LEU 'L-peptide linking' y LEUCINE         ? 'C6 H13 N O2'    131.173 
LYS 'L-peptide linking' y LYSINE          ? 'C6 H15 N2 O2 1' 147.195 
MET 'L-peptide linking' y METHIONINE      ? 'C5 H11 N O2 S'  149.211 
PHE 'L-peptide linking' y PHENYLALANINE   ? 'C9 H11 N O2'    165.189 
PRO 'L-peptide linking' y PROLINE         ? 'C5 H9 N O2'     115.130 
SER 'L-peptide linking' y SERINE          ? 'C3 H7 N O3'     105.093 
THR 'L-peptide linking' y THREONINE       ? 'C4 H9 N O3'     119.119 
TRP 'L-peptide linking' y TRYPTOPHAN      ? 'C11 H12 N2 O2'  204.225 
TYR 'L-peptide linking' y TYROSINE        ? 'C9 H11 N O3'    181.189 
VAL 'L-peptide linking' y VALINE          ? 'C5 H11 N O2'    117.146 
ZN  non-polymer         . 'ZINC ION'      ? 'Zn 2'           65.409  
# 
loop_
_pdbx_poly_seq_scheme.asym_id 
_pdbx_poly_seq_scheme.entity_id 
_pdbx_poly_seq_scheme.seq_id 
_pdbx_poly_seq_scheme.mon_id 
_pdbx_poly_seq_scheme.ndb_seq_num 
_pdbx_poly_seq_scheme.pdb_seq_num 
_pdbx_poly_seq_scheme.auth_seq_num 
_pdbx_poly_seq_scheme.pdb_mon_id 
_pdbx_poly_seq_scheme.auth_mon_id 
_pdbx_poly_seq_scheme.pdb_strand_id 
_pdbx_poly_seq_scheme.pdb_ins_code 
_pdbx_poly_seq_scheme.hetero 
A 1 1  ARG 1  1   1   ARG ARG X . n 
A 1 2  SER 2  2   2   SER SER X . n 
A 1 3  GLY 3  3   3   GLY GLY X . n 
B 2 1  ALA 1  120 120 ALA ALA A . n 
B 2 2  VAL 2  121 121 VAL VAL A . n 
B 2 3  CYS 3  122 122 CYS CYS A . n 
B 2 4  GLY 4  123 123 GLY GLY A . n 
B 2 5  SER 5  124 124 SER SER A . n 
B 2 6  VAL 6  125 125 VAL VAL A . n 
B 2 7  TRP 7  126 126 TRP TRP A . n 
B 2 8  GLY 8  127 127 GLY GLY A . n 
B 2 9  GLN 9  128 128 GLN GLN A . n 
B 2 10 ASN 10 129 129 ASN ASN A . n 
B 2 11 ASP 11 130 130 ASP ASP A . n 
B 2 12 LEU 12 131 131 LEU LEU A . n 
B 2 13 ALA 13 132 132 ALA ALA A . n 
B 2 14 TYR 14 133 133 TYR TYR A . n 
B 2 15 ARG 15 134 134 ARG ARG A . n 
B 2 16 CYS 16 135 135 CYS CYS A . n 
B 2 17 ARG 17 136 136 ARG ARG A . n 
B 2 18 THR 18 137 137 THR THR A . n 
B 2 19 CYS 19 138 138 CYS CYS A . n 
B 2 20 GLU 20 139 139 GLU GLU A . n 
B 2 21 HIS 21 140 140 HIS HIS A . n 
B 2 22 ASP 22 141 141 ASP ASP A . n 
B 2 23 PRO 23 142 142 PRO PRO A . n 
B 2 24 THR 24 143 143 THR THR A . n 
B 2 25 CYS 25 144 144 CYS CYS A . n 
B 2 26 ALA 26 145 145 ALA ALA A . n 
B 2 27 ILE 27 146 146 ILE ILE A . n 
B 2 28 CYS 28 147 147 CYS CYS A . n 
B 2 29 VAL 29 148 148 VAL VAL A . n 
B 2 30 PRO 30 149 149 PRO PRO A . n 
B 2 31 CYS 31 150 150 CYS CYS A . n 
B 2 32 PHE 32 151 151 PHE PHE A . n 
B 2 33 GLN 33 152 152 GLN GLN A . n 
B 2 34 ASN 34 153 153 ASN ASN A . n 
B 2 35 GLY 35 154 154 GLY GLY A . n 
B 2 36 ASN 36 155 155 ASN ASN A . n 
B 2 37 HIS 37 156 156 HIS HIS A . n 
B 2 38 LYS 38 157 157 LYS LYS A . n 
B 2 39 ASP 39 158 158 ASP ASP A . n 
B 2 40 HIS 40 159 159 HIS HIS A . n 
B 2 41 ASP 41 160 160 ASP ASP A . n 
B 2 42 TYR 42 161 161 TYR TYR A . n 
B 2 43 SER 43 162 162 SER SER A . n 
B 2 44 ILE 44 163 163 ILE ILE A . n 
B 2 45 MET 45 164 164 MET MET A . n 
B 2 46 TYR 46 165 165 TYR TYR A . n 
B 2 47 THR 47 166 166 THR THR A . n 
B 2 48 GLY 48 167 167 GLY GLY A . n 
B 2 49 GLY 49 168 168 GLY GLY A . n 
B 2 50 GLY 50 169 169 GLY GLY A . n 
B 2 51 CYS 51 170 170 CYS CYS A . n 
B 2 52 CYS 52 171 171 CYS CYS A . n 
B 2 53 ASP 53 172 172 ASP ASP A . n 
B 2 54 CYS 54 173 173 CYS CYS A . n 
B 2 55 GLY 55 174 174 GLY GLY A . n 
B 2 56 ASP 56 175 175 ASP ASP A . n 
B 2 57 THR 57 176 176 THR THR A . n 
B 2 58 THR 58 177 177 THR THR A . n 
B 2 59 ALA 59 178 178 ALA ALA A . n 
B 2 60 TRP 60 179 179 TRP TRP A . n 
B 2 61 LYS 61 180 180 LYS LYS A . n 
B 2 62 ARG 62 181 181 ARG ARG A . n 
B 2 63 GLU 63 182 182 GLU GLU A . n 
B 2 64 GLY 64 183 183 GLY GLY A . n 
B 2 65 PHE 65 184 184 PHE PHE A . n 
B 2 66 CYS 66 185 185 CYS CYS A . n 
B 2 67 SER 67 186 186 SER SER A . n 
B 2 68 ARG 68 187 187 ARG ARG A . n 
B 2 69 HIS 69 188 188 HIS HIS A . n 
B 2 70 LYS 70 189 189 LYS LYS A . n 
B 2 71 GLY 71 190 ?   ?   ?   A . n 
B 2 72 ALA 72 191 ?   ?   ?   A . n 
# 
loop_
_pdbx_nonpoly_scheme.asym_id 
_pdbx_nonpoly_scheme.entity_id 
_pdbx_nonpoly_scheme.mon_id 
_pdbx_nonpoly_scheme.ndb_seq_num 
_pdbx_nonpoly_scheme.pdb_seq_num 
_pdbx_nonpoly_scheme.auth_seq_num 
_pdbx_nonpoly_scheme.pdb_mon_id 
_pdbx_nonpoly_scheme.auth_mon_id 
_pdbx_nonpoly_scheme.pdb_strand_id 
_pdbx_nonpoly_scheme.pdb_ins_code 
C 3 ZN  1  201 1  ZN  ZN  A . 
D 3 ZN  1  202 2  ZN  ZN  A . 
E 3 ZN  1  203 3  ZN  ZN  A . 
F 4 HOH 1  101 60 HOH HOH X . 
F 4 HOH 2  102 46 HOH HOH X . 
F 4 HOH 3  103 22 HOH HOH X . 
F 4 HOH 4  104 81 HOH HOH X . 
F 4 HOH 5  105 80 HOH HOH X . 
F 4 HOH 6  106 79 HOH HOH X . 
G 4 HOH 1  301 43 HOH HOH A . 
G 4 HOH 2  302 73 HOH HOH A . 
G 4 HOH 3  303 39 HOH HOH A . 
G 4 HOH 4  304 11 HOH HOH A . 
G 4 HOH 5  305 84 HOH HOH A . 
G 4 HOH 6  306 20 HOH HOH A . 
G 4 HOH 7  307 53 HOH HOH A . 
G 4 HOH 8  308 35 HOH HOH A . 
G 4 HOH 9  309 29 HOH HOH A . 
G 4 HOH 10 310 58 HOH HOH A . 
G 4 HOH 11 311 19 HOH HOH A . 
G 4 HOH 12 312 21 HOH HOH A . 
G 4 HOH 13 313 3  HOH HOH A . 
G 4 HOH 14 314 37 HOH HOH A . 
G 4 HOH 15 315 1  HOH HOH A . 
G 4 HOH 16 316 14 HOH HOH A . 
G 4 HOH 17 317 28 HOH HOH A . 
G 4 HOH 18 318 45 HOH HOH A . 
G 4 HOH 19 319 12 HOH HOH A . 
G 4 HOH 20 320 40 HOH HOH A . 
G 4 HOH 21 321 23 HOH HOH A . 
G 4 HOH 22 322 27 HOH HOH A . 
G 4 HOH 23 323 13 HOH HOH A . 
G 4 HOH 24 324 32 HOH HOH A . 
G 4 HOH 25 325 9  HOH HOH A . 
G 4 HOH 26 326 6  HOH HOH A . 
G 4 HOH 27 327 86 HOH HOH A . 
G 4 HOH 28 328 93 HOH HOH A . 
G 4 HOH 29 329 4  HOH HOH A . 
G 4 HOH 30 330 44 HOH HOH A . 
G 4 HOH 31 331 57 HOH HOH A . 
G 4 HOH 32 332 72 HOH HOH A . 
G 4 HOH 33 333 18 HOH HOH A . 
G 4 HOH 34 334 38 HOH HOH A . 
G 4 HOH 35 335 92 HOH HOH A . 
G 4 HOH 36 336 75 HOH HOH A . 
G 4 HOH 37 337 88 HOH HOH A . 
G 4 HOH 38 338 42 HOH HOH A . 
G 4 HOH 39 339 36 HOH HOH A . 
G 4 HOH 40 340 2  HOH HOH A . 
G 4 HOH 41 341 5  HOH HOH A . 
G 4 HOH 42 342 76 HOH HOH A . 
G 4 HOH 43 343 34 HOH HOH A . 
G 4 HOH 44 344 66 HOH HOH A . 
G 4 HOH 45 345 7  HOH HOH A . 
G 4 HOH 46 346 24 HOH HOH A . 
G 4 HOH 47 347 90 HOH HOH A . 
G 4 HOH 48 348 71 HOH HOH A . 
G 4 HOH 49 349 8  HOH HOH A . 
G 4 HOH 50 350 74 HOH HOH A . 
G 4 HOH 51 351 56 HOH HOH A . 
G 4 HOH 52 352 63 HOH HOH A . 
G 4 HOH 53 353 26 HOH HOH A . 
G 4 HOH 54 354 10 HOH HOH A . 
G 4 HOH 55 355 49 HOH HOH A . 
G 4 HOH 56 356 77 HOH HOH A . 
G 4 HOH 57 357 59 HOH HOH A . 
G 4 HOH 58 358 17 HOH HOH A . 
G 4 HOH 59 359 15 HOH HOH A . 
G 4 HOH 60 360 16 HOH HOH A . 
G 4 HOH 61 361 61 HOH HOH A . 
G 4 HOH 62 362 78 HOH HOH A . 
G 4 HOH 63 363 41 HOH HOH A . 
G 4 HOH 64 364 30 HOH HOH A . 
G 4 HOH 65 365 31 HOH HOH A . 
G 4 HOH 66 366 82 HOH HOH A . 
G 4 HOH 67 367 54 HOH HOH A . 
G 4 HOH 68 368 33 HOH HOH A . 
G 4 HOH 69 369 89 HOH HOH A . 
G 4 HOH 70 370 67 HOH HOH A . 
G 4 HOH 71 371 25 HOH HOH A . 
G 4 HOH 72 372 69 HOH HOH A . 
G 4 HOH 73 373 47 HOH HOH A . 
G 4 HOH 74 374 91 HOH HOH A . 
G 4 HOH 75 375 70 HOH HOH A . 
G 4 HOH 76 376 64 HOH HOH A . 
G 4 HOH 77 377 55 HOH HOH A . 
G 4 HOH 78 378 62 HOH HOH A . 
G 4 HOH 79 379 65 HOH HOH A . 
# 
loop_
_software.citation_id 
_software.classification 
_software.compiler_name 
_software.compiler_version 
_software.contact_author 
_software.contact_author_email 
_software.date 
_software.description 
_software.dependencies 
_software.hardware 
_software.language 
_software.location 
_software.mods 
_software.name 
_software.os 
_software.os_version 
_software.type 
_software.version 
_software.pdbx_ordinal 
? refinement        ? ? ? ? ? ? ? ? ? ? ? PHENIX      ? ? ? 1.19.2_4158 1 
? 'data reduction'  ? ? ? ? ? ? ? ? ? ? ? HKL-2000    ? ? ? .           2 
? 'data scaling'    ? ? ? ? ? ? ? ? ? ? ? HKL-2000    ? ? ? .           3 
? 'data extraction' ? ? ? ? ? ? ? ? ? ? ? PDB_EXTRACT ? ? ? 3.27        4 
# 
_cell.angle_alpha                  90.000 
_cell.angle_alpha_esd              ? 
_cell.angle_beta                   90.000 
_cell.angle_beta_esd               ? 
_cell.angle_gamma                  120.000 
_cell.angle_gamma_esd              ? 
_cell.entry_id                     7WUN 
_cell.details                      ? 
_cell.formula_units_Z              ? 
_cell.length_a                     29.803 
_cell.length_a_esd                 ? 
_cell.length_b                     29.803 
_cell.length_b_esd                 ? 
_cell.length_c                     114.755 
_cell.length_c_esd                 ? 
_cell.volume                       ? 
_cell.volume_esd                   ? 
_cell.Z_PDB                        6 
_cell.reciprocal_angle_alpha       ? 
_cell.reciprocal_angle_beta        ? 
_cell.reciprocal_angle_gamma       ? 
_cell.reciprocal_angle_alpha_esd   ? 
_cell.reciprocal_angle_beta_esd    ? 
_cell.reciprocal_angle_gamma_esd   ? 
_cell.reciprocal_length_a          ? 
_cell.reciprocal_length_b          ? 
_cell.reciprocal_length_c          ? 
_cell.reciprocal_length_a_esd      ? 
_cell.reciprocal_length_b_esd      ? 
_cell.reciprocal_length_c_esd      ? 
_cell.pdbx_unique_axis             ? 
# 
_symmetry.entry_id                         7WUN 
_symmetry.cell_setting                     ? 
_symmetry.Int_Tables_number                154 
_symmetry.space_group_name_Hall            ? 
_symmetry.space_group_name_H-M             'P 32 2 1' 
_symmetry.pdbx_full_space_group_name_H-M   ? 
# 
_exptl.absorpt_coefficient_mu     ? 
_exptl.absorpt_correction_T_max   ? 
_exptl.absorpt_correction_T_min   ? 
_exptl.absorpt_correction_type    ? 
_exptl.absorpt_process_details    ? 
_exptl.entry_id                   7WUN 
_exptl.crystals_number            1 
_exptl.details                    ? 
_exptl.method                     'X-RAY DIFFRACTION' 
_exptl.method_details             ? 
# 
_exptl_crystal.colour                      ? 
_exptl_crystal.density_diffrn              ? 
_exptl_crystal.density_Matthews            1.79 
_exptl_crystal.density_method              ? 
_exptl_crystal.density_percent_sol         31.12 
_exptl_crystal.description                 ? 
_exptl_crystal.F_000                       ? 
_exptl_crystal.id                          1 
_exptl_crystal.preparation                 ? 
_exptl_crystal.size_max                    ? 
_exptl_crystal.size_mid                    ? 
_exptl_crystal.size_min                    ? 
_exptl_crystal.size_rad                    ? 
_exptl_crystal.colour_lustre               ? 
_exptl_crystal.colour_modifier             ? 
_exptl_crystal.colour_primary              ? 
_exptl_crystal.density_meas                ? 
_exptl_crystal.density_meas_esd            ? 
_exptl_crystal.density_meas_gt             ? 
_exptl_crystal.density_meas_lt             ? 
_exptl_crystal.density_meas_temp           ? 
_exptl_crystal.density_meas_temp_esd       ? 
_exptl_crystal.density_meas_temp_gt        ? 
_exptl_crystal.density_meas_temp_lt        ? 
_exptl_crystal.pdbx_crystal_image_url      ? 
_exptl_crystal.pdbx_crystal_image_format   ? 
_exptl_crystal.pdbx_mosaicity              ? 
_exptl_crystal.pdbx_mosaicity_esd          ? 
# 
_exptl_crystal_grow.apparatus       ? 
_exptl_crystal_grow.atmosphere      ? 
_exptl_crystal_grow.crystal_id      1 
_exptl_crystal_grow.details         ? 
_exptl_crystal_grow.method          'VAPOR DIFFUSION, SITTING DROP' 
_exptl_crystal_grow.method_ref      ? 
_exptl_crystal_grow.pH              7 
_exptl_crystal_grow.pressure        ? 
_exptl_crystal_grow.pressure_esd    ? 
_exptl_crystal_grow.seeding         ? 
_exptl_crystal_grow.seeding_ref     ? 
_exptl_crystal_grow.temp            293 
_exptl_crystal_grow.temp_details    ? 
_exptl_crystal_grow.temp_esd        ? 
_exptl_crystal_grow.time            ? 
_exptl_crystal_grow.pdbx_details    '1M sodium citrate, 200mM NaCl, 0.1M Tris' 
_exptl_crystal_grow.pdbx_pH_range   ? 
# 
_diffrn.ambient_environment              ? 
_diffrn.ambient_temp                     100 
_diffrn.ambient_temp_details             ? 
_diffrn.ambient_temp_esd                 ? 
_diffrn.crystal_id                       1 
_diffrn.crystal_support                  ? 
_diffrn.crystal_treatment                ? 
_diffrn.details                          ? 
_diffrn.id                               1 
_diffrn.ambient_pressure                 ? 
_diffrn.ambient_pressure_esd             ? 
_diffrn.ambient_pressure_gt              ? 
_diffrn.ambient_pressure_lt              ? 
_diffrn.ambient_temp_gt                  ? 
_diffrn.ambient_temp_lt                  ? 
_diffrn.pdbx_serial_crystal_experiment   N 
# 
_diffrn_detector.details                      ? 
_diffrn_detector.detector                     CCD 
_diffrn_detector.diffrn_id                    1 
_diffrn_detector.type                         'ADSC QUANTUM 315r' 
_diffrn_detector.area_resol_mean              ? 
_diffrn_detector.dtime                        ? 
_diffrn_detector.pdbx_frames_total            ? 
_diffrn_detector.pdbx_collection_time_total   ? 
_diffrn_detector.pdbx_collection_date         2021-08-17 
_diffrn_detector.pdbx_frequency               ? 
# 
_diffrn_radiation.collimation                      ? 
_diffrn_radiation.diffrn_id                        1 
_diffrn_radiation.filter_edge                      ? 
_diffrn_radiation.inhomogeneity                    ? 
_diffrn_radiation.monochromator                    ? 
_diffrn_radiation.polarisn_norm                    ? 
_diffrn_radiation.polarisn_ratio                   ? 
_diffrn_radiation.probe                            ? 
_diffrn_radiation.type                             ? 
_diffrn_radiation.xray_symbol                      ? 
_diffrn_radiation.wavelength_id                    1 
_diffrn_radiation.pdbx_monochromatic_or_laue_m_l   M 
_diffrn_radiation.pdbx_wavelength_list             ? 
_diffrn_radiation.pdbx_wavelength                  ? 
_diffrn_radiation.pdbx_diffrn_protocol             'SINGLE WAVELENGTH' 
_diffrn_radiation.pdbx_analyzer                    ? 
_diffrn_radiation.pdbx_scattering_type             x-ray 
# 
_diffrn_radiation_wavelength.id           1 
_diffrn_radiation_wavelength.wavelength   1 
_diffrn_radiation_wavelength.wt           1.0 
# 
_diffrn_source.current                     ? 
_diffrn_source.details                     ? 
_diffrn_source.diffrn_id                   1 
_diffrn_source.power                       ? 
_diffrn_source.size                        ? 
_diffrn_source.source                      SYNCHROTRON 
_diffrn_source.target                      ? 
_diffrn_source.type                        'NSRRC BEAMLINE BL13B1' 
_diffrn_source.voltage                     ? 
_diffrn_source.take-off_angle              ? 
_diffrn_source.pdbx_wavelength_list        1 
_diffrn_source.pdbx_wavelength             ? 
_diffrn_source.pdbx_synchrotron_beamline   BL13B1 
_diffrn_source.pdbx_synchrotron_site       NSRRC 
# 
_reflns.B_iso_Wilson_estimate                          12.180 
_reflns.entry_id                                       7WUN 
_reflns.data_reduction_details                         ? 
_reflns.data_reduction_method                          ? 
_reflns.d_resolution_high                              1.530 
_reflns.d_resolution_low                               50.000 
_reflns.details                                        ? 
_reflns.limit_h_max                                    ? 
_reflns.limit_h_min                                    ? 
_reflns.limit_k_max                                    ? 
_reflns.limit_k_min                                    ? 
_reflns.limit_l_max                                    ? 
_reflns.limit_l_min                                    ? 
_reflns.number_all                                     ? 
_reflns.number_obs                                     9542 
_reflns.observed_criterion                             ? 
_reflns.observed_criterion_F_max                       ? 
_reflns.observed_criterion_F_min                       ? 
_reflns.observed_criterion_I_max                       ? 
_reflns.observed_criterion_I_min                       ? 
_reflns.observed_criterion_sigma_F                     ? 
_reflns.observed_criterion_sigma_I                     ? 
_reflns.percent_possible_obs                           99.200 
_reflns.R_free_details                                 ? 
_reflns.Rmerge_F_all                                   ? 
_reflns.Rmerge_F_obs                                   ? 
_reflns.Friedel_coverage                               ? 
_reflns.number_gt                                      ? 
_reflns.threshold_expression                           ? 
_reflns.pdbx_redundancy                                8.600 
_reflns.pdbx_Rmerge_I_obs                              0.115 
_reflns.pdbx_Rmerge_I_all                              ? 
_reflns.pdbx_Rsym_value                                ? 
_reflns.pdbx_netI_over_av_sigmaI                       ? 
_reflns.pdbx_netI_over_sigmaI                          7.400 
_reflns.pdbx_res_netI_over_av_sigmaI_2                 ? 
_reflns.pdbx_res_netI_over_sigmaI_2                    ? 
_reflns.pdbx_chi_squared                               1.247 
_reflns.pdbx_scaling_rejects                           ? 
_reflns.pdbx_d_res_high_opt                            ? 
_reflns.pdbx_d_res_low_opt                             ? 
_reflns.pdbx_d_res_opt_method                          ? 
_reflns.phase_calculation_details                      ? 
_reflns.pdbx_Rrim_I_all                                0.123 
_reflns.pdbx_Rpim_I_all                                0.041 
_reflns.pdbx_d_opt                                     ? 
_reflns.pdbx_number_measured_all                       82066 
_reflns.pdbx_diffrn_id                                 1 
_reflns.pdbx_ordinal                                   1 
_reflns.pdbx_CC_half                                   ? 
_reflns.pdbx_CC_star                                   ? 
_reflns.pdbx_R_split                                   ? 
_reflns.pdbx_aniso_diffraction_limit_axis_1_ortho[1]   ? 
_reflns.pdbx_aniso_diffraction_limit_axis_1_ortho[2]   ? 
_reflns.pdbx_aniso_diffraction_limit_axis_1_ortho[3]   ? 
_reflns.pdbx_aniso_diffraction_limit_axis_2_ortho[1]   ? 
_reflns.pdbx_aniso_diffraction_limit_axis_2_ortho[2]   ? 
_reflns.pdbx_aniso_diffraction_limit_axis_2_ortho[3]   ? 
_reflns.pdbx_aniso_diffraction_limit_axis_3_ortho[1]   ? 
_reflns.pdbx_aniso_diffraction_limit_axis_3_ortho[2]   ? 
_reflns.pdbx_aniso_diffraction_limit_axis_3_ortho[3]   ? 
_reflns.pdbx_aniso_diffraction_limit_1                 ? 
_reflns.pdbx_aniso_diffraction_limit_2                 ? 
_reflns.pdbx_aniso_diffraction_limit_3                 ? 
_reflns.pdbx_aniso_B_tensor_eigenvector_1_ortho[1]     ? 
_reflns.pdbx_aniso_B_tensor_eigenvector_1_ortho[2]     ? 
_reflns.pdbx_aniso_B_tensor_eigenvector_1_ortho[3]     ? 
_reflns.pdbx_aniso_B_tensor_eigenvector_2_ortho[1]     ? 
_reflns.pdbx_aniso_B_tensor_eigenvector_2_ortho[2]     ? 
_reflns.pdbx_aniso_B_tensor_eigenvector_2_ortho[3]     ? 
_reflns.pdbx_aniso_B_tensor_eigenvector_3_ortho[1]     ? 
_reflns.pdbx_aniso_B_tensor_eigenvector_3_ortho[2]     ? 
_reflns.pdbx_aniso_B_tensor_eigenvector_3_ortho[3]     ? 
_reflns.pdbx_aniso_B_tensor_eigenvalue_1               ? 
_reflns.pdbx_aniso_B_tensor_eigenvalue_2               ? 
_reflns.pdbx_aniso_B_tensor_eigenvalue_3               ? 
_reflns.pdbx_orthogonalization_convention              ? 
_reflns.pdbx_percent_possible_ellipsoidal              ? 
_reflns.pdbx_percent_possible_spherical                ? 
_reflns.pdbx_percent_possible_ellipsoidal_anomalous    ? 
_reflns.pdbx_percent_possible_spherical_anomalous      ? 
_reflns.pdbx_redundancy_anomalous                      ? 
_reflns.pdbx_CC_half_anomalous                         ? 
_reflns.pdbx_absDiff_over_sigma_anomalous              ? 
_reflns.pdbx_percent_possible_anomalous                ? 
_reflns.pdbx_observed_signal_threshold                 ? 
_reflns.pdbx_signal_type                               ? 
_reflns.pdbx_signal_details                            ? 
_reflns.pdbx_signal_software_id                        ? 
# 
loop_
_reflns_shell.d_res_high 
_reflns_shell.d_res_low 
_reflns_shell.meanI_over_sigI_all 
_reflns_shell.meanI_over_sigI_obs 
_reflns_shell.number_measured_all 
_reflns_shell.number_measured_obs 
_reflns_shell.number_possible 
_reflns_shell.number_unique_all 
_reflns_shell.number_unique_obs 
_reflns_shell.percent_possible_all 
_reflns_shell.percent_possible_obs 
_reflns_shell.Rmerge_F_all 
_reflns_shell.Rmerge_F_obs 
_reflns_shell.Rmerge_I_all 
_reflns_shell.Rmerge_I_obs 
_reflns_shell.meanI_over_sigI_gt 
_reflns_shell.meanI_over_uI_all 
_reflns_shell.meanI_over_uI_gt 
_reflns_shell.number_measured_gt 
_reflns_shell.number_unique_gt 
_reflns_shell.percent_possible_gt 
_reflns_shell.Rmerge_F_gt 
_reflns_shell.Rmerge_I_gt 
_reflns_shell.pdbx_redundancy 
_reflns_shell.pdbx_Rsym_value 
_reflns_shell.pdbx_chi_squared 
_reflns_shell.pdbx_netI_over_sigmaI_all 
_reflns_shell.pdbx_netI_over_sigmaI_obs 
_reflns_shell.pdbx_Rrim_I_all 
_reflns_shell.pdbx_Rpim_I_all 
_reflns_shell.pdbx_rejects 
_reflns_shell.pdbx_ordinal 
_reflns_shell.pdbx_diffrn_id 
_reflns_shell.pdbx_CC_half 
_reflns_shell.pdbx_CC_star 
_reflns_shell.pdbx_R_split 
_reflns_shell.pdbx_percent_possible_ellipsoidal 
_reflns_shell.pdbx_percent_possible_spherical 
_reflns_shell.pdbx_percent_possible_ellipsoidal_anomalous 
_reflns_shell.pdbx_percent_possible_spherical_anomalous 
_reflns_shell.pdbx_redundancy_anomalous 
_reflns_shell.pdbx_CC_half_anomalous 
_reflns_shell.pdbx_absDiff_over_sigma_anomalous 
_reflns_shell.pdbx_percent_possible_anomalous 
1.530 1.560  ? ? ? ? ? ? 418 88.400  ? ? ? ? 0.519 ? ? ? ? ? ? ? ? 4.100  ? 0.458 ? ? 0.578 0.240 ? 1  1 0.834 ? ? ? ? ? ? ? ? ? ? 
1.560 1.580  ? ? ? ? ? ? 444 96.900  ? ? ? ? 0.563 ? ? ? ? ? ? ? ? 4.600  ? 0.500 ? ? 0.624 0.256 ? 2  1 0.837 ? ? ? ? ? ? ? ? ? ? 
1.580 1.620  ? ? ? ? ? ? 467 99.800  ? ? ? ? 0.500 ? ? ? ? ? ? ? ? 5.400  ? 0.553 ? ? 0.549 0.218 ? 3  1 0.939 ? ? ? ? ? ? ? ? ? ? 
1.620 1.650  ? ? ? ? ? ? 471 100.000 ? ? ? ? 0.553 ? ? ? ? ? ? ? ? 6.800  ? 0.563 ? ? 0.598 0.222 ? 4  1 0.910 ? ? ? ? ? ? ? ? ? ? 
1.650 1.680  ? ? ? ? ? ? 452 100.000 ? ? ? ? 0.411 ? ? ? ? ? ? ? ? 7.600  ? 0.602 ? ? 0.440 0.157 ? 5  1 0.978 ? ? ? ? ? ? ? ? ? ? 
1.680 1.720  ? ? ? ? ? ? 476 100.000 ? ? ? ? 0.429 ? ? ? ? ? ? ? ? 8.700  ? 0.635 ? ? 0.456 0.152 ? 6  1 0.958 ? ? ? ? ? ? ? ? ? ? 
1.720 1.770  ? ? ? ? ? ? 471 100.000 ? ? ? ? 0.405 ? ? ? ? ? ? ? ? 9.900  ? 0.623 ? ? 0.428 0.136 ? 7  1 0.970 ? ? ? ? ? ? ? ? ? ? 
1.770 1.810  ? ? ? ? ? ? 450 100.000 ? ? ? ? 0.374 ? ? ? ? ? ? ? ? 10.000 ? 0.638 ? ? 0.395 0.125 ? 8  1 0.970 ? ? ? ? ? ? ? ? ? ? 
1.810 1.870  ? ? ? ? ? ? 499 99.800  ? ? ? ? 0.293 ? ? ? ? ? ? ? ? 10.200 ? 0.755 ? ? 0.309 0.096 ? 9  1 0.981 ? ? ? ? ? ? ? ? ? ? 
1.870 1.930  ? ? ? ? ? ? 446 100.000 ? ? ? ? 0.276 ? ? ? ? ? ? ? ? 10.300 ? 0.807 ? ? 0.290 0.090 ? 10 1 0.976 ? ? ? ? ? ? ? ? ? ? 
1.930 2.000  ? ? ? ? ? ? 498 100.000 ? ? ? ? 0.222 ? ? ? ? ? ? ? ? 10.100 ? 0.946 ? ? 0.234 0.073 ? 11 1 0.988 ? ? ? ? ? ? ? ? ? ? 
2.000 2.080  ? ? ? ? ? ? 460 100.000 ? ? ? ? 0.180 ? ? ? ? ? ? ? ? 10.200 ? 1.021 ? ? 0.190 0.059 ? 12 1 0.989 ? ? ? ? ? ? ? ? ? ? 
2.080 2.170  ? ? ? ? ? ? 481 100.000 ? ? ? ? 0.152 ? ? ? ? ? ? ? ? 9.800  ? 1.091 ? ? 0.161 0.051 ? 13 1 0.990 ? ? ? ? ? ? ? ? ? ? 
2.170 2.290  ? ? ? ? ? ? 480 100.000 ? ? ? ? 0.128 ? ? ? ? ? ? ? ? 9.900  ? 1.299 ? ? 0.135 0.043 ? 14 1 0.995 ? ? ? ? ? ? ? ? ? ? 
2.290 2.430  ? ? ? ? ? ? 476 99.800  ? ? ? ? 0.119 ? ? ? ? ? ? ? ? 9.600  ? 1.425 ? ? 0.126 0.041 ? 15 1 0.995 ? ? ? ? ? ? ? ? ? ? 
2.430 2.620  ? ? ? ? ? ? 488 100.000 ? ? ? ? 0.106 ? ? ? ? ? ? ? ? 9.400  ? 1.622 ? ? 0.112 0.037 ? 16 1 0.997 ? ? ? ? ? ? ? ? ? ? 
2.620 2.880  ? ? ? ? ? ? 490 100.000 ? ? ? ? 0.097 ? ? ? ? ? ? ? ? 9.100  ? 2.040 ? ? 0.103 0.035 ? 17 1 0.996 ? ? ? ? ? ? ? ? ? ? 
2.880 3.300  ? ? ? ? ? ? 506 100.000 ? ? ? ? 0.075 ? ? ? ? ? ? ? ? 8.800  ? 2.461 ? ? 0.080 0.027 ? 18 1 0.998 ? ? ? ? ? ? ? ? ? ? 
3.300 4.150  ? ? ? ? ? ? 500 100.000 ? ? ? ? 0.053 ? ? ? ? ? ? ? ? 8.500  ? 2.614 ? ? 0.056 0.019 ? 19 1 0.998 ? ? ? ? ? ? ? ? ? ? 
4.150 50.000 ? ? ? ? ? ? 569 98.800  ? ? ? ? 0.052 ? ? ? ? ? ? ? ? 8.000  ? 2.821 ? ? 0.056 0.020 ? 20 1 0.999 ? ? ? ? ? ? ? ? ? ? 
# 
_refine.aniso_B[1][1]                            ? 
_refine.aniso_B[1][2]                            ? 
_refine.aniso_B[1][3]                            ? 
_refine.aniso_B[2][2]                            ? 
_refine.aniso_B[2][3]                            ? 
_refine.aniso_B[3][3]                            ? 
_refine.B_iso_max                                52.890 
_refine.B_iso_mean                               17.8143 
_refine.B_iso_min                                8.900 
_refine.correlation_coeff_Fo_to_Fc               ? 
_refine.correlation_coeff_Fo_to_Fc_free          ? 
_refine.details                                  ? 
_refine.diff_density_max                         ? 
_refine.diff_density_max_esd                     ? 
_refine.diff_density_min                         ? 
_refine.diff_density_min_esd                     ? 
_refine.diff_density_rms                         ? 
_refine.diff_density_rms_esd                     ? 
_refine.entry_id                                 7WUN 
_refine.pdbx_refine_id                           'X-RAY DIFFRACTION' 
_refine.ls_abs_structure_details                 ? 
_refine.ls_abs_structure_Flack                   ? 
_refine.ls_abs_structure_Flack_esd               ? 
_refine.ls_abs_structure_Rogers                  ? 
_refine.ls_abs_structure_Rogers_esd              ? 
_refine.ls_d_res_high                            1.5300 
_refine.ls_d_res_low                             23.5400 
_refine.ls_extinction_coef                       ? 
_refine.ls_extinction_coef_esd                   ? 
_refine.ls_extinction_expression                 ? 
_refine.ls_extinction_method                     ? 
_refine.ls_goodness_of_fit_all                   ? 
_refine.ls_goodness_of_fit_all_esd               ? 
_refine.ls_goodness_of_fit_obs                   ? 
_refine.ls_goodness_of_fit_obs_esd               ? 
_refine.ls_hydrogen_treatment                    ? 
_refine.ls_matrix_type                           ? 
_refine.ls_number_constraints                    ? 
_refine.ls_number_parameters                     ? 
_refine.ls_number_reflns_all                     ? 
_refine.ls_number_reflns_obs                     9482 
_refine.ls_number_reflns_R_free                  951 
_refine.ls_number_reflns_R_work                  8531 
_refine.ls_number_restraints                     ? 
_refine.ls_percent_reflns_obs                    98.9700 
_refine.ls_percent_reflns_R_free                 10.0300 
_refine.ls_R_factor_all                          ? 
_refine.ls_R_factor_obs                          0.1692 
_refine.ls_R_factor_R_free                       0.1861 
_refine.ls_R_factor_R_free_error                 ? 
_refine.ls_R_factor_R_free_error_details         ? 
_refine.ls_R_factor_R_work                       0.1673 
_refine.ls_R_Fsqd_factor_obs                     ? 
_refine.ls_R_I_factor_obs                        ? 
_refine.ls_redundancy_reflns_all                 ? 
_refine.ls_redundancy_reflns_obs                 ? 
_refine.ls_restrained_S_all                      ? 
_refine.ls_restrained_S_obs                      ? 
_refine.ls_shift_over_esd_max                    ? 
_refine.ls_shift_over_esd_mean                   ? 
_refine.ls_structure_factor_coef                 ? 
_refine.ls_weighting_details                     ? 
_refine.ls_weighting_scheme                      ? 
_refine.ls_wR_factor_all                         ? 
_refine.ls_wR_factor_obs                         ? 
_refine.ls_wR_factor_R_free                      ? 
_refine.ls_wR_factor_R_work                      ? 
_refine.occupancy_max                            ? 
_refine.occupancy_min                            ? 
_refine.solvent_model_details                    'FLAT BULK SOLVENT MODEL' 
_refine.solvent_model_param_bsol                 ? 
_refine.solvent_model_param_ksol                 ? 
_refine.pdbx_R_complete                          ? 
_refine.ls_R_factor_gt                           ? 
_refine.ls_goodness_of_fit_gt                    ? 
_refine.ls_goodness_of_fit_ref                   ? 
_refine.ls_shift_over_su_max                     ? 
_refine.ls_shift_over_su_max_lt                  ? 
_refine.ls_shift_over_su_mean                    ? 
_refine.ls_shift_over_su_mean_lt                 ? 
_refine.pdbx_ls_sigma_I                          ? 
_refine.pdbx_ls_sigma_F                          1.360 
_refine.pdbx_ls_sigma_Fsqd                       ? 
_refine.pdbx_data_cutoff_high_absF               ? 
_refine.pdbx_data_cutoff_high_rms_absF           ? 
_refine.pdbx_data_cutoff_low_absF                ? 
_refine.pdbx_isotropic_thermal_model             ? 
_refine.pdbx_ls_cross_valid_method               THROUGHOUT 
_refine.pdbx_method_to_determine_struct          'MOLECULAR REPLACEMENT' 
_refine.pdbx_starting_model                      D_1300027541 
_refine.pdbx_stereochemistry_target_values       ML 
_refine.pdbx_R_Free_selection_details            ? 
_refine.pdbx_stereochem_target_val_spec_case     ? 
_refine.pdbx_overall_ESU_R                       ? 
_refine.pdbx_overall_ESU_R_Free                  ? 
_refine.pdbx_solvent_vdw_probe_radii             1.1100 
_refine.pdbx_solvent_ion_probe_radii             ? 
_refine.pdbx_solvent_shrinkage_radii             0.9000 
_refine.pdbx_real_space_R                        ? 
_refine.pdbx_density_correlation                 ? 
_refine.pdbx_pd_number_of_powder_patterns        ? 
_refine.pdbx_pd_number_of_points                 ? 
_refine.pdbx_pd_meas_number_of_points            ? 
_refine.pdbx_pd_proc_ls_prof_R_factor            ? 
_refine.pdbx_pd_proc_ls_prof_wR_factor           ? 
_refine.pdbx_pd_Marquardt_correlation_coeff      ? 
_refine.pdbx_pd_Fsqrd_R_factor                   ? 
_refine.pdbx_pd_ls_matrix_band_width             ? 
_refine.pdbx_overall_phase_error                 18.2300 
_refine.pdbx_overall_SU_R_free_Cruickshank_DPI   ? 
_refine.pdbx_overall_SU_R_free_Blow_DPI          ? 
_refine.pdbx_overall_SU_R_Blow_DPI               ? 
_refine.pdbx_TLS_residual_ADP_flag               ? 
_refine.pdbx_diffrn_id                           1 
_refine.overall_SU_B                             ? 
_refine.overall_SU_ML                            0.1200 
_refine.overall_SU_R_Cruickshank_DPI             ? 
_refine.overall_SU_R_free                        ? 
_refine.overall_FOM_free_R_set                   ? 
_refine.overall_FOM_work_R_set                   ? 
_refine.pdbx_average_fsc_overall                 ? 
_refine.pdbx_average_fsc_work                    ? 
_refine.pdbx_average_fsc_free                    ? 
# 
_refine_hist.pdbx_refine_id                   'X-RAY DIFFRACTION' 
_refine_hist.cycle_id                         final 
_refine_hist.details                          ? 
_refine_hist.d_res_high                       1.5300 
_refine_hist.d_res_low                        23.5400 
_refine_hist.number_atoms_solvent             85 
_refine_hist.number_atoms_total               646 
_refine_hist.number_reflns_all                ? 
_refine_hist.number_reflns_obs                ? 
_refine_hist.number_reflns_R_free             ? 
_refine_hist.number_reflns_R_work             ? 
_refine_hist.R_factor_all                     ? 
_refine_hist.R_factor_obs                     ? 
_refine_hist.R_factor_R_free                  ? 
_refine_hist.R_factor_R_work                  ? 
_refine_hist.pdbx_number_residues_total       73 
_refine_hist.pdbx_B_iso_mean_ligand           12.97 
_refine_hist.pdbx_B_iso_mean_solvent          27.15 
_refine_hist.pdbx_number_atoms_protein        558 
_refine_hist.pdbx_number_atoms_nucleic_acid   0 
_refine_hist.pdbx_number_atoms_ligand         3 
_refine_hist.pdbx_number_atoms_lipid          ? 
_refine_hist.pdbx_number_atoms_carb           ? 
_refine_hist.pdbx_pseudo_atom_details         ? 
# 
loop_
_refine_ls_shell.pdbx_refine_id 
_refine_ls_shell.d_res_high 
_refine_ls_shell.d_res_low 
_refine_ls_shell.number_reflns_all 
_refine_ls_shell.number_reflns_obs 
_refine_ls_shell.number_reflns_R_free 
_refine_ls_shell.number_reflns_R_work 
_refine_ls_shell.percent_reflns_obs 
_refine_ls_shell.percent_reflns_R_free 
_refine_ls_shell.R_factor_all 
_refine_ls_shell.R_factor_obs 
_refine_ls_shell.R_factor_R_free 
_refine_ls_shell.R_factor_R_free_error 
_refine_ls_shell.R_factor_R_work 
_refine_ls_shell.redundancy_reflns_all 
_refine_ls_shell.redundancy_reflns_obs 
_refine_ls_shell.wR_factor_all 
_refine_ls_shell.wR_factor_obs 
_refine_ls_shell.wR_factor_R_free 
_refine_ls_shell.wR_factor_R_work 
_refine_ls_shell.pdbx_R_complete 
_refine_ls_shell.pdbx_total_number_of_bins_used 
_refine_ls_shell.pdbx_phase_error 
_refine_ls_shell.pdbx_fsc_work 
_refine_ls_shell.pdbx_fsc_free 
'X-RAY DIFFRACTION' 1.5300 1.6100  1247 . 125 1122 94.0000  . . . 0.2364 0.0000 0.2246 . . . . . . . 7 . . . 
'X-RAY DIFFRACTION' 1.6100 1.7100  1327 . 128 1199 99.0000  . . . 0.2154 0.0000 0.1711 . . . . . . . 7 . . . 
'X-RAY DIFFRACTION' 1.7100 1.8400  1343 . 134 1209 100.0000 . . . 0.1788 0.0000 0.1607 . . . . . . . 7 . . . 
'X-RAY DIFFRACTION' 1.8400 2.0300  1335 . 134 1201 100.0000 . . . 0.1913 0.0000 0.1454 . . . . . . . 7 . . . 
'X-RAY DIFFRACTION' 2.0300 2.3200  1366 . 138 1228 100.0000 . . . 0.1670 0.0000 0.1497 . . . . . . . 7 . . . 
'X-RAY DIFFRACTION' 2.3200 2.9200  1382 . 141 1241 100.0000 . . . 0.1955 0.0000 0.1786 . . . . . . . 7 . . . 
'X-RAY DIFFRACTION' 2.9300 23.5400 1482 . 151 1331 100.0000 . . . 0.1755 0.0000 0.1678 . . . . . . . 7 . . . 
# 
_struct.entry_id                     7WUN 
_struct.title                        'Crystal structure of UBR bof from PRT6 (RSG)' 
_struct.pdbx_model_details           ? 
_struct.pdbx_formula_weight          ? 
_struct.pdbx_formula_weight_method   ? 
_struct.pdbx_model_type_details      ? 
_struct.pdbx_CASP_flag               N 
# 
_struct_keywords.entry_id        7WUN 
_struct_keywords.text            'E3 ligase UBR Box PRT6, LIGASE' 
_struct_keywords.pdbx_keywords   LIGASE 
# 
loop_
_struct_asym.id 
_struct_asym.pdbx_blank_PDB_chainid_flag 
_struct_asym.pdbx_modified 
_struct_asym.entity_id 
_struct_asym.details 
A N N 1 ? 
B N N 2 ? 
C N N 3 ? 
D N N 3 ? 
E N N 3 ? 
F N N 4 ? 
G N N 4 ? 
# 
loop_
_struct_ref.id 
_struct_ref.db_name 
_struct_ref.db_code 
_struct_ref.pdbx_db_accession 
_struct_ref.pdbx_db_isoform 
_struct_ref.entity_id 
_struct_ref.pdbx_seq_one_letter_code 
_struct_ref.pdbx_align_begin 
1 PDB 7WUN             7WUN       ? 1 ?                                                                        1   
2 UNP A0A0P0UY23_ORYSJ A0A0P0UY23 ? 2 AVCGSVWGQNDLAYRCRTCEHDPTCAICVPCFQNGNHKDHDYSIMYTGGGCCDCGDTTAWKREGFCSRHKGA 120 
# 
loop_
_struct_ref_seq.align_id 
_struct_ref_seq.ref_id 
_struct_ref_seq.pdbx_PDB_id_code 
_struct_ref_seq.pdbx_strand_id 
_struct_ref_seq.seq_align_beg 
_struct_ref_seq.pdbx_seq_align_beg_ins_code 
_struct_ref_seq.seq_align_end 
_struct_ref_seq.pdbx_seq_align_end_ins_code 
_struct_ref_seq.pdbx_db_accession 
_struct_ref_seq.db_align_beg 
_struct_ref_seq.pdbx_db_align_beg_ins_code 
_struct_ref_seq.db_align_end 
_struct_ref_seq.pdbx_db_align_end_ins_code 
_struct_ref_seq.pdbx_auth_seq_align_beg 
_struct_ref_seq.pdbx_auth_seq_align_end 
1 1 7WUN X 1 ? 3  ? 7WUN       1   ? 3   ? 1   3   
2 2 7WUN A 1 ? 72 ? A0A0P0UY23 120 ? 191 ? 120 191 
# 
_pdbx_struct_assembly.id                   1 
_pdbx_struct_assembly.details              author_and_software_defined_assembly 
_pdbx_struct_assembly.method_details       PISA 
_pdbx_struct_assembly.oligomeric_details   dimeric 
_pdbx_struct_assembly.oligomeric_count     2 
# 
loop_
_pdbx_struct_assembly_prop.biol_id 
_pdbx_struct_assembly_prop.type 
_pdbx_struct_assembly_prop.value 
_pdbx_struct_assembly_prop.details 
1 'ABSA (A^2)' 530  ? 
1 MORE         1    ? 
1 'SSA (A^2)'  4240 ? 
# 
_pdbx_struct_assembly_gen.assembly_id       1 
_pdbx_struct_assembly_gen.oper_expression   1 
_pdbx_struct_assembly_gen.asym_id_list      A,B,C,D,E,F,G 
# 
_pdbx_struct_assembly_auth_evidence.id                     1 
_pdbx_struct_assembly_auth_evidence.assembly_id            1 
_pdbx_struct_assembly_auth_evidence.experimental_support   'gel filtration' 
_pdbx_struct_assembly_auth_evidence.details                ? 
# 
_pdbx_struct_oper_list.id                   1 
_pdbx_struct_oper_list.type                 'identity operation' 
_pdbx_struct_oper_list.name                 1_555 
_pdbx_struct_oper_list.symmetry_operation   x,y,z 
_pdbx_struct_oper_list.matrix[1][1]         1.0000000000 
_pdbx_struct_oper_list.matrix[1][2]         0.0000000000 
_pdbx_struct_oper_list.matrix[1][3]         0.0000000000 
_pdbx_struct_oper_list.vector[1]            0.0000000000 
_pdbx_struct_oper_list.matrix[2][1]         0.0000000000 
_pdbx_struct_oper_list.matrix[2][2]         1.0000000000 
_pdbx_struct_oper_list.matrix[2][3]         0.0000000000 
_pdbx_struct_oper_list.vector[2]            0.0000000000 
_pdbx_struct_oper_list.matrix[3][1]         0.0000000000 
_pdbx_struct_oper_list.matrix[3][2]         0.0000000000 
_pdbx_struct_oper_list.matrix[3][3]         1.0000000000 
_pdbx_struct_oper_list.vector[3]            0.0000000000 
# 
loop_
_struct_conf.conf_type_id 
_struct_conf.id 
_struct_conf.pdbx_PDB_helix_id 
_struct_conf.beg_label_comp_id 
_struct_conf.beg_label_asym_id 
_struct_conf.beg_label_seq_id 
_struct_conf.pdbx_beg_PDB_ins_code 
_struct_conf.end_label_comp_id 
_struct_conf.end_label_asym_id 
_struct_conf.end_label_seq_id 
_struct_conf.pdbx_end_PDB_ins_code 
_struct_conf.beg_auth_comp_id 
_struct_conf.beg_auth_asym_id 
_struct_conf.beg_auth_seq_id 
_struct_conf.end_auth_comp_id 
_struct_conf.end_auth_asym_id 
_struct_conf.end_auth_seq_id 
_struct_conf.pdbx_PDB_helix_class 
_struct_conf.details 
_struct_conf.pdbx_PDB_helix_length 
HELX_P HELX_P1 AA1 CYS B 28 ? ASN B 34 ? CYS A 147 ASN A 153 1 ? 7 
HELX_P HELX_P2 AA2 LYS B 61 ? PHE B 65 ? LYS A 180 PHE A 184 5 ? 5 
# 
_struct_conf_type.id          HELX_P 
_struct_conf_type.criteria    ? 
_struct_conf_type.reference   ? 
# 
loop_
_struct_conn.id 
_struct_conn.conn_type_id 
_struct_conn.pdbx_leaving_atom_flag 
_struct_conn.pdbx_PDB_id 
_struct_conn.ptnr1_label_asym_id 
_struct_conn.ptnr1_label_comp_id 
_struct_conn.ptnr1_label_seq_id 
_struct_conn.ptnr1_label_atom_id 
_struct_conn.pdbx_ptnr1_label_alt_id 
_struct_conn.pdbx_ptnr1_PDB_ins_code 
_struct_conn.pdbx_ptnr1_standard_comp_id 
_struct_conn.ptnr1_symmetry 
_struct_conn.ptnr2_label_asym_id 
_struct_conn.ptnr2_label_comp_id 
_struct_conn.ptnr2_label_seq_id 
_struct_conn.ptnr2_label_atom_id 
_struct_conn.pdbx_ptnr2_label_alt_id 
_struct_conn.pdbx_ptnr2_PDB_ins_code 
_struct_conn.ptnr1_auth_asym_id 
_struct_conn.ptnr1_auth_comp_id 
_struct_conn.ptnr1_auth_seq_id 
_struct_conn.ptnr2_auth_asym_id 
_struct_conn.ptnr2_auth_comp_id 
_struct_conn.ptnr2_auth_seq_id 
_struct_conn.ptnr2_symmetry 
_struct_conn.pdbx_ptnr3_label_atom_id 
_struct_conn.pdbx_ptnr3_label_seq_id 
_struct_conn.pdbx_ptnr3_label_comp_id 
_struct_conn.pdbx_ptnr3_label_asym_id 
_struct_conn.pdbx_ptnr3_label_alt_id 
_struct_conn.pdbx_ptnr3_PDB_ins_code 
_struct_conn.details 
_struct_conn.pdbx_dist_value 
_struct_conn.pdbx_value_order 
_struct_conn.pdbx_role 
metalc1  metalc ? ? B CYS 3  SG  ? ? ? 1_555 D ZN . ZN ? ? A CYS 122 A ZN 202 1_555 ? ? ? ? ? ? ? 2.292 ? ? 
metalc2  metalc ? ? B CYS 16 SG  ? ? ? 1_555 E ZN . ZN ? ? A CYS 135 A ZN 203 1_555 ? ? ? ? ? ? ? 2.274 ? ? 
metalc3  metalc ? ? B CYS 19 SG  ? ? ? 1_555 E ZN . ZN ? ? A CYS 138 A ZN 203 1_555 ? ? ? ? ? ? ? 2.324 ? ? 
metalc4  metalc ? ? B CYS 28 SG  ? ? ? 1_555 D ZN . ZN ? ? A CYS 147 A ZN 202 1_555 ? ? ? ? ? ? ? 2.342 ? ? 
metalc5  metalc ? ? B CYS 31 SG  ? ? ? 1_555 C ZN . ZN ? ? A CYS 150 A ZN 201 1_555 ? ? ? ? ? ? ? 2.385 ? ? 
metalc6  metalc ? ? B CYS 31 SG  ? ? ? 1_555 D ZN . ZN ? ? A CYS 150 A ZN 202 1_555 ? ? ? ? ? ? ? 2.376 ? ? 
metalc7  metalc ? ? B HIS 37 ND1 ? ? ? 1_555 E ZN . ZN ? ? A HIS 156 A ZN 203 1_555 ? ? ? ? ? ? ? 2.084 ? ? 
metalc8  metalc ? ? B HIS 40 ND1 ? ? ? 1_555 E ZN . ZN ? ? A HIS 159 A ZN 203 1_555 ? ? ? ? ? ? ? 2.083 ? ? 
metalc9  metalc ? ? B CYS 52 SG  ? ? ? 1_555 D ZN . ZN ? ? A CYS 171 A ZN 202 1_555 ? ? ? ? ? ? ? 2.315 ? ? 
metalc10 metalc ? ? B CYS 54 SG  ? ? ? 1_555 C ZN . ZN ? ? A CYS 173 A ZN 201 1_555 ? ? ? ? ? ? ? 2.310 ? ? 
metalc11 metalc ? ? B CYS 66 SG  ? ? ? 1_555 C ZN . ZN ? ? A CYS 185 A ZN 201 1_555 ? ? ? ? ? ? ? 2.315 ? ? 
metalc12 metalc ? ? B HIS 69 ND1 ? ? ? 1_555 C ZN . ZN ? ? A HIS 188 A ZN 201 1_555 ? ? ? ? ? ? ? 2.058 ? ? 
# 
_struct_conn_type.id          metalc 
_struct_conn_type.criteria    ? 
_struct_conn_type.reference   ? 
# 
loop_
_pdbx_struct_conn_angle.id 
_pdbx_struct_conn_angle.ptnr1_label_atom_id 
_pdbx_struct_conn_angle.ptnr1_label_alt_id 
_pdbx_struct_conn_angle.ptnr1_label_asym_id 
_pdbx_struct_conn_angle.ptnr1_label_comp_id 
_pdbx_struct_conn_angle.ptnr1_label_seq_id 
_pdbx_struct_conn_angle.ptnr1_auth_atom_id 
_pdbx_struct_conn_angle.ptnr1_auth_asym_id 
_pdbx_struct_conn_angle.ptnr1_auth_comp_id 
_pdbx_struct_conn_angle.ptnr1_auth_seq_id 
_pdbx_struct_conn_angle.ptnr1_PDB_ins_code 
_pdbx_struct_conn_angle.ptnr1_symmetry 
_pdbx_struct_conn_angle.ptnr2_label_atom_id 
_pdbx_struct_conn_angle.ptnr2_label_alt_id 
_pdbx_struct_conn_angle.ptnr2_label_asym_id 
_pdbx_struct_conn_angle.ptnr2_label_comp_id 
_pdbx_struct_conn_angle.ptnr2_label_seq_id 
_pdbx_struct_conn_angle.ptnr2_auth_atom_id 
_pdbx_struct_conn_angle.ptnr2_auth_asym_id 
_pdbx_struct_conn_angle.ptnr2_auth_comp_id 
_pdbx_struct_conn_angle.ptnr2_auth_seq_id 
_pdbx_struct_conn_angle.ptnr2_PDB_ins_code 
_pdbx_struct_conn_angle.ptnr2_symmetry 
_pdbx_struct_conn_angle.ptnr3_label_atom_id 
_pdbx_struct_conn_angle.ptnr3_label_alt_id 
_pdbx_struct_conn_angle.ptnr3_label_asym_id 
_pdbx_struct_conn_angle.ptnr3_label_comp_id 
_pdbx_struct_conn_angle.ptnr3_label_seq_id 
_pdbx_struct_conn_angle.ptnr3_auth_atom_id 
_pdbx_struct_conn_angle.ptnr3_auth_asym_id 
_pdbx_struct_conn_angle.ptnr3_auth_comp_id 
_pdbx_struct_conn_angle.ptnr3_auth_seq_id 
_pdbx_struct_conn_angle.ptnr3_PDB_ins_code 
_pdbx_struct_conn_angle.ptnr3_symmetry 
_pdbx_struct_conn_angle.value 
_pdbx_struct_conn_angle.value_esd 
1  SG  ? B CYS 3  ? A CYS 122 ? 1_555 ZN ? D ZN . ? A ZN 202 ? 1_555 SG  ? B CYS 28 ? A CYS 147 ? 1_555 119.5 ? 
2  SG  ? B CYS 3  ? A CYS 122 ? 1_555 ZN ? D ZN . ? A ZN 202 ? 1_555 SG  ? B CYS 31 ? A CYS 150 ? 1_555 105.3 ? 
3  SG  ? B CYS 28 ? A CYS 147 ? 1_555 ZN ? D ZN . ? A ZN 202 ? 1_555 SG  ? B CYS 31 ? A CYS 150 ? 1_555 95.3  ? 
4  SG  ? B CYS 3  ? A CYS 122 ? 1_555 ZN ? D ZN . ? A ZN 202 ? 1_555 SG  ? B CYS 52 ? A CYS 171 ? 1_555 108.4 ? 
5  SG  ? B CYS 28 ? A CYS 147 ? 1_555 ZN ? D ZN . ? A ZN 202 ? 1_555 SG  ? B CYS 52 ? A CYS 171 ? 1_555 114.8 ? 
6  SG  ? B CYS 31 ? A CYS 150 ? 1_555 ZN ? D ZN . ? A ZN 202 ? 1_555 SG  ? B CYS 52 ? A CYS 171 ? 1_555 112.4 ? 
7  SG  ? B CYS 16 ? A CYS 135 ? 1_555 ZN ? E ZN . ? A ZN 203 ? 1_555 SG  ? B CYS 19 ? A CYS 138 ? 1_555 117.7 ? 
8  SG  ? B CYS 16 ? A CYS 135 ? 1_555 ZN ? E ZN . ? A ZN 203 ? 1_555 ND1 ? B HIS 37 ? A HIS 156 ? 1_555 117.5 ? 
9  SG  ? B CYS 19 ? A CYS 138 ? 1_555 ZN ? E ZN . ? A ZN 203 ? 1_555 ND1 ? B HIS 37 ? A HIS 156 ? 1_555 103.7 ? 
10 SG  ? B CYS 16 ? A CYS 135 ? 1_555 ZN ? E ZN . ? A ZN 203 ? 1_555 ND1 ? B HIS 40 ? A HIS 159 ? 1_555 112.2 ? 
11 SG  ? B CYS 19 ? A CYS 138 ? 1_555 ZN ? E ZN . ? A ZN 203 ? 1_555 ND1 ? B HIS 40 ? A HIS 159 ? 1_555 103.7 ? 
12 ND1 ? B HIS 37 ? A HIS 156 ? 1_555 ZN ? E ZN . ? A ZN 203 ? 1_555 ND1 ? B HIS 40 ? A HIS 159 ? 1_555 99.8  ? 
13 SG  ? B CYS 31 ? A CYS 150 ? 1_555 ZN ? C ZN . ? A ZN 201 ? 1_555 SG  ? B CYS 54 ? A CYS 173 ? 1_555 107.8 ? 
14 SG  ? B CYS 31 ? A CYS 150 ? 1_555 ZN ? C ZN . ? A ZN 201 ? 1_555 SG  ? B CYS 66 ? A CYS 185 ? 1_555 112.7 ? 
15 SG  ? B CYS 54 ? A CYS 173 ? 1_555 ZN ? C ZN . ? A ZN 201 ? 1_555 SG  ? B CYS 66 ? A CYS 185 ? 1_555 113.3 ? 
16 SG  ? B CYS 31 ? A CYS 150 ? 1_555 ZN ? C ZN . ? A ZN 201 ? 1_555 ND1 ? B HIS 69 ? A HIS 188 ? 1_555 105.2 ? 
17 SG  ? B CYS 54 ? A CYS 173 ? 1_555 ZN ? C ZN . ? A ZN 201 ? 1_555 ND1 ? B HIS 69 ? A HIS 188 ? 1_555 116.7 ? 
18 SG  ? B CYS 66 ? A CYS 185 ? 1_555 ZN ? C ZN . ? A ZN 201 ? 1_555 ND1 ? B HIS 69 ? A HIS 188 ? 1_555 100.9 ? 
# 
loop_
_struct_sheet.id 
_struct_sheet.type 
_struct_sheet.number_strands 
_struct_sheet.details 
AA1 ? 2 ? 
AA2 ? 2 ? 
# 
loop_
_struct_sheet_order.sheet_id 
_struct_sheet_order.range_id_1 
_struct_sheet_order.range_id_2 
_struct_sheet_order.offset 
_struct_sheet_order.sense 
AA1 1 2 ? anti-parallel 
AA2 1 2 ? anti-parallel 
# 
loop_
_struct_sheet_range.sheet_id 
_struct_sheet_range.id 
_struct_sheet_range.beg_label_comp_id 
_struct_sheet_range.beg_label_asym_id 
_struct_sheet_range.beg_label_seq_id 
_struct_sheet_range.pdbx_beg_PDB_ins_code 
_struct_sheet_range.end_label_comp_id 
_struct_sheet_range.end_label_asym_id 
_struct_sheet_range.end_label_seq_id 
_struct_sheet_range.pdbx_end_PDB_ins_code 
_struct_sheet_range.beg_auth_comp_id 
_struct_sheet_range.beg_auth_asym_id 
_struct_sheet_range.beg_auth_seq_id 
_struct_sheet_range.end_auth_comp_id 
_struct_sheet_range.end_auth_asym_id 
_struct_sheet_range.end_auth_seq_id 
AA1 1 VAL B 6  ? TRP B 7  ? VAL A 125 TRP A 126 
AA1 2 GLY B 50 ? CYS B 51 ? GLY A 169 CYS A 170 
AA2 1 ALA B 13 ? CYS B 16 ? ALA A 132 CYS A 135 
AA2 2 TYR B 42 ? MET B 45 ? TYR A 161 MET A 164 
# 
loop_
_pdbx_struct_sheet_hbond.sheet_id 
_pdbx_struct_sheet_hbond.range_id_1 
_pdbx_struct_sheet_hbond.range_id_2 
_pdbx_struct_sheet_hbond.range_1_label_atom_id 
_pdbx_struct_sheet_hbond.range_1_label_comp_id 
_pdbx_struct_sheet_hbond.range_1_label_asym_id 
_pdbx_struct_sheet_hbond.range_1_label_seq_id 
_pdbx_struct_sheet_hbond.range_1_PDB_ins_code 
_pdbx_struct_sheet_hbond.range_1_auth_atom_id 
_pdbx_struct_sheet_hbond.range_1_auth_comp_id 
_pdbx_struct_sheet_hbond.range_1_auth_asym_id 
_pdbx_struct_sheet_hbond.range_1_auth_seq_id 
_pdbx_struct_sheet_hbond.range_2_label_atom_id 
_pdbx_struct_sheet_hbond.range_2_label_comp_id 
_pdbx_struct_sheet_hbond.range_2_label_asym_id 
_pdbx_struct_sheet_hbond.range_2_label_seq_id 
_pdbx_struct_sheet_hbond.range_2_PDB_ins_code 
_pdbx_struct_sheet_hbond.range_2_auth_atom_id 
_pdbx_struct_sheet_hbond.range_2_auth_comp_id 
_pdbx_struct_sheet_hbond.range_2_auth_asym_id 
_pdbx_struct_sheet_hbond.range_2_auth_seq_id 
AA1 1 2 N TRP B 7  ? N TRP A 126 O GLY B 50 ? O GLY A 169 
AA2 1 2 N ALA B 13 ? N ALA A 132 O MET B 45 ? O MET A 164 
# 
_pdbx_entry_details.entry_id                 7WUN 
_pdbx_entry_details.has_ligand_of_interest   Y 
_pdbx_entry_details.compound_details         ? 
_pdbx_entry_details.source_details           ? 
_pdbx_entry_details.nonpolymer_details       ? 
_pdbx_entry_details.sequence_details         ? 
# 
loop_
_pdbx_unobs_or_zero_occ_residues.id 
_pdbx_unobs_or_zero_occ_residues.PDB_model_num 
_pdbx_unobs_or_zero_occ_residues.polymer_flag 
_pdbx_unobs_or_zero_occ_residues.occupancy_flag 
_pdbx_unobs_or_zero_occ_residues.auth_asym_id 
_pdbx_unobs_or_zero_occ_residues.auth_comp_id 
_pdbx_unobs_or_zero_occ_residues.auth_seq_id 
_pdbx_unobs_or_zero_occ_residues.PDB_ins_code 
_pdbx_unobs_or_zero_occ_residues.label_asym_id 
_pdbx_unobs_or_zero_occ_residues.label_comp_id 
_pdbx_unobs_or_zero_occ_residues.label_seq_id 
1 1 Y 1 A GLY 190 ? B GLY 71 
2 1 Y 1 A ALA 191 ? B ALA 72 
# 
loop_
_chem_comp_atom.comp_id 
_chem_comp_atom.atom_id 
_chem_comp_atom.type_symbol 
_chem_comp_atom.pdbx_aromatic_flag 
_chem_comp_atom.pdbx_stereo_config 
_chem_comp_atom.pdbx_ordinal 
ALA N    N  N N 1   
ALA CA   C  N S 2   
ALA C    C  N N 3   
ALA O    O  N N 4   
ALA CB   C  N N 5   
ALA OXT  O  N N 6   
ALA H    H  N N 7   
ALA H2   H  N N 8   
ALA HA   H  N N 9   
ALA HB1  H  N N 10  
ALA HB2  H  N N 11  
ALA HB3  H  N N 12  
ALA HXT  H  N N 13  
ARG N    N  N N 14  
ARG CA   C  N S 15  
ARG C    C  N N 16  
ARG O    O  N N 17  
ARG CB   C  N N 18  
ARG CG   C  N N 19  
ARG CD   C  N N 20  
ARG NE   N  N N 21  
ARG CZ   C  N N 22  
ARG NH1  N  N N 23  
ARG NH2  N  N N 24  
ARG OXT  O  N N 25  
ARG H    H  N N 26  
ARG H2   H  N N 27  
ARG HA   H  N N 28  
ARG HB2  H  N N 29  
ARG HB3  H  N N 30  
ARG HG2  H  N N 31  
ARG HG3  H  N N 32  
ARG HD2  H  N N 33  
ARG HD3  H  N N 34  
ARG HE   H  N N 35  
ARG HH11 H  N N 36  
ARG HH12 H  N N 37  
ARG HH21 H  N N 38  
ARG HH22 H  N N 39  
ARG HXT  H  N N 40  
ASN N    N  N N 41  
ASN CA   C  N S 42  
ASN C    C  N N 43  
ASN O    O  N N 44  
ASN CB   C  N N 45  
ASN CG   C  N N 46  
ASN OD1  O  N N 47  
ASN ND2  N  N N 48  
ASN OXT  O  N N 49  
ASN H    H  N N 50  
ASN H2   H  N N 51  
ASN HA   H  N N 52  
ASN HB2  H  N N 53  
ASN HB3  H  N N 54  
ASN HD21 H  N N 55  
ASN HD22 H  N N 56  
ASN HXT  H  N N 57  
ASP N    N  N N 58  
ASP CA   C  N S 59  
ASP C    C  N N 60  
ASP O    O  N N 61  
ASP CB   C  N N 62  
ASP CG   C  N N 63  
ASP OD1  O  N N 64  
ASP OD2  O  N N 65  
ASP OXT  O  N N 66  
ASP H    H  N N 67  
ASP H2   H  N N 68  
ASP HA   H  N N 69  
ASP HB2  H  N N 70  
ASP HB3  H  N N 71  
ASP HD2  H  N N 72  
ASP HXT  H  N N 73  
CYS N    N  N N 74  
CYS CA   C  N R 75  
CYS C    C  N N 76  
CYS O    O  N N 77  
CYS CB   C  N N 78  
CYS SG   S  N N 79  
CYS OXT  O  N N 80  
CYS H    H  N N 81  
CYS H2   H  N N 82  
CYS HA   H  N N 83  
CYS HB2  H  N N 84  
CYS HB3  H  N N 85  
CYS HG   H  N N 86  
CYS HXT  H  N N 87  
GLN N    N  N N 88  
GLN CA   C  N S 89  
GLN C    C  N N 90  
GLN O    O  N N 91  
GLN CB   C  N N 92  
GLN CG   C  N N 93  
GLN CD   C  N N 94  
GLN OE1  O  N N 95  
GLN NE2  N  N N 96  
GLN OXT  O  N N 97  
GLN H    H  N N 98  
GLN H2   H  N N 99  
GLN HA   H  N N 100 
GLN HB2  H  N N 101 
GLN HB3  H  N N 102 
GLN HG2  H  N N 103 
GLN HG3  H  N N 104 
GLN HE21 H  N N 105 
GLN HE22 H  N N 106 
GLN HXT  H  N N 107 
GLU N    N  N N 108 
GLU CA   C  N S 109 
GLU C    C  N N 110 
GLU O    O  N N 111 
GLU CB   C  N N 112 
GLU CG   C  N N 113 
GLU CD   C  N N 114 
GLU OE1  O  N N 115 
GLU OE2  O  N N 116 
GLU OXT  O  N N 117 
GLU H    H  N N 118 
GLU H2   H  N N 119 
GLU HA   H  N N 120 
GLU HB2  H  N N 121 
GLU HB3  H  N N 122 
GLU HG2  H  N N 123 
GLU HG3  H  N N 124 
GLU HE2  H  N N 125 
GLU HXT  H  N N 126 
GLY N    N  N N 127 
GLY CA   C  N N 128 
GLY C    C  N N 129 
GLY O    O  N N 130 
GLY OXT  O  N N 131 
GLY H    H  N N 132 
GLY H2   H  N N 133 
GLY HA2  H  N N 134 
GLY HA3  H  N N 135 
GLY HXT  H  N N 136 
HIS N    N  N N 137 
HIS CA   C  N S 138 
HIS C    C  N N 139 
HIS O    O  N N 140 
HIS CB   C  N N 141 
HIS CG   C  Y N 142 
HIS ND1  N  Y N 143 
HIS CD2  C  Y N 144 
HIS CE1  C  Y N 145 
HIS NE2  N  Y N 146 
HIS OXT  O  N N 147 
HIS H    H  N N 148 
HIS H2   H  N N 149 
HIS HA   H  N N 150 
HIS HB2  H  N N 151 
HIS HB3  H  N N 152 
HIS HD1  H  N N 153 
HIS HD2  H  N N 154 
HIS HE1  H  N N 155 
HIS HE2  H  N N 156 
HIS HXT  H  N N 157 
HOH O    O  N N 158 
HOH H1   H  N N 159 
HOH H2   H  N N 160 
ILE N    N  N N 161 
ILE CA   C  N S 162 
ILE C    C  N N 163 
ILE O    O  N N 164 
ILE CB   C  N S 165 
ILE CG1  C  N N 166 
ILE CG2  C  N N 167 
ILE CD1  C  N N 168 
ILE OXT  O  N N 169 
ILE H    H  N N 170 
ILE H2   H  N N 171 
ILE HA   H  N N 172 
ILE HB   H  N N 173 
ILE HG12 H  N N 174 
ILE HG13 H  N N 175 
ILE HG21 H  N N 176 
ILE HG22 H  N N 177 
ILE HG23 H  N N 178 
ILE HD11 H  N N 179 
ILE HD12 H  N N 180 
ILE HD13 H  N N 181 
ILE HXT  H  N N 182 
LEU N    N  N N 183 
LEU CA   C  N S 184 
LEU C    C  N N 185 
LEU O    O  N N 186 
LEU CB   C  N N 187 
LEU CG   C  N N 188 
LEU CD1  C  N N 189 
LEU CD2  C  N N 190 
LEU OXT  O  N N 191 
LEU H    H  N N 192 
LEU H2   H  N N 193 
LEU HA   H  N N 194 
LEU HB2  H  N N 195 
LEU HB3  H  N N 196 
LEU HG   H  N N 197 
LEU HD11 H  N N 198 
LEU HD12 H  N N 199 
LEU HD13 H  N N 200 
LEU HD21 H  N N 201 
LEU HD22 H  N N 202 
LEU HD23 H  N N 203 
LEU HXT  H  N N 204 
LYS N    N  N N 205 
LYS CA   C  N S 206 
LYS C    C  N N 207 
LYS O    O  N N 208 
LYS CB   C  N N 209 
LYS CG   C  N N 210 
LYS CD   C  N N 211 
LYS CE   C  N N 212 
LYS NZ   N  N N 213 
LYS OXT  O  N N 214 
LYS H    H  N N 215 
LYS H2   H  N N 216 
LYS HA   H  N N 217 
LYS HB2  H  N N 218 
LYS HB3  H  N N 219 
LYS HG2  H  N N 220 
LYS HG3  H  N N 221 
LYS HD2  H  N N 222 
LYS HD3  H  N N 223 
LYS HE2  H  N N 224 
LYS HE3  H  N N 225 
LYS HZ1  H  N N 226 
LYS HZ2  H  N N 227 
LYS HZ3  H  N N 228 
LYS HXT  H  N N 229 
MET N    N  N N 230 
MET CA   C  N S 231 
MET C    C  N N 232 
MET O    O  N N 233 
MET CB   C  N N 234 
MET CG   C  N N 235 
MET SD   S  N N 236 
MET CE   C  N N 237 
MET OXT  O  N N 238 
MET H    H  N N 239 
MET H2   H  N N 240 
MET HA   H  N N 241 
MET HB2  H  N N 242 
MET HB3  H  N N 243 
MET HG2  H  N N 244 
MET HG3  H  N N 245 
MET HE1  H  N N 246 
MET HE2  H  N N 247 
MET HE3  H  N N 248 
MET HXT  H  N N 249 
PHE N    N  N N 250 
PHE CA   C  N S 251 
PHE C    C  N N 252 
PHE O    O  N N 253 
PHE CB   C  N N 254 
PHE CG   C  Y N 255 
PHE CD1  C  Y N 256 
PHE CD2  C  Y N 257 
PHE CE1  C  Y N 258 
PHE CE2  C  Y N 259 
PHE CZ   C  Y N 260 
PHE OXT  O  N N 261 
PHE H    H  N N 262 
PHE H2   H  N N 263 
PHE HA   H  N N 264 
PHE HB2  H  N N 265 
PHE HB3  H  N N 266 
PHE HD1  H  N N 267 
PHE HD2  H  N N 268 
PHE HE1  H  N N 269 
PHE HE2  H  N N 270 
PHE HZ   H  N N 271 
PHE HXT  H  N N 272 
PRO N    N  N N 273 
PRO CA   C  N S 274 
PRO C    C  N N 275 
PRO O    O  N N 276 
PRO CB   C  N N 277 
PRO CG   C  N N 278 
PRO CD   C  N N 279 
PRO OXT  O  N N 280 
PRO H    H  N N 281 
PRO HA   H  N N 282 
PRO HB2  H  N N 283 
PRO HB3  H  N N 284 
PRO HG2  H  N N 285 
PRO HG3  H  N N 286 
PRO HD2  H  N N 287 
PRO HD3  H  N N 288 
PRO HXT  H  N N 289 
SER N    N  N N 290 
SER CA   C  N S 291 
SER C    C  N N 292 
SER O    O  N N 293 
SER CB   C  N N 294 
SER OG   O  N N 295 
SER OXT  O  N N 296 
SER H    H  N N 297 
SER H2   H  N N 298 
SER HA   H  N N 299 
SER HB2  H  N N 300 
SER HB3  H  N N 301 
SER HG   H  N N 302 
SER HXT  H  N N 303 
THR N    N  N N 304 
THR CA   C  N S 305 
THR C    C  N N 306 
THR O    O  N N 307 
THR CB   C  N R 308 
THR OG1  O  N N 309 
THR CG2  C  N N 310 
THR OXT  O  N N 311 
THR H    H  N N 312 
THR H2   H  N N 313 
THR HA   H  N N 314 
THR HB   H  N N 315 
THR HG1  H  N N 316 
THR HG21 H  N N 317 
THR HG22 H  N N 318 
THR HG23 H  N N 319 
THR HXT  H  N N 320 
TRP N    N  N N 321 
TRP CA   C  N S 322 
TRP C    C  N N 323 
TRP O    O  N N 324 
TRP CB   C  N N 325 
TRP CG   C  Y N 326 
TRP CD1  C  Y N 327 
TRP CD2  C  Y N 328 
TRP NE1  N  Y N 329 
TRP CE2  C  Y N 330 
TRP CE3  C  Y N 331 
TRP CZ2  C  Y N 332 
TRP CZ3  C  Y N 333 
TRP CH2  C  Y N 334 
TRP OXT  O  N N 335 
TRP H    H  N N 336 
TRP H2   H  N N 337 
TRP HA   H  N N 338 
TRP HB2  H  N N 339 
TRP HB3  H  N N 340 
TRP HD1  H  N N 341 
TRP HE1  H  N N 342 
TRP HE3  H  N N 343 
TRP HZ2  H  N N 344 
TRP HZ3  H  N N 345 
TRP HH2  H  N N 346 
TRP HXT  H  N N 347 
TYR N    N  N N 348 
TYR CA   C  N S 349 
TYR C    C  N N 350 
TYR O    O  N N 351 
TYR CB   C  N N 352 
TYR CG   C  Y N 353 
TYR CD1  C  Y N 354 
TYR CD2  C  Y N 355 
TYR CE1  C  Y N 356 
TYR CE2  C  Y N 357 
TYR CZ   C  Y N 358 
TYR OH   O  N N 359 
TYR OXT  O  N N 360 
TYR H    H  N N 361 
TYR H2   H  N N 362 
TYR HA   H  N N 363 
TYR HB2  H  N N 364 
TYR HB3  H  N N 365 
TYR HD1  H  N N 366 
TYR HD2  H  N N 367 
TYR HE1  H  N N 368 
TYR HE2  H  N N 369 
TYR HH   H  N N 370 
TYR HXT  H  N N 371 
VAL N    N  N N 372 
VAL CA   C  N S 373 
VAL C    C  N N 374 
VAL O    O  N N 375 
VAL CB   C  N N 376 
VAL CG1  C  N N 377 
VAL CG2  C  N N 378 
VAL OXT  O  N N 379 
VAL H    H  N N 380 
VAL H2   H  N N 381 
VAL HA   H  N N 382 
VAL HB   H  N N 383 
VAL HG11 H  N N 384 
VAL HG12 H  N N 385 
VAL HG13 H  N N 386 
VAL HG21 H  N N 387 
VAL HG22 H  N N 388 
VAL HG23 H  N N 389 
VAL HXT  H  N N 390 
ZN  ZN   ZN N N 391 
# 
loop_
_chem_comp_bond.comp_id 
_chem_comp_bond.atom_id_1 
_chem_comp_bond.atom_id_2 
_chem_comp_bond.value_order 
_chem_comp_bond.pdbx_aromatic_flag 
_chem_comp_bond.pdbx_stereo_config 
_chem_comp_bond.pdbx_ordinal 
ALA N   CA   sing N N 1   
ALA N   H    sing N N 2   
ALA N   H2   sing N N 3   
ALA CA  C    sing N N 4   
ALA CA  CB   sing N N 5   
ALA CA  HA   sing N N 6   
ALA C   O    doub N N 7   
ALA C   OXT  sing N N 8   
ALA CB  HB1  sing N N 9   
ALA CB  HB2  sing N N 10  
ALA CB  HB3  sing N N 11  
ALA OXT HXT  sing N N 12  
ARG N   CA   sing N N 13  
ARG N   H    sing N N 14  
ARG N   H2   sing N N 15  
ARG CA  C    sing N N 16  
ARG CA  CB   sing N N 17  
ARG CA  HA   sing N N 18  
ARG C   O    doub N N 19  
ARG C   OXT  sing N N 20  
ARG CB  CG   sing N N 21  
ARG CB  HB2  sing N N 22  
ARG CB  HB3  sing N N 23  
ARG CG  CD   sing N N 24  
ARG CG  HG2  sing N N 25  
ARG CG  HG3  sing N N 26  
ARG CD  NE   sing N N 27  
ARG CD  HD2  sing N N 28  
ARG CD  HD3  sing N N 29  
ARG NE  CZ   sing N N 30  
ARG NE  HE   sing N N 31  
ARG CZ  NH1  sing N N 32  
ARG CZ  NH2  doub N N 33  
ARG NH1 HH11 sing N N 34  
ARG NH1 HH12 sing N N 35  
ARG NH2 HH21 sing N N 36  
ARG NH2 HH22 sing N N 37  
ARG OXT HXT  sing N N 38  
ASN N   CA   sing N N 39  
ASN N   H    sing N N 40  
ASN N   H2   sing N N 41  
ASN CA  C    sing N N 42  
ASN CA  CB   sing N N 43  
ASN CA  HA   sing N N 44  
ASN C   O    doub N N 45  
ASN C   OXT  sing N N 46  
ASN CB  CG   sing N N 47  
ASN CB  HB2  sing N N 48  
ASN CB  HB3  sing N N 49  
ASN CG  OD1  doub N N 50  
ASN CG  ND2  sing N N 51  
ASN ND2 HD21 sing N N 52  
ASN ND2 HD22 sing N N 53  
ASN OXT HXT  sing N N 54  
ASP N   CA   sing N N 55  
ASP N   H    sing N N 56  
ASP N   H2   sing N N 57  
ASP CA  C    sing N N 58  
ASP CA  CB   sing N N 59  
ASP CA  HA   sing N N 60  
ASP C   O    doub N N 61  
ASP C   OXT  sing N N 62  
ASP CB  CG   sing N N 63  
ASP CB  HB2  sing N N 64  
ASP CB  HB3  sing N N 65  
ASP CG  OD1  doub N N 66  
ASP CG  OD2  sing N N 67  
ASP OD2 HD2  sing N N 68  
ASP OXT HXT  sing N N 69  
CYS N   CA   sing N N 70  
CYS N   H    sing N N 71  
CYS N   H2   sing N N 72  
CYS CA  C    sing N N 73  
CYS CA  CB   sing N N 74  
CYS CA  HA   sing N N 75  
CYS C   O    doub N N 76  
CYS C   OXT  sing N N 77  
CYS CB  SG   sing N N 78  
CYS CB  HB2  sing N N 79  
CYS CB  HB3  sing N N 80  
CYS SG  HG   sing N N 81  
CYS OXT HXT  sing N N 82  
GLN N   CA   sing N N 83  
GLN N   H    sing N N 84  
GLN N   H2   sing N N 85  
GLN CA  C    sing N N 86  
GLN CA  CB   sing N N 87  
GLN CA  HA   sing N N 88  
GLN C   O    doub N N 89  
GLN C   OXT  sing N N 90  
GLN CB  CG   sing N N 91  
GLN CB  HB2  sing N N 92  
GLN CB  HB3  sing N N 93  
GLN CG  CD   sing N N 94  
GLN CG  HG2  sing N N 95  
GLN CG  HG3  sing N N 96  
GLN CD  OE1  doub N N 97  
GLN CD  NE2  sing N N 98  
GLN NE2 HE21 sing N N 99  
GLN NE2 HE22 sing N N 100 
GLN OXT HXT  sing N N 101 
GLU N   CA   sing N N 102 
GLU N   H    sing N N 103 
GLU N   H2   sing N N 104 
GLU CA  C    sing N N 105 
GLU CA  CB   sing N N 106 
GLU CA  HA   sing N N 107 
GLU C   O    doub N N 108 
GLU C   OXT  sing N N 109 
GLU CB  CG   sing N N 110 
GLU CB  HB2  sing N N 111 
GLU CB  HB3  sing N N 112 
GLU CG  CD   sing N N 113 
GLU CG  HG2  sing N N 114 
GLU CG  HG3  sing N N 115 
GLU CD  OE1  doub N N 116 
GLU CD  OE2  sing N N 117 
GLU OE2 HE2  sing N N 118 
GLU OXT HXT  sing N N 119 
GLY N   CA   sing N N 120 
GLY N   H    sing N N 121 
GLY N   H2   sing N N 122 
GLY CA  C    sing N N 123 
GLY CA  HA2  sing N N 124 
GLY CA  HA3  sing N N 125 
GLY C   O    doub N N 126 
GLY C   OXT  sing N N 127 
GLY OXT HXT  sing N N 128 
HIS N   CA   sing N N 129 
HIS N   H    sing N N 130 
HIS N   H2   sing N N 131 
HIS CA  C    sing N N 132 
HIS CA  CB   sing N N 133 
HIS CA  HA   sing N N 134 
HIS C   O    doub N N 135 
HIS C   OXT  sing N N 136 
HIS CB  CG   sing N N 137 
HIS CB  HB2  sing N N 138 
HIS CB  HB3  sing N N 139 
HIS CG  ND1  sing Y N 140 
HIS CG  CD2  doub Y N 141 
HIS ND1 CE1  doub Y N 142 
HIS ND1 HD1  sing N N 143 
HIS CD2 NE2  sing Y N 144 
HIS CD2 HD2  sing N N 145 
HIS CE1 NE2  sing Y N 146 
HIS CE1 HE1  sing N N 147 
HIS NE2 HE2  sing N N 148 
HIS OXT HXT  sing N N 149 
HOH O   H1   sing N N 150 
HOH O   H2   sing N N 151 
ILE N   CA   sing N N 152 
ILE N   H    sing N N 153 
ILE N   H2   sing N N 154 
ILE CA  C    sing N N 155 
ILE CA  CB   sing N N 156 
ILE CA  HA   sing N N 157 
ILE C   O    doub N N 158 
ILE C   OXT  sing N N 159 
ILE CB  CG1  sing N N 160 
ILE CB  CG2  sing N N 161 
ILE CB  HB   sing N N 162 
ILE CG1 CD1  sing N N 163 
ILE CG1 HG12 sing N N 164 
ILE CG1 HG13 sing N N 165 
ILE CG2 HG21 sing N N 166 
ILE CG2 HG22 sing N N 167 
ILE CG2 HG23 sing N N 168 
ILE CD1 HD11 sing N N 169 
ILE CD1 HD12 sing N N 170 
ILE CD1 HD13 sing N N 171 
ILE OXT HXT  sing N N 172 
LEU N   CA   sing N N 173 
LEU N   H    sing N N 174 
LEU N   H2   sing N N 175 
LEU CA  C    sing N N 176 
LEU CA  CB   sing N N 177 
LEU CA  HA   sing N N 178 
LEU C   O    doub N N 179 
LEU C   OXT  sing N N 180 
LEU CB  CG   sing N N 181 
LEU CB  HB2  sing N N 182 
LEU CB  HB3  sing N N 183 
LEU CG  CD1  sing N N 184 
LEU CG  CD2  sing N N 185 
LEU CG  HG   sing N N 186 
LEU CD1 HD11 sing N N 187 
LEU CD1 HD12 sing N N 188 
LEU CD1 HD13 sing N N 189 
LEU CD2 HD21 sing N N 190 
LEU CD2 HD22 sing N N 191 
LEU CD2 HD23 sing N N 192 
LEU OXT HXT  sing N N 193 
LYS N   CA   sing N N 194 
LYS N   H    sing N N 195 
LYS N   H2   sing N N 196 
LYS CA  C    sing N N 197 
LYS CA  CB   sing N N 198 
LYS CA  HA   sing N N 199 
LYS C   O    doub N N 200 
LYS C   OXT  sing N N 201 
LYS CB  CG   sing N N 202 
LYS CB  HB2  sing N N 203 
LYS CB  HB3  sing N N 204 
LYS CG  CD   sing N N 205 
LYS CG  HG2  sing N N 206 
LYS CG  HG3  sing N N 207 
LYS CD  CE   sing N N 208 
LYS CD  HD2  sing N N 209 
LYS CD  HD3  sing N N 210 
LYS CE  NZ   sing N N 211 
LYS CE  HE2  sing N N 212 
LYS CE  HE3  sing N N 213 
LYS NZ  HZ1  sing N N 214 
LYS NZ  HZ2  sing N N 215 
LYS NZ  HZ3  sing N N 216 
LYS OXT HXT  sing N N 217 
MET N   CA   sing N N 218 
MET N   H    sing N N 219 
MET N   H2   sing N N 220 
MET CA  C    sing N N 221 
MET CA  CB   sing N N 222 
MET CA  HA   sing N N 223 
MET C   O    doub N N 224 
MET C   OXT  sing N N 225 
MET CB  CG   sing N N 226 
MET CB  HB2  sing N N 227 
MET CB  HB3  sing N N 228 
MET CG  SD   sing N N 229 
MET CG  HG2  sing N N 230 
MET CG  HG3  sing N N 231 
MET SD  CE   sing N N 232 
MET CE  HE1  sing N N 233 
MET CE  HE2  sing N N 234 
MET CE  HE3  sing N N 235 
MET OXT HXT  sing N N 236 
PHE N   CA   sing N N 237 
PHE N   H    sing N N 238 
PHE N   H2   sing N N 239 
PHE CA  C    sing N N 240 
PHE CA  CB   sing N N 241 
PHE CA  HA   sing N N 242 
PHE C   O    doub N N 243 
PHE C   OXT  sing N N 244 
PHE CB  CG   sing N N 245 
PHE CB  HB2  sing N N 246 
PHE CB  HB3  sing N N 247 
PHE CG  CD1  doub Y N 248 
PHE CG  CD2  sing Y N 249 
PHE CD1 CE1  sing Y N 250 
PHE CD1 HD1  sing N N 251 
PHE CD2 CE2  doub Y N 252 
PHE CD2 HD2  sing N N 253 
PHE CE1 CZ   doub Y N 254 
PHE CE1 HE1  sing N N 255 
PHE CE2 CZ   sing Y N 256 
PHE CE2 HE2  sing N N 257 
PHE CZ  HZ   sing N N 258 
PHE OXT HXT  sing N N 259 
PRO N   CA   sing N N 260 
PRO N   CD   sing N N 261 
PRO N   H    sing N N 262 
PRO CA  C    sing N N 263 
PRO CA  CB   sing N N 264 
PRO CA  HA   sing N N 265 
PRO C   O    doub N N 266 
PRO C   OXT  sing N N 267 
PRO CB  CG   sing N N 268 
PRO CB  HB2  sing N N 269 
PRO CB  HB3  sing N N 270 
PRO CG  CD   sing N N 271 
PRO CG  HG2  sing N N 272 
PRO CG  HG3  sing N N 273 
PRO CD  HD2  sing N N 274 
PRO CD  HD3  sing N N 275 
PRO OXT HXT  sing N N 276 
SER N   CA   sing N N 277 
SER N   H    sing N N 278 
SER N   H2   sing N N 279 
SER CA  C    sing N N 280 
SER CA  CB   sing N N 281 
SER CA  HA   sing N N 282 
SER C   O    doub N N 283 
SER C   OXT  sing N N 284 
SER CB  OG   sing N N 285 
SER CB  HB2  sing N N 286 
SER CB  HB3  sing N N 287 
SER OG  HG   sing N N 288 
SER OXT HXT  sing N N 289 
THR N   CA   sing N N 290 
THR N   H    sing N N 291 
THR N   H2   sing N N 292 
THR CA  C    sing N N 293 
THR CA  CB   sing N N 294 
THR CA  HA   sing N N 295 
THR C   O    doub N N 296 
THR C   OXT  sing N N 297 
THR CB  OG1  sing N N 298 
THR CB  CG2  sing N N 299 
THR CB  HB   sing N N 300 
THR OG1 HG1  sing N N 301 
THR CG2 HG21 sing N N 302 
THR CG2 HG22 sing N N 303 
THR CG2 HG23 sing N N 304 
THR OXT HXT  sing N N 305 
TRP N   CA   sing N N 306 
TRP N   H    sing N N 307 
TRP N   H2   sing N N 308 
TRP CA  C    sing N N 309 
TRP CA  CB   sing N N 310 
TRP CA  HA   sing N N 311 
TRP C   O    doub N N 312 
TRP C   OXT  sing N N 313 
TRP CB  CG   sing N N 314 
TRP CB  HB2  sing N N 315 
TRP CB  HB3  sing N N 316 
TRP CG  CD1  doub Y N 317 
TRP CG  CD2  sing Y N 318 
TRP CD1 NE1  sing Y N 319 
TRP CD1 HD1  sing N N 320 
TRP CD2 CE2  doub Y N 321 
TRP CD2 CE3  sing Y N 322 
TRP NE1 CE2  sing Y N 323 
TRP NE1 HE1  sing N N 324 
TRP CE2 CZ2  sing Y N 325 
TRP CE3 CZ3  doub Y N 326 
TRP CE3 HE3  sing N N 327 
TRP CZ2 CH2  doub Y N 328 
TRP CZ2 HZ2  sing N N 329 
TRP CZ3 CH2  sing Y N 330 
TRP CZ3 HZ3  sing N N 331 
TRP CH2 HH2  sing N N 332 
TRP OXT HXT  sing N N 333 
TYR N   CA   sing N N 334 
TYR N   H    sing N N 335 
TYR N   H2   sing N N 336 
TYR CA  C    sing N N 337 
TYR CA  CB   sing N N 338 
TYR CA  HA   sing N N 339 
TYR C   O    doub N N 340 
TYR C   OXT  sing N N 341 
TYR CB  CG   sing N N 342 
TYR CB  HB2  sing N N 343 
TYR CB  HB3  sing N N 344 
TYR CG  CD1  doub Y N 345 
TYR CG  CD2  sing Y N 346 
TYR CD1 CE1  sing Y N 347 
TYR CD1 HD1  sing N N 348 
TYR CD2 CE2  doub Y N 349 
TYR CD2 HD2  sing N N 350 
TYR CE1 CZ   doub Y N 351 
TYR CE1 HE1  sing N N 352 
TYR CE2 CZ   sing Y N 353 
TYR CE2 HE2  sing N N 354 
TYR CZ  OH   sing N N 355 
TYR OH  HH   sing N N 356 
TYR OXT HXT  sing N N 357 
VAL N   CA   sing N N 358 
VAL N   H    sing N N 359 
VAL N   H2   sing N N 360 
VAL CA  C    sing N N 361 
VAL CA  CB   sing N N 362 
VAL CA  HA   sing N N 363 
VAL C   O    doub N N 364 
VAL C   OXT  sing N N 365 
VAL CB  CG1  sing N N 366 
VAL CB  CG2  sing N N 367 
VAL CB  HB   sing N N 368 
VAL CG1 HG11 sing N N 369 
VAL CG1 HG12 sing N N 370 
VAL CG1 HG13 sing N N 371 
VAL CG2 HG21 sing N N 372 
VAL CG2 HG22 sing N N 373 
VAL CG2 HG23 sing N N 374 
VAL OXT HXT  sing N N 375 
# 
_pdbx_audit_support.funding_organization   'Academia Sinica (Taiwan)' 
_pdbx_audit_support.country                Taiwan 
_pdbx_audit_support.grant_number           ? 
_pdbx_audit_support.ordinal                1 
# 
_pdbx_entity_instance_feature.ordinal        1 
_pdbx_entity_instance_feature.comp_id        ZN 
_pdbx_entity_instance_feature.asym_id        ? 
_pdbx_entity_instance_feature.seq_num        ? 
_pdbx_entity_instance_feature.auth_comp_id   ZN 
_pdbx_entity_instance_feature.auth_asym_id   ? 
_pdbx_entity_instance_feature.auth_seq_num   ? 
_pdbx_entity_instance_feature.feature_type   'SUBJECT OF INVESTIGATION' 
_pdbx_entity_instance_feature.details        ? 
# 
_pdbx_initial_refinement_model.accession_code   7WUK 
_pdbx_initial_refinement_model.id               1 
_pdbx_initial_refinement_model.entity_id_list   ? 
_pdbx_initial_refinement_model.type             'experimental model' 
_pdbx_initial_refinement_model.source_name      PDB 
_pdbx_initial_refinement_model.details          D_1300027541 
# 
_atom_sites.entry_id                    7WUN 
_atom_sites.Cartn_transf_matrix[1][1]   ? 
_atom_sites.Cartn_transf_matrix[1][2]   ? 
_atom_sites.Cartn_transf_matrix[1][3]   ? 
_atom_sites.Cartn_transf_matrix[2][1]   ? 
_atom_sites.Cartn_transf_matrix[2][2]   ? 
_atom_sites.Cartn_transf_matrix[2][3]   ? 
_atom_sites.Cartn_transf_matrix[3][1]   ? 
_atom_sites.Cartn_transf_matrix[3][2]   ? 
_atom_sites.Cartn_transf_matrix[3][3]   ? 
_atom_sites.Cartn_transf_vector[1]      ? 
_atom_sites.Cartn_transf_vector[2]      ? 
_atom_sites.Cartn_transf_vector[3]      ? 
_atom_sites.fract_transf_matrix[1][1]   0.00456647 
_atom_sites.fract_transf_matrix[1][2]   0.02749927 
_atom_sites.fract_transf_matrix[1][3]   0.02690879 
_atom_sites.fract_transf_matrix[2][1]   -0.02033756 
_atom_sites.fract_transf_matrix[2][2]   0.03289830 
_atom_sites.fract_transf_matrix[2][3]   -0.00227656 
_atom_sites.fract_transf_matrix[3][1]   -0.00635348 
_atom_sites.fract_transf_matrix[3][2]   -0.00359859 
_atom_sites.fract_transf_matrix[3][3]   0.00475575 
_atom_sites.fract_transf_vector[1]      0.454009 
_atom_sites.fract_transf_vector[2]      1.018461 
_atom_sites.fract_transf_vector[3]      -0.077259 
_atom_sites.solution_primary            ? 
_atom_sites.solution_secondary          ? 
_atom_sites.solution_hydrogens          ? 
_atom_sites.special_details             ? 
# 
loop_
_atom_type.symbol 
C  
N  
O  
S  
ZN 
# 
loop_
_atom_site.group_PDB 
_atom_site.id 
_atom_site.type_symbol 
_atom_site.label_atom_id 
_atom_site.label_alt_id 
_atom_site.label_comp_id 
_atom_site.label_asym_id 
_atom_site.label_entity_id 
_atom_site.label_seq_id 
_atom_site.pdbx_PDB_ins_code 
_atom_site.Cartn_x 
_atom_site.Cartn_y 
_atom_site.Cartn_z 
_atom_site.occupancy 
_atom_site.B_iso_or_equiv 
_atom_site.pdbx_formal_charge 
_atom_site.auth_seq_id 
_atom_site.auth_comp_id 
_atom_site.auth_asym_id 
_atom_site.auth_atom_id 
_atom_site.pdbx_PDB_model_num 
ATOM   1   N  N   . ARG A 1 1  ? -2.894  -6.586  -2.874  1.00 17.53 ?  1   ARG X N   1 
ATOM   2   C  CA  . ARG A 1 1  ? -2.160  -6.224  -4.086  1.00 18.82 ?  1   ARG X CA  1 
ATOM   3   C  C   . ARG A 1 1  ? -3.126  -5.683  -5.132  1.00 20.84 ?  1   ARG X C   1 
ATOM   4   O  O   . ARG A 1 1  ? -4.351  -5.774  -4.974  1.00 22.56 ?  1   ARG X O   1 
ATOM   5   C  CB  . ARG A 1 1  ? -1.406  -7.435  -4.630  1.00 21.00 ?  1   ARG X CB  1 
ATOM   6   C  CG  . ARG A 1 1  ? -0.351  -7.969  -3.690  1.00 19.74 ?  1   ARG X CG  1 
ATOM   7   C  CD  . ARG A 1 1  ? 0.315   -9.205  -4.282  1.00 19.45 ?  1   ARG X CD  1 
ATOM   8   N  NE  . ARG A 1 1  ? 1.390   -9.723  -3.445  1.00 18.71 ?  1   ARG X NE  1 
ATOM   9   C  CZ  . ARG A 1 1  ? 1.206   -10.456 -2.355  1.00 22.77 ?  1   ARG X CZ  1 
ATOM   10  N  NH1 . ARG A 1 1  ? -0.008  -10.751 -1.916  1.00 20.74 ?  1   ARG X NH1 1 
ATOM   11  N  NH2 . ARG A 1 1  ? 2.269   -10.906 -1.688  1.00 26.28 ?  1   ARG X NH2 1 
ATOM   12  N  N   . SER A 1 2  ? -2.588  -5.126  -6.210  1.00 23.90 ?  2   SER X N   1 
ATOM   13  C  CA  . SER A 1 2  ? -3.416  -4.564  -7.271  1.00 22.66 ?  2   SER X CA  1 
ATOM   14  C  C   . SER A 1 2  ? -3.986  -5.637  -8.186  1.00 30.17 ?  2   SER X C   1 
ATOM   15  O  O   . SER A 1 2  ? -3.493  -6.734  -8.223  1.00 29.46 ?  2   SER X O   1 
ATOM   16  C  CB  . SER A 1 2  ? -2.614  -3.556  -8.094  1.00 20.79 ?  2   SER X CB  1 
ATOM   17  O  OG  . SER A 1 2  ? -1.485  -4.148  -8.675  1.00 19.03 ?  2   SER X OG  1 
ATOM   18  N  N   . GLY A 1 3  ? -5.021  -5.284  -8.934  1.00 33.06 ?  3   GLY X N   1 
ATOM   19  C  CA  . GLY A 1 3  ? -5.907  -6.283  -9.492  1.00 38.41 ?  3   GLY X CA  1 
ATOM   20  C  C   . GLY A 1 3  ? -6.799  -5.829  -10.622 1.00 42.17 ?  3   GLY X C   1 
ATOM   21  O  O   . GLY A 1 3  ? -6.702  -6.348  -11.729 1.00 52.89 ?  3   GLY X O   1 
ATOM   22  N  N   . ALA B 2 1  ? -6.101  -6.911  11.349  1.00 18.67 ?  120 ALA A N   1 
ATOM   23  C  CA  . ALA B 2 1  ? -4.693  -7.289  11.232  1.00 17.01 ?  120 ALA A CA  1 
ATOM   24  C  C   . ALA B 2 1  ? -4.086  -6.815  9.912   1.00 15.68 ?  120 ALA A C   1 
ATOM   25  O  O   . ALA B 2 1  ? -3.006  -6.226  9.884   1.00 17.38 ?  120 ALA A O   1 
ATOM   26  C  CB  . ALA B 2 1  ? -4.535  -8.802  11.359  1.00 18.84 ?  120 ALA A CB  1 
ATOM   27  N  N   . VAL B 2 2  ? -4.794  -7.113  8.826   1.00 15.42 ?  121 VAL A N   1 
ATOM   28  C  CA  . VAL B 2 2  ? -4.431  -6.685  7.480   1.00 11.88 ?  121 VAL A CA  1 
ATOM   29  C  C   . VAL B 2 2  ? -5.592  -5.861  6.940   1.00 15.44 ?  121 VAL A C   1 
ATOM   30  O  O   . VAL B 2 2  ? -6.745  -6.310  6.970   1.00 15.38 ?  121 VAL A O   1 
ATOM   31  C  CB  . VAL B 2 2  ? -4.144  -7.887  6.564   1.00 12.71 ?  121 VAL A CB  1 
ATOM   32  C  CG1 . VAL B 2 2  ? -4.059  -7.440  5.098   1.00 13.86 ?  121 VAL A CG1 1 
ATOM   33  C  CG2 . VAL B 2 2  ? -2.889  -8.584  6.997   1.00 12.36 ?  121 VAL A CG2 1 
ATOM   34  N  N   . CYS B 2 3  ? -5.287  -4.663  6.440   1.00 12.11 ?  122 CYS A N   1 
ATOM   35  C  CA  . CYS B 2 3  ? -6.318  -3.745  5.973   1.00 10.66 ?  122 CYS A CA  1 
ATOM   36  C  C   . CYS B 2 3  ? -7.213  -4.407  4.936   1.00 14.05 ?  122 CYS A C   1 
ATOM   37  O  O   . CYS B 2 3  ? -6.737  -4.907  3.913   1.00 18.23 ?  122 CYS A O   1 
ATOM   38  C  CB  . CYS B 2 3  ? -5.665  -2.498  5.372   1.00 12.56 ?  122 CYS A CB  1 
ATOM   39  S  SG  . CYS B 2 3  ? -6.854  -1.269  4.792   1.00 12.64 ?  122 CYS A SG  1 
ATOM   40  N  N   . GLY B 2 4  ? -8.517  -4.393  5.181   1.00 14.20 ?  123 GLY A N   1 
ATOM   41  C  CA  . GLY B 2 4  ? -9.403  -5.031  4.229   1.00 22.74 ?  123 GLY A CA  1 
ATOM   42  C  C   . GLY B 2 4  ? -9.914  -4.130  3.123   1.00 30.13 ?  123 GLY A C   1 
ATOM   43  O  O   . GLY B 2 4  ? -10.926 -4.446  2.490   1.00 29.24 ?  123 GLY A O   1 
ATOM   44  N  N   . SER B 2 5  ? -9.239  -3.017  2.847   1.00 20.35 ?  124 SER A N   1 
ATOM   45  C  CA  . SER B 2 5  ? -9.827  -2.041  1.945   1.00 15.69 ?  124 SER A CA  1 
ATOM   46  C  C   . SER B 2 5  ? -9.656  -2.474  0.496   1.00 16.29 ?  124 SER A C   1 
ATOM   47  O  O   . SER B 2 5  ? -8.608  -2.978  0.088   1.00 18.98 ?  124 SER A O   1 
ATOM   48  C  CB  . SER B 2 5  ? -9.226  -0.653  2.155   1.00 21.92 ?  124 SER A CB  1 
ATOM   49  O  OG  . SER B 2 5  ? -10.121 0.334   1.663   1.00 32.45 ?  124 SER A OG  1 
ATOM   50  N  N   . VAL B 2 6  ? -10.717 -2.293  -0.270  1.00 15.61 ?  125 VAL A N   1 
ATOM   51  C  CA  . VAL B 2 6  ? -10.706 -2.580  -1.693  1.00 15.22 ?  125 VAL A CA  1 
ATOM   52  C  C   . VAL B 2 6  ? -10.988 -1.287  -2.431  1.00 17.06 ?  125 VAL A C   1 
ATOM   53  O  O   . VAL B 2 6  ? -11.699 -0.404  -1.940  1.00 16.93 ?  125 VAL A O   1 
ATOM   54  C  CB  . VAL B 2 6  ? -11.723 -3.674  -2.081  1.00 15.60 ?  125 VAL A CB  1 
ATOM   55  C  CG1 . VAL B 2 6  ? -11.511 -4.899  -1.220  1.00 20.99 ?  125 VAL A CG1 1 
ATOM   56  C  CG2 . VAL B 2 6  ? -13.129 -3.156  -1.880  1.00 19.51 ?  125 VAL A CG2 1 
ATOM   57  N  N   . TRP B 2 7  ? -10.406 -1.165  -3.617  1.00 12.66 ?  126 TRP A N   1 
ATOM   58  C  CA  . TRP B 2 7  ? -10.679 -0.006  -4.451  1.00 14.46 ?  126 TRP A CA  1 
ATOM   59  C  C   . TRP B 2 7  ? -10.797 -0.441  -5.903  1.00 12.56 ?  126 TRP A C   1 
ATOM   60  O  O   . TRP B 2 7  ? -10.430 -1.557  -6.275  1.00 13.71 ?  126 TRP A O   1 
ATOM   61  C  CB  . TRP B 2 7  ? -9.612  1.091   -4.285  1.00 11.85 ?  126 TRP A CB  1 
ATOM   62  C  CG  . TRP B 2 7  ? -8.263  0.701   -4.733  1.00 13.05 ?  126 TRP A CG  1 
ATOM   63  C  CD1 . TRP B 2 7  ? -7.726  0.874   -5.988  1.00 14.14 ?  126 TRP A CD1 1 
ATOM   64  C  CD2 . TRP B 2 7  ? -7.233  0.114   -3.932  1.00 12.36 ?  126 TRP A CD2 1 
ATOM   65  N  NE1 . TRP B 2 7  ? -6.435  0.403   -6.014  1.00 13.43 ?  126 TRP A NE1 1 
ATOM   66  C  CE2 . TRP B 2 7  ? -6.109  -0.069  -4.767  1.00 12.89 ?  126 TRP A CE2 1 
ATOM   67  C  CE3 . TRP B 2 7  ? -7.156  -0.290  -2.593  1.00 13.09 ?  126 TRP A CE3 1 
ATOM   68  C  CZ2 . TRP B 2 7  ? -4.927  -0.644  -4.306  1.00 11.72 ?  126 TRP A CZ2 1 
ATOM   69  C  CZ3 . TRP B 2 7  ? -5.973  -0.853  -2.139  1.00 13.73 ?  126 TRP A CZ3 1 
ATOM   70  C  CH2 . TRP B 2 7  ? -4.874  -1.019  -2.996  1.00 12.04 ?  126 TRP A CH2 1 
ATOM   71  N  N   . GLY B 2 8  ? -11.379 0.447   -6.708  1.00 13.56 ?  127 GLY A N   1 
ATOM   72  C  CA  . GLY B 2 8  ? -11.674 0.163   -8.092  1.00 15.45 ?  127 GLY A CA  1 
ATOM   73  C  C   . GLY B 2 8  ? -10.668 0.828   -9.020  1.00 14.78 ?  127 GLY A C   1 
ATOM   74  O  O   . GLY B 2 8  ? -9.718  1.488   -8.598  1.00 13.17 ?  127 GLY A O   1 
ATOM   75  N  N   . GLN B 2 9  ? -10.891 0.639   -10.322 1.00 16.13 ?  128 GLN A N   1 
ATOM   76  C  CA  . GLN B 2 9  ? -9.849  1.023   -11.267 1.00 17.56 ?  128 GLN A CA  1 
ATOM   77  C  C   . GLN B 2 9  ? -9.612  2.528   -11.289 1.00 15.55 ?  128 GLN A C   1 
ATOM   78  O  O   . GLN B 2 9  ? -8.483  2.963   -11.559 1.00 16.38 ?  128 GLN A O   1 
ATOM   79  C  CB  . GLN B 2 9  ? -10.171 0.508   -12.668 1.00 20.67 ?  128 GLN A CB  1 
ATOM   80  C  CG  . GLN B 2 9  ? -11.479 0.961   -13.223 1.00 20.16 ?  128 GLN A CG  1 
ATOM   81  C  CD  . GLN B 2 9  ? -11.714 0.396   -14.611 1.00 23.40 ?  128 GLN A CD  1 
ATOM   82  O  OE1 . GLN B 2 9  ? -10.841 0.455   -15.470 1.00 24.13 ?  128 GLN A OE1 1 
ATOM   83  N  NE2 . GLN B 2 9  ? -12.908 -0.156  -14.835 1.00 32.56 ?  128 GLN A NE2 1 
ATOM   84  N  N   . ASN B 2 10 ? -10.629 3.343   -11.006 1.00 13.52 ?  129 ASN A N   1 
ATOM   85  C  CA  . ASN B 2 10 ? -10.442 4.792   -11.012 1.00 14.31 ?  129 ASN A CA  1 
ATOM   86  C  C   . ASN B 2 10 ? -10.275 5.382   -9.614  1.00 14.63 ?  129 ASN A C   1 
ATOM   87  O  O   . ASN B 2 10 ? -10.448 6.595   -9.433  1.00 14.03 ?  129 ASN A O   1 
ATOM   88  C  CB  . ASN B 2 10 ? -11.581 5.480   -11.771 1.00 17.93 ?  129 ASN A CB  1 
ATOM   89  C  CG  . ASN B 2 10 ? -11.589 5.117   -13.252 1.00 18.49 ?  129 ASN A CG  1 
ATOM   90  O  OD1 . ASN B 2 10 ? -10.550 4.788   -13.815 1.00 19.81 ?  129 ASN A OD1 1 
ATOM   91  N  ND2 . ASN B 2 10 ? -12.751 5.193   -13.886 1.00 18.80 ?  129 ASN A ND2 1 
ATOM   92  N  N   . ASP B 2 11 ? -9.910  4.561   -8.633  1.00 11.78 ?  130 ASP A N   1 
ATOM   93  C  CA  . ASP B 2 11 ? -9.535  5.026   -7.308  1.00 12.25 ?  130 ASP A CA  1 
ATOM   94  C  C   . ASP B 2 11 ? -8.018  5.064   -7.202  1.00 10.85 ?  130 ASP A C   1 
ATOM   95  O  O   . ASP B 2 11 ? -7.346  4.111   -7.603  1.00 12.94 ?  130 ASP A O   1 
ATOM   96  C  CB  . ASP B 2 11 ? -10.089 4.104   -6.222  1.00 12.42 ?  130 ASP A CB  1 
ATOM   97  C  CG  . ASP B 2 11 ? -11.589 4.059   -6.212  1.00 16.56 ?  130 ASP A CG  1 
ATOM   98  O  OD1 . ASP B 2 11 ? -12.215 5.119   -6.373  1.00 17.49 ?  130 ASP A OD1 1 
ATOM   99  O  OD2 . ASP B 2 11 ? -12.141 2.953   -6.035  1.00 19.09 -1 130 ASP A OD2 1 
ATOM   100 N  N   . LEU B 2 12 ? -7.488  6.146   -6.644  1.00 13.06 ?  131 LEU A N   1 
ATOM   101 C  CA  . LEU B 2 12 ? -6.052  6.248   -6.434  1.00 11.98 ?  131 LEU A CA  1 
ATOM   102 C  C   . LEU B 2 12 ? -5.611  5.370   -5.273  1.00 13.39 ?  131 LEU A C   1 
ATOM   103 O  O   . LEU B 2 12 ? -6.374  5.118   -4.334  1.00 13.83 ?  131 LEU A O   1 
ATOM   104 C  CB  . LEU B 2 12 ? -5.662  7.689   -6.142  1.00 12.35 ?  131 LEU A CB  1 
ATOM   105 C  CG  . LEU B 2 12 ? -5.800  8.672   -7.301  1.00 15.13 ?  131 LEU A CG  1 
ATOM   106 C  CD1 . LEU B 2 12 ? -5.703  10.077  -6.779  1.00 16.68 ?  131 LEU A CD1 1 
ATOM   107 C  CD2 . LEU B 2 12 ? -4.715  8.418   -8.343  1.00 13.78 ?  131 LEU A CD2 1 
ATOM   108 N  N   . ALA B 2 13 ? -4.364  4.903   -5.345  1.00 12.07 ?  132 ALA A N   1 
ATOM   109 C  CA  . ALA B 2 13 ? -3.735  4.162   -4.259  1.00 11.99 ?  132 ALA A CA  1 
ATOM   110 C  C   . ALA B 2 13 ? -2.256  4.505   -4.279  1.00 9.41  ?  132 ALA A C   1 
ATOM   111 O  O   . ALA B 2 13 ? -1.809  5.326   -5.085  1.00 12.77 ?  132 ALA A O   1 
ATOM   112 C  CB  . ALA B 2 13 ? -3.962  2.654   -4.386  1.00 14.22 ?  132 ALA A CB  1 
ATOM   113 N  N   . TYR B 2 14 ? -1.483  3.859   -3.411  1.00 10.02 ?  133 TYR A N   1 
ATOM   114 C  CA  . TYR B 2 14 ? -0.050  4.112   -3.365  1.00 10.36 ?  133 TYR A CA  1 
ATOM   115 C  C   . TYR B 2 14 ? 0.744   2.865   -3.703  1.00 10.09 ?  133 TYR A C   1 
ATOM   116 O  O   . TYR B 2 14 ? 0.496   1.789   -3.154  1.00 12.40 ?  133 TYR A O   1 
ATOM   117 C  CB  . TYR B 2 14 ? 0.399   4.628   -2.003  1.00 12.60 ?  133 TYR A CB  1 
ATOM   118 C  CG  . TYR B 2 14 ? 0.193   6.110   -1.811  1.00 10.01 ?  133 TYR A CG  1 
ATOM   119 C  CD1 . TYR B 2 14 ? -1.024  6.594   -1.366  1.00 13.36 ?  133 TYR A CD1 1 
ATOM   120 C  CD2 . TYR B 2 14 ? 1.210   7.020   -2.090  1.00 12.60 ?  133 TYR A CD2 1 
ATOM   121 C  CE1 . TYR B 2 14 ? -1.232  7.944   -1.173  1.00 12.31 ?  133 TYR A CE1 1 
ATOM   122 C  CE2 . TYR B 2 14 ? 1.010   8.384   -1.924  1.00 12.59 ?  133 TYR A CE2 1 
ATOM   123 C  CZ  . TYR B 2 14 ? -0.219  8.837   -1.455  1.00 14.71 ?  133 TYR A CZ  1 
ATOM   124 O  OH  . TYR B 2 14 ? -0.473  10.176  -1.257  1.00 16.53 ?  133 TYR A OH  1 
ATOM   125 N  N   . ARG B 2 15 ? 1.704   3.027   -4.599  1.00 11.69 ?  134 ARG A N   1 
ATOM   126 C  CA  . ARG B 2 15 ? 2.839   2.131   -4.683  1.00 12.74 ?  134 ARG A CA  1 
ATOM   127 C  C   . ARG B 2 15 ? 3.938   2.671   -3.782  1.00 10.95 ?  134 ARG A C   1 
ATOM   128 O  O   . ARG B 2 15 ? 4.108   3.882   -3.644  1.00 12.30 ?  134 ARG A O   1 
ATOM   129 C  CB  . ARG B 2 15 ? 3.386   2.052   -6.110  1.00 16.67 ?  134 ARG A CB  1 
ATOM   130 C  CG  . ARG B 2 15 ? 2.406   1.673   -7.196  1.00 18.47 ?  134 ARG A CG  1 
ATOM   131 C  CD  . ARG B 2 15 ? 1.999   0.235   -7.116  1.00 17.68 ?  134 ARG A CD  1 
ATOM   132 N  NE  . ARG B 2 15 ? 1.260   -0.157  -8.310  1.00 15.58 ?  134 ARG A NE  1 
ATOM   133 C  CZ  . ARG B 2 15 ? 0.603   -1.300  -8.433  1.00 16.97 ?  134 ARG A CZ  1 
ATOM   134 N  NH1 . ARG B 2 15 ? 0.591   -2.199  -7.454  1.00 15.91 ?  134 ARG A NH1 1 
ATOM   135 N  NH2 . ARG B 2 15 ? -0.064  -1.542  -9.557  1.00 18.04 ?  134 ARG A NH2 1 
ATOM   136 N  N   . CYS B 2 16 ? 4.693   1.732   -3.225  1.00 11.04 ?  135 CYS A N   1 
ATOM   137 C  CA  . CYS B 2 16 ? 5.929   2.142   -2.524  1.00 11.74 ?  135 CYS A CA  1 
ATOM   138 C  C   . CYS B 2 16 ? 6.982   1.085   -2.864  1.00 13.71 ?  135 CYS A C   1 
ATOM   139 O  O   . CYS B 2 16 ? 6.976   0.046   -2.240  1.00 12.75 ?  135 CYS A O   1 
ATOM   140 C  CB  . CYS B 2 16 ? 5.743   2.323   -1.036  1.00 10.03 ?  135 CYS A CB  1 
ATOM   141 S  SG  . CYS B 2 16 ? 7.257   3.032   -0.319  1.00 12.19 ?  135 CYS A SG  1 
ATOM   142 N  N   A ARG B 2 17 ? 7.970   1.463   -3.677  0.55 12.77 ?  136 ARG A N   1 
ATOM   143 N  N   B ARG B 2 17 ? 7.972   1.465   -3.672  0.45 12.77 ?  136 ARG A N   1 
ATOM   144 C  CA  A ARG B 2 17 ? 9.018   0.499   -4.097  0.55 13.47 ?  136 ARG A CA  1 
ATOM   145 C  CA  B ARG B 2 17 ? 9.013   0.496   -4.095  0.45 13.47 ?  136 ARG A CA  1 
ATOM   146 C  C   A ARG B 2 17 ? 9.980   0.251   -2.940  0.55 12.90 ?  136 ARG A C   1 
ATOM   147 C  C   B ARG B 2 17 ? 9.989   0.260   -2.947  0.45 12.88 ?  136 ARG A C   1 
ATOM   148 O  O   A ARG B 2 17 ? 10.648  -0.782  -2.945  0.55 14.85 ?  136 ARG A O   1 
ATOM   149 O  O   B ARG B 2 17 ? 10.644  -0.782  -2.944  0.45 14.85 ?  136 ARG A O   1 
ATOM   150 C  CB  A ARG B 2 17 ? 9.771   1.057   -5.304  0.55 14.00 ?  136 ARG A CB  1 
ATOM   151 C  CB  B ARG B 2 17 ? 9.688   1.025   -5.359  0.45 14.04 ?  136 ARG A CB  1 
ATOM   152 C  CG  A ARG B 2 17 ? 8.870   1.525   -6.436  0.55 16.72 ?  136 ARG A CG  1 
ATOM   153 C  CG  B ARG B 2 17 ? 8.782   0.917   -6.578  0.45 18.81 ?  136 ARG A CG  1 
ATOM   154 C  CD  A ARG B 2 17 ? 7.885   0.451   -6.840  0.55 18.86 ?  136 ARG A CD  1 
ATOM   155 C  CD  B ARG B 2 17 ? 8.971   2.006   -7.611  0.45 23.74 ?  136 ARG A CD  1 
ATOM   156 N  NE  A ARG B 2 17 ? 7.016   0.875   -7.925  0.55 29.50 ?  136 ARG A NE  1 
ATOM   157 N  NE  B ARG B 2 17 ? 8.592   3.322   -7.125  0.45 29.50 ?  136 ARG A NE  1 
ATOM   158 C  CZ  A ARG B 2 17 ? 5.979   0.180   -8.376  0.55 22.46 ?  136 ARG A CZ  1 
ATOM   159 C  CZ  B ARG B 2 17 ? 7.450   3.936   -7.407  0.45 22.46 ?  136 ARG A CZ  1 
ATOM   160 N  NH1 A ARG B 2 17 ? 5.675   -0.986  -7.832  0.55 15.44 ?  136 ARG A NH1 1 
ATOM   161 N  NH1 B ARG B 2 17 ? 6.550   3.350   -8.178  0.45 24.31 ?  136 ARG A NH1 1 
ATOM   162 N  NH2 A ARG B 2 17 ? 5.252   0.655   -9.370  0.55 20.45 ?  136 ARG A NH2 1 
ATOM   163 N  NH2 B ARG B 2 17 ? 7.213   5.136   -6.914  0.45 20.45 ?  136 ARG A NH2 1 
ATOM   164 N  N   . THR B 2 18 ? 9.941   1.111   -1.922  1.00 12.76 ?  137 THR A N   1 
ATOM   165 C  CA  . THR B 2 18 ? 10.802  0.909   -0.729  1.00 12.64 ?  137 THR A CA  1 
ATOM   166 C  C   . THR B 2 18 ? 10.172  -0.189  0.150   1.00 14.48 ?  137 THR A C   1 
ATOM   167 O  O   . THR B 2 18 ? 10.910  -0.991  0.684   1.00 13.93 ?  137 THR A O   1 
ATOM   168 C  CB  . THR B 2 18 ? 10.970  2.230   0.047   1.00 13.04 ?  137 THR A CB  1 
ATOM   169 O  OG1 . THR B 2 18 ? 11.491  3.199   -0.861  1.00 12.18 ?  137 THR A OG1 1 
ATOM   170 C  CG2 . THR B 2 18 ? 11.880  2.095   1.246   1.00 11.05 ?  137 THR A CG2 1 
ATOM   171 N  N   . CYS B 2 19 ? 8.847   -0.229  0.230   1.00 14.27 ?  138 CYS A N   1 
ATOM   172 C  CA  . CYS B 2 19 ? 8.181   -1.132  1.165   1.00 14.36 ?  138 CYS A CA  1 
ATOM   173 C  C   . CYS B 2 19 ? 7.679   -2.419  0.527   1.00 13.14 ?  138 CYS A C   1 
ATOM   174 O  O   . CYS B 2 19 ? 7.456   -3.402  1.245   1.00 13.96 ?  138 CYS A O   1 
ATOM   175 C  CB  . CYS B 2 19 ? 6.995   -0.424  1.829   1.00 15.19 ?  138 CYS A CB  1 
ATOM   176 S  SG  . CYS B 2 19 ? 7.470   0.872   2.964   1.00 14.33 ?  138 CYS A SG  1 
ATOM   177 N  N   . GLU B 2 20 ? 7.473   -2.439  -0.785  1.00 12.96 ?  139 GLU A N   1 
ATOM   178 C  CA  . GLU B 2 20 ? 6.817   -3.568  -1.427  1.00 14.28 ?  139 GLU A CA  1 
ATOM   179 C  C   . GLU B 2 20 ? 7.716   -4.799  -1.414  1.00 12.53 ?  139 GLU A C   1 
ATOM   180 O  O   . GLU B 2 20 ? 8.950   -4.701  -1.363  1.00 17.26 ?  139 GLU A O   1 
ATOM   181 C  CB  . GLU B 2 20 ? 6.466   -3.227  -2.881  1.00 13.38 ?  139 GLU A CB  1 
ATOM   182 C  CG  . GLU B 2 20 ? 7.697   -3.225  -3.790  1.00 12.16 ?  139 GLU A CG  1 
ATOM   183 C  CD  . GLU B 2 20 ? 7.436   -2.703  -5.199  1.00 18.63 ?  139 GLU A CD  1 
ATOM   184 O  OE1 . GLU B 2 20 ? 6.483   -1.924  -5.410  1.00 15.23 ?  139 GLU A OE1 1 
ATOM   185 O  OE2 . GLU B 2 20 ? 8.192   -3.089  -6.112  1.00 17.30 -1 139 GLU A OE2 1 
ATOM   186 N  N   . HIS B 2 21 ? 7.085   -5.970  -1.518  1.00 13.77 ?  140 HIS A N   1 
ATOM   187 C  CA  . HIS B 2 21 ? 7.834   -7.174  -1.826  1.00 14.39 ?  140 HIS A CA  1 
ATOM   188 C  C   . HIS B 2 21 ? 7.669   -7.613  -3.271  1.00 21.55 ?  140 HIS A C   1 
ATOM   189 O  O   . HIS B 2 21 ? 8.393   -8.511  -3.712  1.00 21.32 ?  140 HIS A O   1 
ATOM   190 C  CB  . HIS B 2 21 ? 7.472   -8.312  -0.860  1.00 15.92 ?  140 HIS A CB  1 
ATOM   191 C  CG  . HIS B 2 21 ? 8.029   -8.117  0.515   1.00 14.67 ?  140 HIS A CG  1 
ATOM   192 N  ND1 . HIS B 2 21 ? 9.372   -7.900  0.750   1.00 19.18 ?  140 HIS A ND1 1 
ATOM   193 C  CD2 . HIS B 2 21 ? 7.431   -8.125  1.731   1.00 16.56 ?  140 HIS A CD2 1 
ATOM   194 C  CE1 . HIS B 2 21 ? 9.572   -7.760  2.049   1.00 17.50 ?  140 HIS A CE1 1 
ATOM   195 N  NE2 . HIS B 2 21 ? 8.413   -7.901  2.668   1.00 17.02 ?  140 HIS A NE2 1 
ATOM   196 N  N   . ASP B 2 22 ? 6.787   -6.973  -4.032  1.00 17.24 ?  141 ASP A N   1 
ATOM   197 C  CA  . ASP B 2 22 ? 6.749   -7.185  -5.471  1.00 19.08 ?  141 ASP A CA  1 
ATOM   198 C  C   . ASP B 2 22 ? 6.034   -6.004  -6.113  1.00 15.85 ?  141 ASP A C   1 
ATOM   199 O  O   . ASP B 2 22 ? 5.342   -5.242  -5.427  1.00 14.32 ?  141 ASP A O   1 
ATOM   200 C  CB  . ASP B 2 22 ? 6.085   -8.531  -5.822  1.00 18.50 ?  141 ASP A CB  1 
ATOM   201 C  CG  . ASP B 2 22 ? 4.584   -8.487  -5.786  1.00 26.92 ?  141 ASP A CG  1 
ATOM   202 O  OD1 . ASP B 2 22 ? 3.967   -7.930  -6.723  1.00 27.55 -1 141 ASP A OD1 1 
ATOM   203 O  OD2 . ASP B 2 22 ? 4.028   -9.033  -4.810  1.00 28.39 ?  141 ASP A OD2 1 
ATOM   204 N  N   . PRO B 2 23 ? 6.222   -5.792  -7.419  1.00 17.63 ?  142 PRO A N   1 
ATOM   205 C  CA  . PRO B 2 23 ? 5.714   -4.558  -8.031  1.00 17.63 ?  142 PRO A CA  1 
ATOM   206 C  C   . PRO B 2 23 ? 4.201   -4.459  -8.095  1.00 14.40 ?  142 PRO A C   1 
ATOM   207 O  O   . PRO B 2 23 ? 3.714   -3.369  -8.414  1.00 16.68 ?  142 PRO A O   1 
ATOM   208 C  CB  . PRO B 2 23 ? 6.334   -4.568  -9.439  1.00 20.72 ?  142 PRO A CB  1 
ATOM   209 C  CG  . PRO B 2 23 ? 7.329   -5.666  -9.444  1.00 21.00 ?  142 PRO A CG  1 
ATOM   210 C  CD  . PRO B 2 23 ? 6.947   -6.633  -8.387  1.00 19.49 ?  142 PRO A CD  1 
ATOM   211 N  N   . THR B 2 24 ? 3.446   -5.528  -7.803  1.00 15.27 ?  143 THR A N   1 
ATOM   212 C  CA  . THR B 2 24 ? 1.993   -5.419  -7.767  1.00 15.25 ?  143 THR A CA  1 
ATOM   213 C  C   . THR B 2 24 ? 1.466   -5.026  -6.396  1.00 16.77 ?  143 THR A C   1 
ATOM   214 O  O   . THR B 2 24 ? 0.257   -4.853  -6.241  1.00 16.00 ?  143 THR A O   1 
ATOM   215 C  CB  . THR B 2 24 ? 1.309   -6.724  -8.202  1.00 18.58 ?  143 THR A CB  1 
ATOM   216 O  OG1 . THR B 2 24 ? 1.451   -7.724  -7.186  1.00 22.06 ?  143 THR A OG1 1 
ATOM   217 C  CG2 . THR B 2 24 ? 1.903   -7.239  -9.500  1.00 21.52 ?  143 THR A CG2 1 
ATOM   218 N  N   . CYS B 2 25 ? 2.330   -4.888  -5.399  1.00 14.46 ?  144 CYS A N   1 
ATOM   219 C  CA  . CYS B 2 25 ? 1.848   -4.507  -4.083  1.00 15.29 ?  144 CYS A CA  1 
ATOM   220 C  C   . CYS B 2 25 ? 1.374   -3.052  -4.072  1.00 13.84 ?  144 CYS A C   1 
ATOM   221 O  O   . CYS B 2 25 ? 1.841   -2.212  -4.849  1.00 14.41 ?  144 CYS A O   1 
ATOM   222 C  CB  . CYS B 2 25 ? 2.949   -4.732  -3.043  1.00 14.28 ?  144 CYS A CB  1 
ATOM   223 S  SG  . CYS B 2 25 ? 3.430   -6.469  -2.911  1.00 17.72 ?  144 CYS A SG  1 
ATOM   224 N  N   . ALA B 2 26 ? 0.426   -2.767  -3.179  1.00 14.04 ?  145 ALA A N   1 
ATOM   225 C  CA  . ALA B 2 26 ? -0.127  -1.424  -3.054  1.00 12.40 ?  145 ALA A CA  1 
ATOM   226 C  C   . ALA B 2 26 ? -0.838  -1.289  -1.715  1.00 11.70 ?  145 ALA A C   1 
ATOM   227 O  O   . ALA B 2 26 ? -1.331  -2.279  -1.157  1.00 13.81 ?  145 ALA A O   1 
ATOM   228 C  CB  . ALA B 2 26 ? -1.100  -1.098  -4.191  1.00 14.92 ?  145 ALA A CB  1 
ATOM   229 N  N   . ILE B 2 27 ? -0.906  -0.049  -1.214  1.00 11.11 ?  146 ILE A N   1 
ATOM   230 C  CA  . ILE B 2 27 ? -1.705  0.251   -0.035  1.00 12.49 ?  146 ILE A CA  1 
ATOM   231 C  C   . ILE B 2 27 ? -2.669  1.393   -0.325  1.00 11.06 ?  146 ILE A C   1 
ATOM   232 O  O   . ILE B 2 27 ? -2.431  2.240   -1.191  1.00 12.26 ?  146 ILE A O   1 
ATOM   233 C  CB  . ILE B 2 27 ? -0.842  0.562   1.211   1.00 11.33 ?  146 ILE A CB  1 
ATOM   234 C  CG1 . ILE B 2 27 ? -0.014  1.837   1.042   1.00 12.08 ?  146 ILE A CG1 1 
ATOM   235 C  CG2 . ILE B 2 27 ? 0.037   -0.635  1.575   1.00 13.47 ?  146 ILE A CG2 1 
ATOM   236 C  CD1 . ILE B 2 27 ? 0.734   2.195   2.318   1.00 11.56 ?  146 ILE A CD1 1 
ATOM   237 N  N   . CYS B 2 28 ? -3.791  1.386   0.386   1.00 11.31 ?  147 CYS A N   1 
ATOM   238 C  CA  . CYS B 2 28 ? -4.803  2.406   0.189   1.00 8.90  ?  147 CYS A CA  1 
ATOM   239 C  C   . CYS B 2 28 ? -4.296  3.768   0.655   1.00 11.07 ?  147 CYS A C   1 
ATOM   240 O  O   . CYS B 2 28 ? -3.327  3.883   1.416   1.00 11.21 ?  147 CYS A O   1 
ATOM   241 C  CB  . CYS B 2 28 ? -6.089  2.015   0.935   1.00 10.25 ?  147 CYS A CB  1 
ATOM   242 S  SG  . CYS B 2 28 ? -6.034  2.075   2.749   1.00 12.96 ?  147 CYS A SG  1 
ATOM   243 N  N   . VAL B 2 29 ? -4.967  4.822   0.188   1.00 10.82 ?  148 VAL A N   1 
ATOM   244 C  CA  . VAL B 2 29 ? -4.539  6.178   0.537   1.00 12.49 ?  148 VAL A CA  1 
ATOM   245 C  C   . VAL B 2 29 ? -4.514  6.397   2.048   1.00 10.84 ?  148 VAL A C   1 
ATOM   246 O  O   . VAL B 2 29 ? -3.503  6.903   2.561   1.00 12.69 ?  148 VAL A O   1 
ATOM   247 C  CB  . VAL B 2 29 ? -5.398  7.214   -0.206  1.00 12.54 ?  148 VAL A CB  1 
ATOM   248 C  CG1 . VAL B 2 29 ? -5.190  8.600   0.387   1.00 14.76 ?  148 VAL A CG1 1 
ATOM   249 C  CG2 . VAL B 2 29 ? -5.085  7.193   -1.691  1.00 12.48 ?  148 VAL A CG2 1 
ATOM   250 N  N   . PRO B 2 30 ? -5.545  6.034   2.818   1.00 12.26 ?  149 PRO A N   1 
ATOM   251 C  CA  . PRO B 2 30 ? -5.445  6.265   4.268   1.00 12.47 ?  149 PRO A CA  1 
ATOM   252 C  C   . PRO B 2 30 ? -4.318  5.497   4.937   1.00 11.66 ?  149 PRO A C   1 
ATOM   253 O  O   . PRO B 2 30 ? -3.693  6.028   5.869   1.00 16.13 ?  149 PRO A O   1 
ATOM   254 C  CB  . PRO B 2 30 ? -6.823  5.849   4.798   1.00 15.44 ?  149 PRO A CB  1 
ATOM   255 C  CG  . PRO B 2 30 ? -7.715  5.790   3.636   1.00 16.91 ?  149 PRO A CG  1 
ATOM   256 C  CD  . PRO B 2 30 ? -6.903  5.643   2.396   1.00 15.12 ?  149 PRO A CD  1 
ATOM   257 N  N   . CYS B 2 31 ? -4.036  4.260   4.508   1.00 11.41 ?  150 CYS A N   1 
ATOM   258 C  CA  . CYS B 2 31 ? -2.906  3.545   5.097   1.00 10.67 ?  150 CYS A CA  1 
ATOM   259 C  C   . CYS B 2 31 ? -1.586  4.231   4.773   1.00 11.68 ?  150 CYS A C   1 
ATOM   260 O  O   . CYS B 2 31 ? -0.680  4.269   5.611   1.00 12.26 ?  150 CYS A O   1 
ATOM   261 C  CB  . CYS B 2 31 ? -2.888  2.095   4.628   1.00 10.29 ?  150 CYS A CB  1 
ATOM   262 S  SG  . CYS B 2 31 ? -4.105  1.123   5.493   1.00 12.32 ?  150 CYS A SG  1 
ATOM   263 N  N   . PHE B 2 32 ? -1.454  4.778   3.570   1.00 11.39 ?  151 PHE A N   1 
ATOM   264 C  CA  . PHE B 2 32 ? -0.241  5.526   3.267   1.00 11.51 ?  151 PHE A CA  1 
ATOM   265 C  C   . PHE B 2 32 ? -0.118  6.748   4.168   1.00 12.86 ?  151 PHE A C   1 
ATOM   266 O  O   . PHE B 2 32 ? 0.938   7.005   4.761   1.00 12.26 ?  151 PHE A O   1 
ATOM   267 C  CB  . PHE B 2 32 ? -0.224  5.959   1.810   1.00 9.96  ?  151 PHE A CB  1 
ATOM   268 C  CG  . PHE B 2 32 ? 1.038   6.681   1.435   1.00 11.01 ?  151 PHE A CG  1 
ATOM   269 C  CD1 . PHE B 2 32 ? 2.194   5.973   1.127   1.00 13.38 ?  151 PHE A CD1 1 
ATOM   270 C  CD2 . PHE B 2 32 ? 1.094   8.058   1.498   1.00 10.90 ?  151 PHE A CD2 1 
ATOM   271 C  CE1 . PHE B 2 32 ? 3.386   6.641   0.813   1.00 14.21 ?  151 PHE A CE1 1 
ATOM   272 C  CE2 . PHE B 2 32 ? 2.286   8.734   1.196   1.00 14.61 ?  151 PHE A CE2 1 
ATOM   273 C  CZ  . PHE B 2 32 ? 3.414   8.021   0.863   1.00 13.63 ?  151 PHE A CZ  1 
ATOM   274 N  N   . GLN B 2 33 ? -1.199  7.521   4.270   1.00 10.98 ?  152 GLN A N   1 
ATOM   275 C  CA  . GLN B 2 33 ? -1.181  8.736   5.074   1.00 12.64 ?  152 GLN A CA  1 
ATOM   276 C  C   . GLN B 2 33 ? -0.836  8.446   6.526   1.00 13.03 ?  152 GLN A C   1 
ATOM   277 O  O   . GLN B 2 33 ? -0.121  9.218   7.164   1.00 15.66 ?  152 GLN A O   1 
ATOM   278 C  CB  . GLN B 2 33 ? -2.528  9.436   4.995   1.00 12.45 ?  152 GLN A CB  1 
ATOM   279 C  CG  . GLN B 2 33 ? -2.852  9.966   3.619   1.00 12.51 ?  152 GLN A CG  1 
ATOM   280 C  CD  . GLN B 2 33 ? -4.262  10.522  3.525   1.00 17.76 ?  152 GLN A CD  1 
ATOM   281 O  OE1 . GLN B 2 33 ? -5.126  10.253  4.385   1.00 18.44 ?  152 GLN A OE1 1 
ATOM   282 N  NE2 . GLN B 2 33 ? -4.504  11.319  2.486   1.00 18.02 ?  152 GLN A NE2 1 
ATOM   283 N  N   . ASN B 2 34 ? -1.334  7.346   7.070   1.00 12.51 ?  153 ASN A N   1 
ATOM   284 C  CA  . ASN B 2 34 ? -1.086  7.037   8.469   1.00 12.77 ?  153 ASN A CA  1 
ATOM   285 C  C   . ASN B 2 34 ? 0.176   6.209   8.693   1.00 13.14 ?  153 ASN A C   1 
ATOM   286 O  O   . ASN B 2 34 ? 0.365   5.669   9.782   1.00 13.78 ?  153 ASN A O   1 
ATOM   287 C  CB  . ASN B 2 34 ? -2.311  6.341   9.058   1.00 14.18 ?  153 ASN A CB  1 
ATOM   288 C  CG  . ASN B 2 34 ? -3.456  7.294   9.259   1.00 17.56 ?  153 ASN A CG  1 
ATOM   289 O  OD1 . ASN B 2 34 ? -3.246  8.473   9.527   1.00 20.94 ?  153 ASN A OD1 1 
ATOM   290 N  ND2 . ASN B 2 34 ? -4.671  6.798   9.144   1.00 17.87 ?  153 ASN A ND2 1 
ATOM   291 N  N   . GLY B 2 35 ? 1.057   6.113   7.696   1.00 13.49 ?  154 GLY A N   1 
ATOM   292 C  CA  . GLY B 2 35 ? 2.331   5.448   7.840   1.00 15.00 ?  154 GLY A CA  1 
ATOM   293 C  C   . GLY B 2 35 ? 3.482   6.405   7.564   1.00 14.08 ?  154 GLY A C   1 
ATOM   294 O  O   . GLY B 2 35 ? 3.295   7.605   7.348   1.00 15.69 ?  154 GLY A O   1 
ATOM   295 N  N   . ASN B 2 36 ? 4.685   5.843   7.585   1.00 12.72 ?  155 ASN A N   1 
ATOM   296 C  CA  . ASN B 2 36 ? 5.918   6.617   7.538   1.00 15.80 ?  155 ASN A CA  1 
ATOM   297 C  C   . ASN B 2 36 ? 6.684   6.208   6.286   1.00 14.88 ?  155 ASN A C   1 
ATOM   298 O  O   . ASN B 2 36 ? 7.297   5.138   6.253   1.00 15.13 ?  155 ASN A O   1 
ATOM   299 C  CB  . ASN B 2 36 ? 6.715   6.384   8.814   1.00 18.78 ?  155 ASN A CB  1 
ATOM   300 C  CG  . ASN B 2 36 ? 5.878   6.641   10.062  1.00 20.96 ?  155 ASN A CG  1 
ATOM   301 O  OD1 . ASN B 2 36 ? 5.176   7.655   10.146  1.00 20.47 ?  155 ASN A OD1 1 
ATOM   302 N  ND2 . ASN B 2 36 ? 5.930   5.720   11.024  1.00 22.77 ?  155 ASN A ND2 1 
ATOM   303 N  N   . HIS B 2 37 ? 6.644   7.051   5.261   1.00 13.99 ?  156 HIS A N   1 
ATOM   304 C  CA  . HIS B 2 37 ? 7.333   6.760   4.006   1.00 14.15 ?  156 HIS A CA  1 
ATOM   305 C  C   . HIS B 2 37 ? 8.175   7.935   3.550   1.00 16.76 ?  156 HIS A C   1 
ATOM   306 O  O   . HIS B 2 37 ? 8.383   8.130   2.344   1.00 15.45 ?  156 HIS A O   1 
ATOM   307 C  CB  . HIS B 2 37 ? 6.347   6.371   2.906   1.00 12.42 ?  156 HIS A CB  1 
ATOM   308 C  CG  . HIS B 2 37 ? 5.473   5.223   3.277   1.00 11.42 ?  156 HIS A CG  1 
ATOM   309 N  ND1 . HIS B 2 37 ? 5.810   3.918   2.999   1.00 12.13 ?  156 HIS A ND1 1 
ATOM   310 C  CD2 . HIS B 2 37 ? 4.301   5.177   3.955   1.00 13.72 ?  156 HIS A CD2 1 
ATOM   311 C  CE1 . HIS B 2 37 ? 4.874   3.115   3.475   1.00 13.35 ?  156 HIS A CE1 1 
ATOM   312 N  NE2 . HIS B 2 37 ? 3.947   3.855   4.054   1.00 13.03 ?  156 HIS A NE2 1 
ATOM   313 N  N   . LYS B 2 38 ? 8.664   8.738   4.487   1.00 18.55 ?  157 LYS A N   1 
ATOM   314 C  CA  . LYS B 2 38 ? 9.508   9.841   4.066   1.00 16.52 ?  157 LYS A CA  1 
ATOM   315 C  C   . LYS B 2 38 ? 10.829  9.327   3.510   1.00 16.92 ?  157 LYS A C   1 
ATOM   316 O  O   . LYS B 2 38 ? 11.450  8.396   4.042   1.00 17.10 ?  157 LYS A O   1 
ATOM   317 C  CB  . LYS B 2 38 ? 9.700   10.872  5.181   1.00 21.06 ?  157 LYS A CB  1 
ATOM   318 C  CG  . LYS B 2 38 ? 8.371   11.430  5.693   1.00 20.84 ?  157 LYS A CG  1 
ATOM   319 C  CD  . LYS B 2 38 ? 8.553   12.549  6.698   1.00 24.21 ?  157 LYS A CD  1 
ATOM   320 C  CE  . LYS B 2 38 ? 7.238   12.871  7.374   1.00 23.69 ?  157 LYS A CE  1 
ATOM   321 N  NZ  . LYS B 2 38 ? 7.404   13.927  8.411   1.00 27.12 ?  157 LYS A NZ  1 
ATOM   322 N  N   . ASP B 2 39 ? 11.200  9.906   2.382   1.00 17.29 ?  158 ASP A N   1 
ATOM   323 C  CA  . ASP B 2 39 ? 12.333  9.528   1.554   1.00 17.85 ?  158 ASP A CA  1 
ATOM   324 C  C   . ASP B 2 39 ? 12.152  8.160   0.910   1.00 14.68 ?  158 ASP A C   1 
ATOM   325 O  O   . ASP B 2 39 ? 13.098  7.642   0.322   1.00 13.32 ?  158 ASP A O   1 
ATOM   326 C  CB  . ASP B 2 39 ? 13.649  9.579   2.339   1.00 18.22 ?  158 ASP A CB  1 
ATOM   327 C  CG  . ASP B 2 39 ? 14.302  10.953  2.282   1.00 19.41 ?  158 ASP A CG  1 
ATOM   328 O  OD1 . ASP B 2 39 ? 14.065  11.710  1.310   1.00 20.99 ?  158 ASP A OD1 1 
ATOM   329 O  OD2 . ASP B 2 39 ? 15.036  11.290  3.233   1.00 26.15 -1 158 ASP A OD2 1 
ATOM   330 N  N   . HIS B 2 40 ? 10.961  7.563   0.997   1.00 11.57 ?  159 HIS A N   1 
ATOM   331 C  CA  . HIS B 2 40 ? 10.689  6.347   0.240   1.00 10.43 ?  159 HIS A CA  1 
ATOM   332 C  C   . HIS B 2 40 ? 10.413  6.674   -1.224  1.00 13.32 ?  159 HIS A C   1 
ATOM   333 O  O   . HIS B 2 40 ? 10.026  7.791   -1.587  1.00 12.62 ?  159 HIS A O   1 
ATOM   334 C  CB  . HIS B 2 40 ? 9.493   5.582   0.828   1.00 11.67 ?  159 HIS A CB  1 
ATOM   335 C  CG  . HIS B 2 40 ? 9.761   4.987   2.169   1.00 10.87 ?  159 HIS A CG  1 
ATOM   336 N  ND1 . HIS B 2 40 ? 8.983   3.983   2.713   1.00 11.43 ?  159 HIS A ND1 1 
ATOM   337 C  CD2 . HIS B 2 40 ? 10.730  5.250   3.076   1.00 12.01 ?  159 HIS A CD2 1 
ATOM   338 C  CE1 . HIS B 2 40 ? 9.462   3.663   3.902   1.00 13.58 ?  159 HIS A CE1 1 
ATOM   339 N  NE2 . HIS B 2 40 ? 10.525  4.411   4.142   1.00 11.95 ?  159 HIS A NE2 1 
ATOM   340 N  N   . ASP B 2 41 ? 10.577  5.658   -2.066  1.00 11.70 ?  160 ASP A N   1 
ATOM   341 C  CA  . ASP B 2 41 ? 10.254  5.765   -3.483  1.00 12.15 ?  160 ASP A CA  1 
ATOM   342 C  C   . ASP B 2 41 ? 8.790   5.380   -3.657  1.00 12.21 ?  160 ASP A C   1 
ATOM   343 O  O   . ASP B 2 41 ? 8.449   4.281   -4.094  1.00 13.46 ?  160 ASP A O   1 
ATOM   344 C  CB  . ASP B 2 41 ? 11.159  4.863   -4.303  1.00 12.85 ?  160 ASP A CB  1 
ATOM   345 C  CG  . ASP B 2 41 ? 10.831  4.890   -5.780  1.00 13.52 ?  160 ASP A CG  1 
ATOM   346 O  OD1 . ASP B 2 41 ? 10.209  5.862   -6.246  1.00 14.48 ?  160 ASP A OD1 1 
ATOM   347 O  OD2 . ASP B 2 41 ? 11.210  3.924   -6.474  1.00 15.24 -1 160 ASP A OD2 1 
ATOM   348 N  N   . TYR B 2 42 ? 7.915   6.314   -3.321  1.00 10.53 ?  161 TYR A N   1 
ATOM   349 C  CA  . TYR B 2 42 ? 6.483   6.064   -3.405  1.00 12.57 ?  161 TYR A CA  1 
ATOM   350 C  C   . TYR B 2 42 ? 5.853   6.898   -4.508  1.00 15.11 ?  161 TYR A C   1 
ATOM   351 O  O   . TYR B 2 42 ? 6.381   7.935   -4.923  1.00 14.25 ?  161 TYR A O   1 
ATOM   352 C  CB  . TYR B 2 42 ? 5.777   6.361   -2.076  1.00 14.16 ?  161 TYR A CB  1 
ATOM   353 C  CG  . TYR B 2 42 ? 5.792   7.816   -1.639  1.00 11.83 ?  161 TYR A CG  1 
ATOM   354 C  CD1 . TYR B 2 42 ? 4.853   8.733   -2.130  1.00 12.32 ?  161 TYR A CD1 1 
ATOM   355 C  CD2 . TYR B 2 42 ? 6.705   8.259   -0.693  1.00 15.07 ?  161 TYR A CD2 1 
ATOM   356 C  CE1 . TYR B 2 42 ? 4.868   10.050  -1.720  1.00 15.00 ?  161 TYR A CE1 1 
ATOM   357 C  CE2 . TYR B 2 42 ? 6.717   9.573   -0.270  1.00 15.23 ?  161 TYR A CE2 1 
ATOM   358 C  CZ  . TYR B 2 42 ? 5.806   10.463  -0.791  1.00 18.88 ?  161 TYR A CZ  1 
ATOM   359 O  OH  . TYR B 2 42 ? 5.829   11.771  -0.366  1.00 23.26 ?  161 TYR A OH  1 
ATOM   360 N  N   . SER B 2 43 ? 4.688   6.446   -4.962  1.00 14.70 ?  162 SER A N   1 
ATOM   361 C  CA  A SER B 2 43 ? 3.931   7.160   -5.985  0.74 13.14 ?  162 SER A CA  1 
ATOM   362 C  CA  B SER B 2 43 ? 3.933   7.198   -5.951  0.26 13.20 ?  162 SER A CA  1 
ATOM   363 C  C   . SER B 2 43 ? 2.451   6.942   -5.741  1.00 11.93 ?  162 SER A C   1 
ATOM   364 O  O   . SER B 2 43 ? 2.024   5.795   -5.581  1.00 14.05 ?  162 SER A O   1 
ATOM   365 C  CB  A SER B 2 43 ? 4.293   6.680   -7.395  0.74 15.76 ?  162 SER A CB  1 
ATOM   366 C  CB  B SER B 2 43 ? 4.347   6.821   -7.378  0.26 15.79 ?  162 SER A CB  1 
ATOM   367 O  OG  A SER B 2 43 ? 5.642   6.955   -7.714  0.74 16.53 ?  162 SER A OG  1 
ATOM   368 O  OG  B SER B 2 43 ? 4.054   5.467   -7.652  0.26 14.94 ?  162 SER A OG  1 
ATOM   369 N  N   . ILE B 2 44 ? 1.681   8.021   -5.704  1.00 12.08 ?  163 ILE A N   1 
ATOM   370 C  CA  . ILE B 2 44 ? 0.231   7.892   -5.780  1.00 11.74 ?  163 ILE A CA  1 
ATOM   371 C  C   . ILE B 2 44 ? -0.130  7.661   -7.239  1.00 13.04 ?  163 ILE A C   1 
ATOM   372 O  O   . ILE B 2 44 ? 0.392   8.350   -8.128  1.00 12.70 ?  163 ILE A O   1 
ATOM   373 C  CB  . ILE B 2 44 ? -0.476  9.136   -5.200  1.00 11.03 ?  163 ILE A CB  1 
ATOM   374 C  CG1 . ILE B 2 44 ? -1.972  8.870   -4.995  1.00 13.01 ?  163 ILE A CG1 1 
ATOM   375 C  CG2 . ILE B 2 44 ? -0.233  10.405  -6.019  1.00 13.98 ?  163 ILE A CG2 1 
ATOM   376 C  CD1 . ILE B 2 44 ? -2.655  9.955   -4.229  1.00 13.16 ?  163 ILE A CD1 1 
ATOM   377 N  N   . MET B 2 45 ? -0.986  6.676   -7.501  1.00 11.80 ?  164 MET A N   1 
ATOM   378 C  CA  . MET B 2 45 ? -1.335  6.382   -8.888  1.00 11.10 ?  164 MET A CA  1 
ATOM   379 C  C   . MET B 2 45 ? -2.550  5.469   -8.908  1.00 11.29 ?  164 MET A C   1 
ATOM   380 O  O   . MET B 2 45 ? -3.030  5.015   -7.867  1.00 13.44 ?  164 MET A O   1 
ATOM   381 C  CB  . MET B 2 45 ? -0.220  5.683   -9.672  1.00 17.10 ?  164 MET A CB  1 
ATOM   382 C  CG  . MET B 2 45 ? 0.383   4.479   -8.967  1.00 15.40 ?  164 MET A CG  1 
ATOM   383 S  SD  . MET B 2 45 ? 1.962   4.027   -9.723  1.00 22.16 ?  164 MET A SD  1 
ATOM   384 C  CE  . MET B 2 45 ? 1.501   4.025   -11.471 1.00 18.21 ?  164 MET A CE  1 
ATOM   385 N  N   . TYR B 2 46 ? -3.017  5.176   -10.120 1.00 12.64 ?  165 TYR A N   1 
ATOM   386 C  CA  . TYR B 2 46 ? -4.012  4.136   -10.330 1.00 13.04 ?  165 TYR A CA  1 
ATOM   387 C  C   . TYR B 2 46 ? -3.314  2.788   -10.481 1.00 14.21 ?  165 TYR A C   1 
ATOM   388 O  O   . TYR B 2 46 ? -2.149  2.709   -10.882 1.00 13.65 ?  165 TYR A O   1 
ATOM   389 C  CB  . TYR B 2 46 ? -4.864  4.455   -11.558 1.00 12.38 ?  165 TYR A CB  1 
ATOM   390 C  CG  . TYR B 2 46 ? -5.555  5.780   -11.404 1.00 10.39 ?  165 TYR A CG  1 
ATOM   391 C  CD1 . TYR B 2 46 ? -6.689  5.900   -10.616 1.00 13.51 ?  165 TYR A CD1 1 
ATOM   392 C  CD2 . TYR B 2 46 ? -5.045  6.925   -12.012 1.00 12.04 ?  165 TYR A CD2 1 
ATOM   393 C  CE1 . TYR B 2 46 ? -7.315  7.117   -10.458 1.00 16.01 ?  165 TYR A CE1 1 
ATOM   394 C  CE2 . TYR B 2 46 ? -5.660  8.143   -11.856 1.00 13.41 ?  165 TYR A CE2 1 
ATOM   395 C  CZ  . TYR B 2 46 ? -6.787  8.231   -11.075 1.00 13.21 ?  165 TYR A CZ  1 
ATOM   396 O  OH  . TYR B 2 46 ? -7.409  9.446   -10.913 1.00 15.44 ?  165 TYR A OH  1 
ATOM   397 N  N   . THR B 2 47 ? -4.024  1.725   -10.119 1.00 12.68 ?  166 THR A N   1 
ATOM   398 C  CA  . THR B 2 47 ? -3.443  0.390   -10.091 1.00 11.95 ?  166 THR A CA  1 
ATOM   399 C  C   . THR B 2 47 ? -4.352  -0.648  -10.735 1.00 13.17 ?  166 THR A C   1 
ATOM   400 O  O   . THR B 2 47 ? -4.118  -1.847  -10.545 1.00 15.98 ?  166 THR A O   1 
ATOM   401 C  CB  . THR B 2 47 ? -3.129  -0.069  -8.659  1.00 11.31 ?  166 THR A CB  1 
ATOM   402 O  OG1 . THR B 2 47 ? -4.354  -0.291  -7.944  1.00 13.16 ?  166 THR A OG1 1 
ATOM   403 C  CG2 . THR B 2 47 ? -2.289  0.957   -7.884  1.00 11.84 ?  166 THR A CG2 1 
ATOM   404 N  N   . GLY B 2 48 ? -5.369  -0.226  -11.484 1.00 12.53 ?  167 GLY A N   1 
ATOM   405 C  CA  . GLY B 2 48 ? -6.374  -1.150  -11.978 1.00 13.86 ?  167 GLY A CA  1 
ATOM   406 C  C   . GLY B 2 48 ? -7.216  -1.772  -10.886 1.00 14.31 ?  167 GLY A C   1 
ATOM   407 O  O   . GLY B 2 48 ? -7.709  -2.889  -11.051 1.00 18.81 ?  167 GLY A O   1 
ATOM   408 N  N   . GLY B 2 49 ? -7.406  -1.067  -9.774  1.00 11.77 ?  168 GLY A N   1 
ATOM   409 C  CA  . GLY B 2 49 ? -8.122  -1.618  -8.634  1.00 13.91 ?  168 GLY A CA  1 
ATOM   410 C  C   . GLY B 2 49 ? -7.191  -2.417  -7.747  1.00 15.67 ?  168 GLY A C   1 
ATOM   411 O  O   . GLY B 2 49 ? -6.005  -2.608  -8.046  1.00 15.06 ?  168 GLY A O   1 
ATOM   412 N  N   . GLY B 2 50 ? -7.709  -2.880  -6.618  1.00 13.40 ?  169 GLY A N   1 
ATOM   413 C  CA  . GLY B 2 50 ? -6.895  -3.741  -5.790  1.00 14.85 ?  169 GLY A CA  1 
ATOM   414 C  C   . GLY B 2 50 ? -7.426  -3.860  -4.378  1.00 14.92 ?  169 GLY A C   1 
ATOM   415 O  O   . GLY B 2 50 ? -8.507  -3.376  -4.055  1.00 13.15 ?  169 GLY A O   1 
ATOM   416 N  N   . CYS B 2 51 ? -6.630  -4.551  -3.563  1.00 14.08 ?  170 CYS A N   1 
ATOM   417 C  CA  A CYS B 2 51 ? -6.882  -4.782  -2.145  0.64 15.42 ?  170 CYS A CA  1 
ATOM   418 C  CA  B CYS B 2 51 ? -6.896  -4.758  -2.149  0.36 15.40 ?  170 CYS A CA  1 
ATOM   419 C  C   . CYS B 2 51 ? -5.657  -4.353  -1.362  1.00 13.44 ?  170 CYS A C   1 
ATOM   420 O  O   . CYS B 2 51 ? -4.525  -4.632  -1.775  1.00 17.77 ?  170 CYS A O   1 
ATOM   421 C  CB  A CYS B 2 51 ? -7.145  -6.254  -1.835  0.64 17.35 ?  170 CYS A CB  1 
ATOM   422 C  CB  B CYS B 2 51 ? -7.256  -6.221  -1.862  0.36 17.34 ?  170 CYS A CB  1 
ATOM   423 S  SG  A CYS B 2 51 ? -8.586  -6.959  -2.600  0.64 24.13 ?  170 CYS A SG  1 
ATOM   424 S  SG  B CYS B 2 51 ? -8.342  -6.463  -0.442  0.36 17.39 ?  170 CYS A SG  1 
ATOM   425 N  N   . CYS B 2 52 ? -5.872  -3.693  -0.230  1.00 15.06 ?  171 CYS A N   1 
ATOM   426 C  CA  . CYS B 2 52 ? -4.751  -3.104  0.492   1.00 14.09 ?  171 CYS A CA  1 
ATOM   427 C  C   . CYS B 2 52 ? -3.848  -4.173  1.100   1.00 12.88 ?  171 CYS A C   1 
ATOM   428 O  O   . CYS B 2 52 ? -4.325  -5.168  1.659   1.00 17.28 ?  171 CYS A O   1 
ATOM   429 C  CB  . CYS B 2 52 ? -5.272  -2.164  1.574   1.00 12.83 ?  171 CYS A CB  1 
ATOM   430 S  SG  . CYS B 2 52 ? -3.981  -1.251  2.405   1.00 11.95 ?  171 CYS A SG  1 
ATOM   431 N  N   . ASP B 2 53 ? -2.532  -3.951  1.005   1.00 12.31 ?  172 ASP A N   1 
ATOM   432 C  CA  . ASP B 2 53 ? -1.557  -4.879  1.561   1.00 13.10 ?  172 ASP A CA  1 
ATOM   433 C  C   . ASP B 2 53 ? -1.055  -4.468  2.942   1.00 15.46 ?  172 ASP A C   1 
ATOM   434 O  O   . ASP B 2 53 ? -0.198  -5.161  3.508   1.00 13.96 ?  172 ASP A O   1 
ATOM   435 C  CB  . ASP B 2 53 ? -0.369  -5.011  0.603   1.00 14.26 ?  172 ASP A CB  1 
ATOM   436 C  CG  . ASP B 2 53 ? -0.743  -5.701  -0.693  1.00 13.47 ?  172 ASP A CG  1 
ATOM   437 O  OD1 . ASP B 2 53 ? -1.574  -6.638  -0.667  1.00 14.19 ?  172 ASP A OD1 1 
ATOM   438 O  OD2 . ASP B 2 53 ? -0.232  -5.275  -1.745  1.00 14.68 -1 172 ASP A OD2 1 
ATOM   439 N  N   . CYS B 2 54 ? -1.574  -3.380  3.507   1.00 12.51 ?  173 CYS A N   1 
ATOM   440 C  CA  . CYS B 2 54 ? -1.048  -2.873  4.767   1.00 10.17 ?  173 CYS A CA  1 
ATOM   441 C  C   . CYS B 2 54 ? -1.345  -3.859  5.888   1.00 10.46 ?  173 CYS A C   1 
ATOM   442 O  O   . CYS B 2 54 ? -2.502  -4.250  6.098   1.00 13.05 ?  173 CYS A O   1 
ATOM   443 C  CB  . CYS B 2 54 ? -1.651  -1.513  5.092   1.00 11.01 ?  173 CYS A CB  1 
ATOM   444 S  SG  . CYS B 2 54 ? -1.024  -0.799  6.589   1.00 13.86 ?  173 CYS A SG  1 
ATOM   445 N  N   . GLY B 2 55 ? -0.295  -4.245  6.613   1.00 13.59 ?  174 GLY A N   1 
ATOM   446 C  CA  . GLY B 2 55 ? -0.376  -5.231  7.669   1.00 14.78 ?  174 GLY A CA  1 
ATOM   447 C  C   . GLY B 2 55 ? 0.054   -6.629  7.270   1.00 13.17 ?  174 GLY A C   1 
ATOM   448 O  O   . GLY B 2 55 ? 0.255   -7.475  8.154   1.00 16.56 ?  174 GLY A O   1 
ATOM   449 N  N   . ASP B 2 56 ? 0.214   -6.895  5.980   1.00 12.39 ?  175 ASP A N   1 
ATOM   450 C  CA  . ASP B 2 56 ? 0.546   -8.222  5.480   1.00 15.08 ?  175 ASP A CA  1 
ATOM   451 C  C   . ASP B 2 56 ? 2.052   -8.314  5.279   1.00 14.93 ?  175 ASP A C   1 
ATOM   452 O  O   . ASP B 2 56 ? 2.595   -7.726  4.338   1.00 13.88 ?  175 ASP A O   1 
ATOM   453 C  CB  . ASP B 2 56 ? -0.166  -8.505  4.161   1.00 18.56 ?  175 ASP A CB  1 
ATOM   454 C  CG  . ASP B 2 56 ? 0.151   -9.890  3.623   1.00 21.11 ?  175 ASP A CG  1 
ATOM   455 O  OD1 . ASP B 2 56 ? 0.825   -10.656 4.339   1.00 18.10 -1 175 ASP A OD1 1 
ATOM   456 O  OD2 . ASP B 2 56 ? -0.218  -10.194 2.474   1.00 25.28 ?  175 ASP A OD2 1 
ATOM   457 N  N   . THR B 2 57 ? 2.723   -9.082  6.131   1.00 16.22 ?  176 THR A N   1 
ATOM   458 C  CA  . THR B 2 57 ? 4.173   -9.228  6.023   1.00 17.15 ?  176 THR A CA  1 
ATOM   459 C  C   . THR B 2 57 ? 4.613   -9.942  4.745   1.00 19.10 ?  176 THR A C   1 
ATOM   460 O  O   . THR B 2 57 ? 5.764   -9.769  4.323   1.00 18.48 ?  176 THR A O   1 
ATOM   461 C  CB  . THR B 2 57 ? 4.717   -9.980  7.238   1.00 19.93 ?  176 THR A CB  1 
ATOM   462 O  OG1 . THR B 2 57 ? 4.085   -11.263 7.318   1.00 21.83 ?  176 THR A OG1 1 
ATOM   463 C  CG2 . THR B 2 57 ? 4.452   -9.198  8.525   1.00 23.54 ?  176 THR A CG2 1 
ATOM   464 N  N   . THR B 2 58 ? 3.743   -10.742 4.122   1.00 17.19 ?  177 THR A N   1 
ATOM   465 C  CA  . THR B 2 58 ? 4.128   -11.386 2.871   1.00 17.65 ?  177 THR A CA  1 
ATOM   466 C  C   . THR B 2 58 ? 4.209   -10.398 1.715   1.00 16.16 ?  177 THR A C   1 
ATOM   467 O  O   . THR B 2 58 ? 4.887   -10.685 0.723   1.00 18.71 ?  177 THR A O   1 
ATOM   468 C  CB  . THR B 2 58 ? 3.143   -12.512 2.513   1.00 18.96 ?  177 THR A CB  1 
ATOM   469 O  OG1 . THR B 2 58 ? 1.959   -11.959 1.913   1.00 22.05 ?  177 THR A OG1 1 
ATOM   470 C  CG2 . THR B 2 58 ? 2.774   -13.333 3.752   1.00 23.40 ?  177 THR A CG2 1 
ATOM   471 N  N   . ALA B 2 59 ? 3.553   -9.237  1.825   1.00 14.84 ?  178 ALA A N   1 
ATOM   472 C  CA  . ALA B 2 59 ? 3.483   -8.280  0.730   1.00 14.57 ?  178 ALA A CA  1 
ATOM   473 C  C   . ALA B 2 59 ? 4.166   -6.956  1.006   1.00 15.97 ?  178 ALA A C   1 
ATOM   474 O  O   . ALA B 2 59 ? 4.492   -6.244  0.046   1.00 14.76 ?  178 ALA A O   1 
ATOM   475 C  CB  . ALA B 2 59 ? 2.020   -7.982  0.364   1.00 15.44 ?  178 ALA A CB  1 
ATOM   476 N  N   . TRP B 2 60 ? 4.395   -6.603  2.268   1.00 15.00 ?  179 TRP A N   1 
ATOM   477 C  CA  . TRP B 2 60 ? 4.774   -5.244  2.613   1.00 13.44 ?  179 TRP A CA  1 
ATOM   478 C  C   . TRP B 2 60 ? 5.705   -5.268  3.823   1.00 13.04 ?  179 TRP A C   1 
ATOM   479 O  O   . TRP B 2 60 ? 5.472   -6.017  4.776   1.00 13.49 ?  179 TRP A O   1 
ATOM   480 C  CB  . TRP B 2 60 ? 3.506   -4.433  2.906   1.00 13.66 ?  179 TRP A CB  1 
ATOM   481 C  CG  . TRP B 2 60 ? 3.597   -2.937  2.742   1.00 11.34 ?  179 TRP A CG  1 
ATOM   482 C  CD1 . TRP B 2 60 ? 3.754   -2.023  3.740   1.00 12.20 ?  179 TRP A CD1 1 
ATOM   483 C  CD2 . TRP B 2 60 ? 3.467   -2.183  1.519   1.00 13.54 ?  179 TRP A CD2 1 
ATOM   484 N  NE1 . TRP B 2 60 ? 3.760   -0.745  3.213   1.00 13.43 ?  179 TRP A NE1 1 
ATOM   485 C  CE2 . TRP B 2 60 ? 3.583   -0.820  1.854   1.00 11.46 ?  179 TRP A CE2 1 
ATOM   486 C  CE3 . TRP B 2 60 ? 3.284   -2.538  0.176   1.00 12.63 ?  179 TRP A CE3 1 
ATOM   487 C  CZ2 . TRP B 2 60 ? 3.504   0.198   0.895   1.00 11.36 ?  179 TRP A CZ2 1 
ATOM   488 C  CZ3 . TRP B 2 60 ? 3.209   -1.531  -0.774  1.00 11.50 ?  179 TRP A CZ3 1 
ATOM   489 C  CH2 . TRP B 2 60 ? 3.320   -0.181  -0.411  1.00 10.90 ?  179 TRP A CH2 1 
ATOM   490 N  N   . LYS B 2 61 ? 6.752   -4.451  3.786   1.00 13.96 ?  180 LYS A N   1 
ATOM   491 C  CA  . LYS B 2 61 ? 7.676   -4.387  4.911   1.00 15.08 ?  180 LYS A CA  1 
ATOM   492 C  C   . LYS B 2 61 ? 7.001   -3.818  6.156   1.00 16.87 ?  180 LYS A C   1 
ATOM   493 O  O   . LYS B 2 61 ? 6.186   -2.897  6.076   1.00 16.52 ?  180 LYS A O   1 
ATOM   494 C  CB  . LYS B 2 61 ? 8.905   -3.571  4.522   1.00 17.98 ?  180 LYS A CB  1 
ATOM   495 C  CG  . LYS B 2 61 ? 9.714   -4.259  3.444   1.00 18.23 ?  180 LYS A CG  1 
ATOM   496 C  CD  . LYS B 2 61 ? 10.961  -3.496  3.068   1.00 17.91 ?  180 LYS A CD  1 
ATOM   497 C  CE  . LYS B 2 61 ? 11.467  -3.973  1.721   1.00 19.61 ?  180 LYS A CE  1 
ATOM   498 N  NZ  . LYS B 2 61 ? 12.445  -3.024  1.097   1.00 23.24 ?  180 LYS A NZ  1 
ATOM   499 N  N   . ARG B 2 62 ? 7.336   -4.392  7.319   1.00 16.59 ?  181 ARG A N   1 
ATOM   500 C  CA  . ARG B 2 62 ? 6.648   -4.023  8.555   1.00 17.00 ?  181 ARG A CA  1 
ATOM   501 C  C   . ARG B 2 62 ? 6.829   -2.547  8.876   1.00 16.30 ?  181 ARG A C   1 
ATOM   502 O  O   . ARG B 2 62 ? 5.910   -1.898  9.389   1.00 17.19 ?  181 ARG A O   1 
ATOM   503 C  CB  . ARG B 2 62 ? 7.142   -4.895  9.713   1.00 19.59 ?  181 ARG A CB  1 
ATOM   504 C  CG  . ARG B 2 62 ? 7.252   -6.366  9.357   1.00 28.58 ?  181 ARG A CG  1 
ATOM   505 C  CD  . ARG B 2 62 ? 7.197   -7.269  10.583  1.00 32.12 ?  181 ARG A CD  1 
ATOM   506 N  NE  . ARG B 2 62 ? 7.425   -8.667  10.228  1.00 29.35 ?  181 ARG A NE  1 
ATOM   507 C  CZ  . ARG B 2 62 ? 7.513   -9.658  11.106  1.00 38.98 ?  181 ARG A CZ  1 
ATOM   508 N  NH1 . ARG B 2 62 ? 7.444   -9.435  12.409  1.00 46.98 ?  181 ARG A NH1 1 
ATOM   509 N  NH2 . ARG B 2 62 ? 7.652   -10.907 10.664  1.00 33.06 ?  181 ARG A NH2 1 
ATOM   510 N  N   . GLU B 2 63 ? 8.005   -1.998  8.582   1.00 18.58 ?  182 GLU A N   1 
ATOM   511 C  CA  . GLU B 2 63 ? 8.239   -0.578  8.811   1.00 17.47 ?  182 GLU A CA  1 
ATOM   512 C  C   . GLU B 2 63 ? 7.302   0.301   7.994   1.00 17.67 ?  182 GLU A C   1 
ATOM   513 O  O   . GLU B 2 63 ? 7.117   1.472   8.343   1.00 18.39 ?  182 GLU A O   1 
ATOM   514 C  CB  . GLU B 2 63 ? 9.710   -0.218  8.527   1.00 19.58 ?  182 GLU A CB  1 
ATOM   515 C  CG  . GLU B 2 63 ? 10.729  -1.324  8.897   1.00 31.27 ?  182 GLU A CG  1 
ATOM   516 C  CD  . GLU B 2 63 ? 10.639  -2.580  8.030   1.00 27.16 ?  182 GLU A CD  1 
ATOM   517 O  OE1 . GLU B 2 63 ? 10.678  -3.688  8.597   1.00 46.22 ?  182 GLU A OE1 1 
ATOM   518 O  OE2 . GLU B 2 63 ? 10.508  -2.461  6.793   1.00 45.32 -1 182 GLU A OE2 1 
ATOM   519 N  N   . GLY B 2 64 ? 6.708   -0.232  6.925   1.00 14.08 ?  183 GLY A N   1 
ATOM   520 C  CA  . GLY B 2 64 ? 5.754   0.477   6.101   1.00 12.52 ?  183 GLY A CA  1 
ATOM   521 C  C   . GLY B 2 64 ? 4.297   0.305   6.470   1.00 13.61 ?  183 GLY A C   1 
ATOM   522 O  O   . GLY B 2 64 ? 3.437   0.842   5.760   1.00 12.59 ?  183 GLY A O   1 
ATOM   523 N  N   . PHE B 2 65 ? 3.991   -0.414  7.553   1.00 14.74 ?  184 PHE A N   1 
ATOM   524 C  CA  . PHE B 2 65 ? 2.617   -0.525  8.032   1.00 12.35 ?  184 PHE A CA  1 
ATOM   525 C  C   . PHE B 2 65 ? 2.159   0.799   8.630   1.00 13.15 ?  184 PHE A C   1 
ATOM   526 O  O   . PHE B 2 65 ? 2.926   1.492   9.309   1.00 15.19 ?  184 PHE A O   1 
ATOM   527 C  CB  . PHE B 2 65 ? 2.494   -1.608  9.102   1.00 11.89 ?  184 PHE A CB  1 
ATOM   528 C  CG  . PHE B 2 65 ? 2.755   -3.008  8.618   1.00 13.73 ?  184 PHE A CG  1 
ATOM   529 C  CD1 . PHE B 2 65 ? 2.879   -3.307  7.268   1.00 15.40 ?  184 PHE A CD1 1 
ATOM   530 C  CD2 . PHE B 2 65 ? 2.839   -4.052  9.540   1.00 15.74 ?  184 PHE A CD2 1 
ATOM   531 C  CE1 . PHE B 2 65 ? 3.105   -4.611  6.852   1.00 16.94 ?  184 PHE A CE1 1 
ATOM   532 C  CE2 . PHE B 2 65 ? 3.065   -5.357  9.133   1.00 16.70 ?  184 PHE A CE2 1 
ATOM   533 C  CZ  . PHE B 2 65 ? 3.198   -5.643  7.790   1.00 16.32 ?  184 PHE A CZ  1 
ATOM   534 N  N   . CYS B 2 66 ? 0.894   1.141   8.402   1.00 13.77 ?  185 CYS A N   1 
ATOM   535 C  CA  . CYS B 2 66 ? 0.370   2.322   9.063   1.00 14.40 ?  185 CYS A CA  1 
ATOM   536 C  C   . CYS B 2 66 ? 0.163   2.034   10.550  1.00 14.74 ?  185 CYS A C   1 
ATOM   537 O  O   . CYS B 2 66 ? 0.321   0.906   11.023  1.00 16.98 ?  185 CYS A O   1 
ATOM   538 C  CB  . CYS B 2 66 ? -0.926  2.787   8.392   1.00 11.47 ?  185 CYS A CB  1 
ATOM   539 S  SG  . CYS B 2 66 ? -2.429  1.929   8.936   1.00 13.48 ?  185 CYS A SG  1 
ATOM   540 N  N   . SER B 2 67 ? -0.183  3.082   11.295  1.00 15.05 ?  186 SER A N   1 
ATOM   541 C  CA  . SER B 2 67 ? -0.346  2.951   12.739  1.00 15.78 ?  186 SER A CA  1 
ATOM   542 C  C   . SER B 2 67 ? -1.490  2.026   13.128  1.00 21.39 ?  186 SER A C   1 
ATOM   543 O  O   . SER B 2 67 ? -1.509  1.542   14.265  1.00 21.87 ?  186 SER A O   1 
ATOM   544 C  CB  . SER B 2 67 ? -0.577  4.330   13.342  1.00 21.73 ?  186 SER A CB  1 
ATOM   545 O  OG  . SER B 2 67 ? -1.657  4.965   12.677  1.00 24.56 ?  186 SER A OG  1 
ATOM   546 N  N   . ARG B 2 68 ? -2.433  1.770   12.221  1.00 17.71 ?  187 ARG A N   1 
ATOM   547 C  CA  . ARG B 2 68 ? -3.654  1.044   12.554  1.00 16.15 ?  187 ARG A CA  1 
ATOM   548 C  C   . ARG B 2 68 ? -3.609  -0.426  12.172  1.00 16.57 ?  187 ARG A C   1 
ATOM   549 O  O   . ARG B 2 68 ? -4.462  -1.198  12.619  1.00 19.27 ?  187 ARG A O   1 
ATOM   550 C  CB  . ARG B 2 68 ? -4.861  1.718   11.889  1.00 15.18 ?  187 ARG A CB  1 
ATOM   551 C  CG  . ARG B 2 68 ? -5.104  3.116   12.411  1.00 21.91 ?  187 ARG A CG  1 
ATOM   552 C  CD  . ARG B 2 68 ? -6.308  3.804   11.781  1.00 18.72 ?  187 ARG A CD  1 
ATOM   553 N  NE  . ARG B 2 68 ? -7.545  3.072   12.017  1.00 19.17 ?  187 ARG A NE  1 
ATOM   554 C  CZ  . ARG B 2 68 ? -8.132  2.285   11.128  1.00 17.13 ?  187 ARG A CZ  1 
ATOM   555 N  NH1 . ARG B 2 68 ? -7.670  2.178   9.891   1.00 19.17 ?  187 ARG A NH1 1 
ATOM   556 N  NH2 . ARG B 2 68 ? -9.217  1.596   11.482  1.00 16.18 ?  187 ARG A NH2 1 
ATOM   557 N  N   . HIS B 2 69 ? -2.638  -0.835  11.367  1.00 17.52 ?  188 HIS A N   1 
ATOM   558 C  CA  . HIS B 2 69 ? -2.413  -2.237  11.064  1.00 16.89 ?  188 HIS A CA  1 
ATOM   559 C  C   . HIS B 2 69 ? -0.959  -2.583  11.374  1.00 28.37 ?  188 HIS A C   1 
ATOM   560 O  O   . HIS B 2 69 ? -0.298  -3.309  10.632  1.00 32.85 ?  188 HIS A O   1 
ATOM   561 C  CB  . HIS B 2 69 ? -2.792  -2.544  9.612   1.00 16.36 ?  188 HIS A CB  1 
ATOM   562 C  CG  . HIS B 2 69 ? -4.129  -1.986  9.201   1.00 14.92 ?  188 HIS A CG  1 
ATOM   563 N  ND1 . HIS B 2 69 ? -4.264  -0.858  8.418   1.00 11.91 ?  188 HIS A ND1 1 
ATOM   564 C  CD2 . HIS B 2 69 ? -5.389  -2.388  9.494   1.00 16.21 ?  188 HIS A CD2 1 
ATOM   565 C  CE1 . HIS B 2 69 ? -5.547  -0.593  8.241   1.00 12.49 ?  188 HIS A CE1 1 
ATOM   566 N  NE2 . HIS B 2 69 ? -6.253  -1.508  8.887   1.00 14.46 ?  188 HIS A NE2 1 
ATOM   567 N  N   . LYS B 2 70 ? -0.435  -2.021  12.473  1.00 34.43 ?  189 LYS A N   1 
ATOM   568 C  CA  . LYS B 2 70 ? 0.922   -2.310  12.956  1.00 34.37 ?  189 LYS A CA  1 
ATOM   569 C  C   . LYS B 2 70 ? 0.860   -3.304  14.099  1.00 32.98 ?  189 LYS A C   1 
ATOM   570 O  O   . LYS B 2 70 ? 0.112   -4.275  14.037  1.00 40.65 ?  189 LYS A O   1 
ATOM   571 C  CB  . LYS B 2 70 ? 1.649   -1.040  13.422  1.00 31.99 ?  189 LYS A CB  1 
ATOM   572 C  CG  . LYS B 2 70 ? 2.618   -0.467  12.393  1.00 30.05 ?  189 LYS A CG  1 
ATOM   573 C  CD  . LYS B 2 70 ? 3.858   0.179   12.989  1.00 42.80 ?  189 LYS A CD  1 
ATOM   574 C  CE  . LYS B 2 70 ? 5.102   -0.671  12.711  1.00 39.63 ?  189 LYS A CE  1 
ATOM   575 N  NZ  . LYS B 2 70 ? 6.364   0.019   13.126  1.00 49.00 ?  189 LYS A NZ  1 
HETATM 576 ZN ZN  . ZN  C 3 .  ? -2.905  0.285   7.376   1.00 13.45 ?  201 ZN  A ZN  1 
HETATM 577 ZN ZN  . ZN  D 3 .  ? -5.324  0.077   3.743   1.00 12.62 ?  202 ZN  A ZN  1 
HETATM 578 ZN ZN  . ZN  E 3 .  ? 7.336   2.960   1.953   1.00 12.83 ?  203 ZN  A ZN  1 
HETATM 579 O  O   . HOH F 4 .  ? -1.643  -5.357  -10.891 1.00 32.73 ?  101 HOH X O   1 
HETATM 580 O  O   . HOH F 4 .  ? -5.431  -6.739  -14.015 1.00 36.54 ?  102 HOH X O   1 
HETATM 581 O  O   . HOH F 4 .  ? -4.615  -8.777  -3.376  1.00 21.54 ?  103 HOH X O   1 
HETATM 582 O  O   . HOH F 4 .  ? 4.054   -13.423 -0.974  1.00 38.21 ?  104 HOH X O   1 
HETATM 583 O  O   . HOH F 4 .  ? -1.913  -8.469  -10.674 1.00 40.38 ?  105 HOH X O   1 
HETATM 584 O  O   . HOH F 4 .  ? -4.821  -9.121  -5.915  1.00 39.92 ?  106 HOH X O   1 
HETATM 585 O  O   . HOH G 4 .  ? -10.796 -0.091  -17.707 1.00 12.86 ?  301 HOH A O   1 
HETATM 586 O  O   . HOH G 4 .  ? 11.934  7.666   6.435   1.00 38.75 ?  302 HOH A O   1 
HETATM 587 O  O   . HOH G 4 .  ? 16.242  13.522  3.540   1.00 26.48 ?  303 HOH A O   1 
HETATM 588 O  O   . HOH G 4 .  ? 7.456   -8.049  5.241   1.00 19.69 ?  304 HOH A O   1 
HETATM 589 O  O   . HOH G 4 .  ? 11.172  3.699   -9.047  1.00 27.91 ?  305 HOH A O   1 
HETATM 590 O  O   . HOH G 4 .  ? 13.112  -1.479  -2.601  1.00 19.64 ?  306 HOH A O   1 
HETATM 591 O  O   . HOH G 4 .  ? 8.035   9.708   -3.974  1.00 23.26 ?  307 HOH A O   1 
HETATM 592 O  O   . HOH G 4 .  ? 4.973   -10.092 -2.627  1.00 24.72 ?  308 HOH A O   1 
HETATM 593 O  O   . HOH G 4 .  ? 1.452   11.925  -1.612  1.00 26.66 ?  309 HOH A O   1 
HETATM 594 O  O   . HOH G 4 .  ? -1.673  7.595   12.725  1.00 29.89 ?  310 HOH A O   1 
HETATM 595 O  O   . HOH G 4 .  ? -5.679  9.022   6.645   1.00 18.30 ?  311 HOH A O   1 
HETATM 596 O  O   . HOH G 4 .  ? -11.795 7.724   -6.354  1.00 23.02 ?  312 HOH A O   1 
HETATM 597 O  O   . HOH G 4 .  ? 9.471   8.383   -5.881  1.00 19.47 ?  313 HOH A O   1 
HETATM 598 O  O   . HOH G 4 .  ? 8.861   -2.310  -8.586  1.00 27.84 ?  314 HOH A O   1 
HETATM 599 O  O   . HOH G 4 .  ? 1.705   3.027   5.640   1.00 12.53 ?  315 HOH A O   1 
HETATM 600 O  O   . HOH G 4 .  ? 9.476   -5.451  -5.935  1.00 22.62 ?  316 HOH A O   1 
HETATM 601 O  O   . HOH G 4 .  ? -1.224  -12.513 3.431   1.00 28.92 ?  317 HOH A O   1 
HETATM 602 O  O   . HOH G 4 .  ? 9.072   3.610   7.621   1.00 28.02 ?  318 HOH A O   1 
HETATM 603 O  O   . HOH G 4 .  ? 4.872   3.148   8.391   1.00 16.72 ?  319 HOH A O   1 
HETATM 604 O  O   . HOH G 4 .  ? -9.582  2.854   2.528   1.00 31.08 ?  320 HOH A O   1 
HETATM 605 O  O   . HOH G 4 .  ? 0.143   -12.844 0.069   1.00 21.16 ?  321 HOH A O   1 
HETATM 606 O  O   . HOH G 4 .  ? -14.228 2.542   -4.302  1.00 27.27 ?  322 HOH A O   1 
HETATM 607 O  O   . HOH G 4 .  ? 0.889   -10.141 8.291   1.00 22.47 ?  323 HOH A O   1 
HETATM 608 O  O   . HOH G 4 .  ? 5.988   10.140  9.309   1.00 26.67 ?  324 HOH A O   1 
HETATM 609 O  O   . HOH G 4 .  ? 5.605   -13.225 6.143   1.00 19.72 ?  325 HOH A O   1 
HETATM 610 O  O   . HOH G 4 .  ? 2.427   9.315   4.844   1.00 17.01 ?  326 HOH A O   1 
HETATM 611 O  O   . HOH G 4 .  ? 6.638   6.758   -10.274 1.00 33.74 ?  327 HOH A O   1 
HETATM 612 O  O   . HOH G 4 .  ? -4.319  10.687  8.280   1.00 32.63 ?  328 HOH A O   1 
HETATM 613 O  O   . HOH G 4 .  ? 4.169   -0.883  -4.172  1.00 13.08 ?  329 HOH A O   1 
HETATM 614 O  O   . HOH G 4 .  ? 9.918   10.506  -1.072  1.00 16.63 ?  330 HOH A O   1 
HETATM 615 O  O   . HOH G 4 .  ? 7.773   -7.105  13.872  1.00 37.91 ?  331 HOH A O   1 
HETATM 616 O  O   . HOH G 4 .  ? -10.838 -4.298  -6.626  1.00 35.57 ?  332 HOH A O   1 
HETATM 617 O  O   . HOH G 4 .  ? -6.841  3.985   -1.824  1.00 17.36 ?  333 HOH A O   1 
HETATM 618 O  O   . HOH G 4 .  ? -6.865  -2.545  13.144  1.00 27.56 ?  334 HOH A O   1 
HETATM 619 O  O   . HOH G 4 .  ? 12.301  4.603   6.307   1.00 42.20 ?  335 HOH A O   1 
HETATM 620 O  O   . HOH G 4 .  ? 10.033  -6.151  7.406   1.00 26.50 ?  336 HOH A O   1 
HETATM 621 O  O   . HOH G 4 .  ? 9.369   6.704   -8.794  1.00 33.96 ?  337 HOH A O   1 
HETATM 622 O  O   . HOH G 4 .  ? -8.768  6.274   -3.417  1.00 26.15 ?  338 HOH A O   1 
HETATM 623 O  O   . HOH G 4 .  ? -2.572  11.443  0.131   1.00 24.60 ?  339 HOH A O   1 
HETATM 624 O  O   . HOH G 4 .  ? -6.727  1.950   -9.308  1.00 11.09 ?  340 HOH A O   1 
HETATM 625 O  O   . HOH G 4 .  ? -0.021  0.852   -11.188 1.00 21.84 ?  341 HOH A O   1 
HETATM 626 O  O   . HOH G 4 .  ? -3.765  -4.348  -11.857 1.00 33.49 ?  342 HOH A O   1 
HETATM 627 O  O   . HOH G 4 .  ? 3.512   -2.009  -10.911 1.00 31.01 ?  343 HOH A O   1 
HETATM 628 O  O   . HOH G 4 .  ? 11.309  -7.992  -1.372  1.00 26.91 ?  344 HOH A O   1 
HETATM 629 O  O   . HOH G 4 .  ? 16.107  13.134  -0.130  1.00 19.97 ?  345 HOH A O   1 
HETATM 630 O  O   . HOH G 4 .  ? -0.588  -9.552  -8.086  1.00 32.14 ?  346 HOH A O   1 
HETATM 631 O  O   . HOH G 4 .  ? 11.816  -4.150  -1.558  1.00 33.35 ?  347 HOH A O   1 
HETATM 632 O  O   . HOH G 4 .  ? 2.670   7.027   11.525  1.00 28.66 ?  348 HOH A O   1 
HETATM 633 O  O   . HOH G 4 .  ? 9.141   7.940   7.281   1.00 26.35 ?  349 HOH A O   1 
HETATM 634 O  O   . HOH G 4 .  ? -9.645  9.388   -8.946  1.00 21.65 ?  350 HOH A O   1 
HETATM 635 O  O   . HOH G 4 .  ? -7.261  12.223  1.960   1.00 25.71 ?  351 HOH A O   1 
HETATM 636 O  O   . HOH G 4 .  ? -7.609  4.450   -14.005 1.00 29.01 ?  352 HOH A O   1 
HETATM 637 O  O   . HOH G 4 .  ? -12.940 -0.508  1.195   1.00 27.49 ?  353 HOH A O   1 
HETATM 638 O  O   . HOH G 4 .  ? 5.175   9.588   4.716   1.00 19.74 ?  354 HOH A O   1 
HETATM 639 O  O   . HOH G 4 .  ? 9.255   11.994  1.476   1.00 21.02 ?  355 HOH A O   1 
HETATM 640 O  O   . HOH G 4 .  ? 3.223   13.277  -0.563  1.00 36.83 ?  356 HOH A O   1 
HETATM 641 O  O   . HOH G 4 .  ? -12.167 -2.046  -10.951 1.00 26.36 ?  357 HOH A O   1 
HETATM 642 O  O   . HOH G 4 .  ? -9.258  8.366   -5.524  1.00 22.46 ?  358 HOH A O   1 
HETATM 643 O  O   . HOH G 4 .  ? -13.578 2.691   -10.476 1.00 14.48 ?  359 HOH A O   1 
HETATM 644 O  O   . HOH G 4 .  ? -5.201  3.800   8.674   1.00 19.87 ?  360 HOH A O   1 
HETATM 645 O  O   . HOH G 4 .  ? -9.320  -4.946  8.105   1.00 31.24 ?  361 HOH A O   1 
HETATM 646 O  O   . HOH G 4 .  ? 11.272  2.508   6.484   1.00 33.34 ?  362 HOH A O   1 
HETATM 647 O  O   . HOH G 4 .  ? -13.098 5.079   -16.997 1.00 32.26 ?  363 HOH A O   1 
HETATM 648 O  O   . HOH G 4 .  ? 1.366   11.955  6.643   1.00 31.43 ?  364 HOH A O   1 
HETATM 649 O  O   . HOH G 4 .  ? -8.597  1.038   -17.819 1.00 21.86 ?  365 HOH A O   1 
HETATM 650 O  O   . HOH G 4 .  ? 5.713   11.443  2.927   1.00 33.06 ?  366 HOH A O   1 
HETATM 651 O  O   . HOH G 4 .  ? 6.097   16.624  9.853   1.00 31.12 ?  367 HOH A O   1 
HETATM 652 O  O   . HOH G 4 .  ? 2.786   0.408   -11.650 1.00 34.11 ?  368 HOH A O   1 
HETATM 653 O  O   . HOH G 4 .  ? 10.436  0.085   4.587   1.00 26.11 ?  369 HOH A O   1 
HETATM 654 O  O   . HOH G 4 .  ? -3.543  -2.455  -13.834 1.00 32.50 ?  370 HOH A O   1 
HETATM 655 O  O   . HOH G 4 .  ? -6.718  2.921   6.633   1.00 17.94 ?  371 HOH A O   1 
HETATM 656 O  O   . HOH G 4 .  ? -2.769  13.112  4.985   1.00 35.27 ?  372 HOH A O   1 
HETATM 657 O  O   . HOH G 4 .  ? -8.168  -6.164  14.136  1.00 25.59 ?  373 HOH A O   1 
HETATM 658 O  O   . HOH G 4 .  ? 11.133  -5.703  -4.037  1.00 33.86 ?  374 HOH A O   1 
HETATM 659 O  O   . HOH G 4 .  ? -4.758  14.867  1.559   1.00 35.62 ?  375 HOH A O   1 
HETATM 660 O  O   . HOH G 4 .  ? 2.796   -11.821 -6.880  1.00 35.55 ?  376 HOH A O   1 
HETATM 661 O  O   . HOH G 4 .  ? -9.080  5.009   -0.742  1.00 30.25 ?  377 HOH A O   1 
HETATM 662 O  O   . HOH G 4 .  ? -4.467  12.456  -1.768  1.00 37.49 ?  378 HOH A O   1 
HETATM 663 O  O   . HOH G 4 .  ? -6.466  -4.062  15.405  1.00 30.23 ?  379 HOH A O   1 
# 
